data_6NIP
#
_entry.id   6NIP
#
_cell.length_a   417.330
_cell.length_b   69.300
_cell.length_c   212.580
_cell.angle_alpha   90.000
_cell.angle_beta   112.960
_cell.angle_gamma   90.000
#
_symmetry.space_group_name_H-M   'C 1 2 1'
#
loop_
_entity.id
_entity.type
_entity.pdbx_description
1 polymer 'MZ1 Heavy chain'
2 polymer 'MZ1 Light Chain'
3 polymer 'Envelope protein E'
#
loop_
_entity_poly.entity_id
_entity_poly.type
_entity_poly.pdbx_seq_one_letter_code
_entity_poly.pdbx_strand_id
1 'polypeptide(L)'
;QVQLQESGPGLVKSSETLSLSCTVSGASISNFYWSWVRQPPGKGLEWMGSIYYTGTITYNPSLKSRLTMSVDTSKNQFSL
KLNSVTAADTAVYSCAGLDRFNWNDEGDCWGQGTLVTVFSASTKGPSVFPLAPSSKSTSGGTAALGCLVKDYFPEPVTVS
WNSGALTSGVHTFPAVLQSSGLYSLSSVVTVPSSSLGTQTYICNVNHKPSNTKVDKKVEPKSCDK
;
A,H
2 'polypeptide(L)'
;QSVLTQPPSASGTPGQRVTISCSGSRSNLGRNTVNWYQQLPGVAPKLLIYSNNRRPSGVPDRFSGSKSDTSASLAISGLQ
SEDEADYFCAAWDDSLNGLYVFGTGTKVTVLGQPKAAPSVTLFPPSSEELQANKATLVCLISDFYPGAVTVAWKADSSPV
KAGVETTTPSKQSNNKYAASSYLSLTPEQWKSHRSYSCQVTHEGSTVEKTVAPTEC
;
B,L
3 'polypeptide(L)'
;IRCIGVSNRDFVEGMSGGTWVDVVLEHGGCVTVMAQDKPTVDIELVTTTVSNMAEVRSYCYEASISDMASDSRCPTQGEA
YLDKQSDTQYVCKRTLVDRGWGNGCGLFGKGSLVTCAKFACSKKMTGKSIQPENLEYRIMLSVHGSQHSGMIVNDTGHET
DENRAKVEITPNSPRAEATLGGFGSLGLDCEPRTGLDFSDLYYLTMNNKHWLVHKEWFHDIPLPWHAGADTGTPHWNNKE
ALVEFKDAHAKRQTVVVLGSQEGAVHTALAGALEAEMDGAKGRLSSGHLKCRLKMDKLRLKGVSYSLCTAAFTFTKIPAE
TLHGTVTVEVQYAGTDGPCKVPAQMAVDMQTLTPVGRLITANPVITESTENSKMMLELDPPFGDSYIVIGVGEKKITHHW
HRSGSGPLEVLFQGPGSAWSHPQFEKGGGSGGGSGGGSAWSHPQFEK
;
Z,E
#
# COMPACT_ATOMS: atom_id res chain seq x y z
N GLN A 1 15.52 -39.38 -70.25
CA GLN A 1 15.10 -37.99 -70.06
C GLN A 1 16.30 -37.09 -69.80
N VAL A 2 16.94 -37.29 -68.66
CA VAL A 2 18.08 -36.49 -68.22
C VAL A 2 19.37 -37.08 -68.79
N GLN A 3 20.26 -36.20 -69.26
CA GLN A 3 21.58 -36.62 -69.72
C GLN A 3 22.62 -35.60 -69.26
N LEU A 4 23.76 -36.10 -68.82
CA LEU A 4 24.90 -35.29 -68.39
C LEU A 4 26.04 -35.50 -69.36
N GLN A 5 26.81 -34.43 -69.63
CA GLN A 5 27.88 -34.48 -70.62
C GLN A 5 29.15 -33.92 -70.01
N GLU A 6 30.19 -34.75 -70.00
CA GLU A 6 31.52 -34.32 -69.57
C GLU A 6 32.21 -33.58 -70.71
N SER A 7 33.13 -32.69 -70.36
CA SER A 7 33.90 -31.97 -71.37
C SER A 7 35.17 -31.43 -70.71
N GLY A 8 36.31 -31.72 -71.32
CA GLY A 8 37.59 -31.28 -70.80
C GLY A 8 38.75 -31.90 -71.55
N PRO A 9 39.96 -31.46 -71.23
CA PRO A 9 41.14 -31.97 -71.94
C PRO A 9 41.32 -33.47 -71.71
N GLY A 10 41.50 -34.21 -72.80
CA GLY A 10 41.79 -35.63 -72.70
C GLY A 10 43.22 -35.93 -72.29
N LEU A 11 44.13 -34.99 -72.51
CA LEU A 11 45.53 -35.14 -72.17
C LEU A 11 46.01 -33.86 -71.49
N VAL A 12 46.70 -34.02 -70.37
CA VAL A 12 47.20 -32.89 -69.62
C VAL A 12 48.65 -33.16 -69.20
N LYS A 13 49.38 -32.07 -68.96
CA LYS A 13 50.76 -32.17 -68.52
C LYS A 13 50.84 -32.35 -67.01
N SER A 14 51.94 -32.94 -66.56
CA SER A 14 52.17 -33.12 -65.13
C SER A 14 52.42 -31.78 -64.47
N SER A 15 52.16 -31.74 -63.16
CA SER A 15 52.44 -30.59 -62.31
C SER A 15 51.64 -29.36 -62.75
N GLU A 16 50.78 -29.50 -63.75
CA GLU A 16 49.96 -28.41 -64.21
C GLU A 16 48.59 -28.49 -63.53
N THR A 17 47.66 -27.63 -63.97
CA THR A 17 46.34 -27.56 -63.39
C THR A 17 45.34 -28.27 -64.30
N LEU A 18 44.56 -29.18 -63.74
CA LEU A 18 43.57 -29.94 -64.48
C LEU A 18 42.17 -29.36 -64.26
N SER A 19 41.44 -29.12 -65.35
CA SER A 19 40.09 -28.59 -65.28
C SER A 19 39.16 -29.45 -66.13
N LEU A 20 37.99 -29.77 -65.56
CA LEU A 20 36.95 -30.53 -66.23
C LEU A 20 35.61 -29.86 -65.96
N SER A 21 34.73 -29.88 -66.96
CA SER A 21 33.42 -29.27 -66.83
C SER A 21 32.33 -30.29 -67.12
N CYS A 22 31.17 -30.07 -66.53
CA CYS A 22 30.03 -30.98 -66.69
C CYS A 22 28.77 -30.16 -66.90
N THR A 23 28.11 -30.36 -68.02
CA THR A 23 26.92 -29.60 -68.38
C THR A 23 25.69 -30.46 -68.15
N VAL A 24 24.66 -29.84 -67.55
CA VAL A 24 23.43 -30.55 -67.19
C VAL A 24 22.37 -30.21 -68.24
N SER A 25 21.73 -31.25 -68.76
CA SER A 25 20.72 -31.11 -69.80
C SER A 25 19.48 -31.89 -69.39
N GLY A 26 18.33 -31.22 -69.39
CA GLY A 26 17.06 -31.89 -69.16
C GLY A 26 16.64 -32.05 -67.72
N ALA A 27 17.22 -31.28 -66.81
CA ALA A 27 16.85 -31.35 -65.40
C ALA A 27 17.23 -30.02 -64.75
N SER A 28 16.56 -29.73 -63.64
CA SER A 28 16.88 -28.54 -62.87
C SER A 28 18.16 -28.79 -62.06
N ILE A 29 19.03 -27.78 -62.05
CA ILE A 29 20.34 -27.89 -61.40
C ILE A 29 20.24 -27.96 -59.88
N SER A 30 19.08 -27.66 -59.33
CA SER A 30 18.89 -27.60 -57.88
C SER A 30 18.29 -28.88 -57.31
N ASN A 31 18.26 -29.96 -58.10
CA ASN A 31 17.62 -31.19 -57.65
C ASN A 31 18.60 -32.31 -57.33
N PHE A 32 19.91 -32.06 -57.41
CA PHE A 32 20.87 -33.12 -57.16
C PHE A 32 22.12 -32.55 -56.51
N TYR A 33 22.80 -33.40 -55.73
CA TYR A 33 24.13 -33.11 -55.19
C TYR A 33 25.13 -33.52 -56.27
N TRP A 34 25.62 -32.55 -57.03
CA TRP A 34 26.46 -32.85 -58.18
C TRP A 34 27.87 -33.22 -57.72
N SER A 35 28.34 -34.38 -58.18
CA SER A 35 29.57 -34.98 -57.67
C SER A 35 30.48 -35.41 -58.82
N TRP A 36 31.74 -35.67 -58.48
CA TRP A 36 32.73 -36.17 -59.41
C TRP A 36 33.38 -37.43 -58.89
N VAL A 37 33.52 -38.43 -59.76
CA VAL A 37 34.15 -39.70 -59.44
C VAL A 37 35.17 -40.04 -60.51
N ARG A 38 36.17 -40.82 -60.13
CA ARG A 38 37.22 -41.23 -61.05
C ARG A 38 37.63 -42.67 -60.75
N GLN A 39 38.18 -43.34 -61.76
CA GLN A 39 38.63 -44.72 -61.62
C GLN A 39 40.00 -44.84 -62.25
N PRO A 40 41.06 -44.87 -61.45
CA PRO A 40 42.40 -45.13 -61.99
C PRO A 40 42.57 -46.58 -62.34
N PRO A 41 43.19 -46.88 -63.48
CA PRO A 41 43.36 -48.28 -63.90
C PRO A 41 44.23 -49.05 -62.92
N GLY A 42 43.72 -50.17 -62.45
CA GLY A 42 44.38 -50.97 -61.44
C GLY A 42 43.87 -50.74 -60.04
N LYS A 43 43.29 -49.57 -59.76
CA LYS A 43 42.69 -49.25 -58.48
C LYS A 43 41.16 -49.31 -58.59
N GLY A 44 40.50 -49.02 -57.46
CA GLY A 44 39.06 -49.07 -57.38
C GLY A 44 38.41 -47.72 -57.62
N LEU A 45 37.09 -47.69 -57.45
CA LEU A 45 36.35 -46.44 -57.60
C LEU A 45 36.65 -45.51 -56.44
N GLU A 46 36.71 -44.22 -56.74
CA GLU A 46 36.97 -43.17 -55.76
C GLU A 46 36.07 -41.98 -56.02
N TRP A 47 35.34 -41.55 -55.01
CA TRP A 47 34.52 -40.36 -55.13
C TRP A 47 35.35 -39.14 -54.77
N MET A 48 35.38 -38.15 -55.66
CA MET A 48 36.26 -37.00 -55.48
C MET A 48 35.61 -35.92 -54.63
N GLY A 49 34.45 -35.44 -55.04
CA GLY A 49 33.82 -34.37 -54.30
C GLY A 49 32.38 -34.21 -54.73
N SER A 50 31.64 -33.46 -53.91
CA SER A 50 30.24 -33.18 -54.17
C SER A 50 29.94 -31.72 -53.86
N ILE A 51 29.15 -31.10 -54.72
CA ILE A 51 28.78 -29.70 -54.57
C ILE A 51 27.31 -29.54 -54.93
N TYR A 52 26.66 -28.62 -54.23
CA TYR A 52 25.26 -28.28 -54.46
C TYR A 52 25.18 -26.90 -55.08
N TYR A 53 24.01 -26.59 -55.66
CA TYR A 53 23.85 -25.33 -56.39
C TYR A 53 23.98 -24.10 -55.49
N THR A 54 23.74 -24.25 -54.18
CA THR A 54 23.95 -23.11 -53.28
C THR A 54 25.43 -22.80 -53.07
N GLY A 55 26.31 -23.74 -53.40
CA GLY A 55 27.73 -23.60 -53.18
C GLY A 55 28.27 -24.44 -52.04
N THR A 56 27.40 -25.07 -51.25
CA THR A 56 27.84 -25.98 -50.22
C THR A 56 28.65 -27.13 -50.83
N ILE A 57 29.83 -27.36 -50.29
CA ILE A 57 30.78 -28.32 -50.83
C ILE A 57 31.17 -29.31 -49.76
N THR A 58 31.52 -30.52 -50.20
CA THR A 58 32.11 -31.53 -49.33
C THR A 58 33.00 -32.42 -50.19
N TYR A 59 34.27 -32.49 -49.84
CA TYR A 59 35.27 -33.15 -50.67
C TYR A 59 35.81 -34.39 -49.98
N ASN A 60 36.36 -35.29 -50.78
CA ASN A 60 37.08 -36.44 -50.24
C ASN A 60 38.25 -35.91 -49.41
N PRO A 61 38.38 -36.34 -48.15
CA PRO A 61 39.42 -35.75 -47.29
C PRO A 61 40.82 -35.86 -47.86
N SER A 62 41.15 -36.91 -48.59
CA SER A 62 42.48 -37.05 -49.14
C SER A 62 42.74 -36.14 -50.33
N LEU A 63 41.74 -35.38 -50.78
CA LEU A 63 41.87 -34.52 -51.94
C LEU A 63 41.59 -33.05 -51.63
N LYS A 64 41.23 -32.72 -50.38
CA LYS A 64 40.92 -31.34 -50.04
C LYS A 64 42.12 -30.43 -50.27
N SER A 65 43.32 -30.97 -50.15
CA SER A 65 44.52 -30.18 -50.35
C SER A 65 44.79 -29.84 -51.81
N ARG A 66 44.05 -30.43 -52.75
CA ARG A 66 44.34 -30.26 -54.17
C ARG A 66 43.13 -29.93 -55.03
N LEU A 67 41.92 -30.04 -54.51
CA LEU A 67 40.71 -29.99 -55.31
C LEU A 67 39.85 -28.78 -54.97
N THR A 68 39.28 -28.17 -56.01
CA THR A 68 38.31 -27.10 -55.87
C THR A 68 37.18 -27.37 -56.85
N MET A 69 35.96 -27.03 -56.45
CA MET A 69 34.80 -27.23 -57.29
C MET A 69 33.94 -25.98 -57.31
N SER A 70 33.24 -25.78 -58.42
CA SER A 70 32.41 -24.60 -58.62
C SER A 70 31.14 -25.01 -59.34
N VAL A 71 30.12 -24.16 -59.22
CA VAL A 71 28.83 -24.40 -59.85
C VAL A 71 28.30 -23.08 -60.38
N ASP A 72 27.79 -23.10 -61.62
CA ASP A 72 27.20 -21.92 -62.26
C ASP A 72 25.71 -22.14 -62.43
N THR A 73 24.91 -21.26 -61.81
CA THR A 73 23.47 -21.44 -61.80
C THR A 73 22.81 -21.05 -63.11
N SER A 74 23.36 -20.05 -63.80
CA SER A 74 22.72 -19.55 -65.01
C SER A 74 23.05 -20.41 -66.23
N LYS A 75 24.23 -21.00 -66.29
CA LYS A 75 24.65 -21.77 -67.45
C LYS A 75 24.36 -23.28 -67.33
N ASN A 76 23.68 -23.71 -66.26
CA ASN A 76 23.42 -25.13 -66.01
C ASN A 76 24.72 -25.93 -66.04
N GLN A 77 25.78 -25.33 -65.50
CA GLN A 77 27.09 -25.92 -65.54
C GLN A 77 27.67 -26.06 -64.13
N PHE A 78 28.58 -27.01 -64.00
CA PHE A 78 29.43 -27.12 -62.83
C PHE A 78 30.72 -27.80 -63.28
N SER A 79 31.84 -27.34 -62.75
CA SER A 79 33.15 -27.75 -63.24
C SER A 79 34.01 -28.22 -62.08
N LEU A 80 35.11 -28.89 -62.43
CA LEU A 80 36.08 -29.41 -61.49
C LEU A 80 37.46 -28.91 -61.85
N LYS A 81 38.26 -28.60 -60.83
CA LYS A 81 39.62 -28.11 -61.04
C LYS A 81 40.52 -28.83 -60.04
N LEU A 82 41.57 -29.47 -60.55
CA LEU A 82 42.54 -30.19 -59.74
C LEU A 82 43.93 -29.64 -60.01
N ASN A 83 44.61 -29.17 -58.95
CA ASN A 83 45.92 -28.58 -59.09
C ASN A 83 47.02 -29.62 -58.89
N SER A 84 48.14 -29.42 -59.60
CA SER A 84 49.38 -30.18 -59.44
C SER A 84 49.14 -31.68 -59.58
N VAL A 85 48.76 -32.07 -60.80
CA VAL A 85 48.51 -33.47 -61.09
C VAL A 85 49.82 -34.22 -61.26
N THR A 86 49.81 -35.48 -60.85
CA THR A 86 50.94 -36.37 -60.97
C THR A 86 50.63 -37.45 -61.99
N ALA A 87 51.58 -38.36 -62.17
CA ALA A 87 51.34 -39.51 -63.04
C ALA A 87 50.27 -40.44 -62.49
N ALA A 88 50.01 -40.39 -61.18
CA ALA A 88 49.02 -41.29 -60.58
C ALA A 88 47.59 -40.89 -60.94
N ASP A 89 47.34 -39.62 -61.23
CA ASP A 89 45.99 -39.12 -61.46
C ASP A 89 45.45 -39.41 -62.86
N THR A 90 46.18 -40.16 -63.68
CA THR A 90 45.60 -40.63 -64.93
C THR A 90 44.46 -41.57 -64.63
N ALA A 91 43.24 -41.18 -65.02
CA ALA A 91 42.07 -41.97 -64.62
C ALA A 91 40.90 -41.66 -65.53
N VAL A 92 39.83 -42.40 -65.31
CA VAL A 92 38.55 -42.22 -66.00
C VAL A 92 37.66 -41.38 -65.10
N TYR A 93 37.42 -40.13 -65.48
CA TYR A 93 36.64 -39.20 -64.69
C TYR A 93 35.20 -39.13 -65.19
N SER A 94 34.25 -39.06 -64.26
CA SER A 94 32.84 -39.06 -64.60
C SER A 94 32.07 -38.19 -63.62
N CYS A 95 31.18 -37.34 -64.15
CA CYS A 95 30.30 -36.52 -63.34
C CYS A 95 28.90 -37.11 -63.32
N ALA A 96 28.18 -36.83 -62.23
CA ALA A 96 26.83 -37.37 -62.07
C ALA A 96 26.12 -36.62 -60.97
N GLY A 97 24.79 -36.71 -61.00
CA GLY A 97 23.94 -36.14 -59.97
C GLY A 97 23.47 -37.16 -58.94
N LEU A 98 24.07 -37.14 -57.75
CA LEU A 98 23.66 -38.05 -56.70
C LEU A 98 22.40 -37.56 -56.01
N ASP A 99 21.73 -38.49 -55.31
CA ASP A 99 20.53 -38.20 -54.53
C ASP A 99 20.91 -38.40 -53.06
N ARG A 100 21.33 -37.31 -52.42
CA ARG A 100 21.72 -37.36 -51.01
C ARG A 100 20.61 -37.90 -50.14
N PHE A 101 19.33 -37.65 -50.50
CA PHE A 101 18.24 -38.19 -49.69
C PHE A 101 17.14 -38.82 -50.53
N ASN A 102 17.45 -39.29 -51.72
CA ASN A 102 16.46 -39.81 -52.66
C ASN A 102 15.32 -38.80 -52.87
N TRP A 103 15.70 -37.63 -53.38
CA TRP A 103 14.70 -36.62 -53.73
C TRP A 103 13.97 -36.93 -55.03
N ASN A 104 14.46 -37.86 -55.84
CA ASN A 104 13.92 -38.06 -57.19
C ASN A 104 13.63 -39.53 -57.38
N ASP A 105 12.45 -39.82 -57.93
CA ASP A 105 12.00 -41.19 -58.11
C ASP A 105 12.78 -41.92 -59.19
N GLU A 106 13.40 -41.21 -60.13
CA GLU A 106 14.11 -41.81 -61.24
C GLU A 106 15.53 -42.24 -60.87
N GLY A 107 15.88 -42.22 -59.60
CA GLY A 107 17.22 -42.59 -59.18
C GLY A 107 18.24 -41.54 -59.59
N ASP A 108 19.51 -41.97 -59.60
CA ASP A 108 20.60 -41.08 -59.95
C ASP A 108 20.77 -41.03 -61.47
N CYS A 109 21.45 -39.98 -61.95
CA CYS A 109 21.72 -39.79 -63.36
C CYS A 109 23.23 -39.66 -63.54
N TRP A 110 23.76 -40.30 -64.58
CA TRP A 110 25.20 -40.37 -64.78
C TRP A 110 25.59 -40.00 -66.19
N GLY A 111 26.75 -39.39 -66.32
CA GLY A 111 27.27 -38.97 -67.61
C GLY A 111 27.91 -40.12 -68.35
N GLN A 112 28.89 -39.79 -69.19
CA GLN A 112 29.53 -40.76 -70.06
C GLN A 112 30.96 -41.10 -69.65
N GLY A 113 31.66 -40.18 -69.02
CA GLY A 113 33.02 -40.39 -68.57
C GLY A 113 34.06 -40.13 -69.63
N THR A 114 35.24 -39.63 -69.24
CA THR A 114 36.29 -39.31 -70.19
C THR A 114 37.64 -39.75 -69.63
N LEU A 115 38.55 -40.07 -70.54
CA LEU A 115 39.89 -40.52 -70.17
C LEU A 115 40.82 -39.32 -70.13
N VAL A 116 41.45 -39.12 -68.97
CA VAL A 116 42.40 -38.04 -68.76
C VAL A 116 43.75 -38.67 -68.43
N THR A 117 44.75 -38.34 -69.23
CA THR A 117 46.08 -38.91 -69.08
C THR A 117 47.07 -37.79 -68.77
N VAL A 118 47.82 -37.97 -67.69
CA VAL A 118 48.87 -37.04 -67.32
C VAL A 118 50.16 -37.58 -67.91
N PHE A 119 50.71 -36.89 -68.90
CA PHE A 119 51.98 -37.30 -69.51
C PHE A 119 53.04 -36.24 -69.23
N SER A 120 54.26 -36.72 -69.01
CA SER A 120 55.38 -35.85 -68.69
C SER A 120 56.68 -36.44 -69.20
N ALA A 121 57.57 -35.56 -69.64
CA ALA A 121 58.92 -35.92 -70.06
C ALA A 121 59.89 -36.04 -68.90
N SER A 122 59.41 -35.94 -67.66
CA SER A 122 60.27 -36.10 -66.50
C SER A 122 60.79 -37.53 -66.41
N THR A 123 61.89 -37.70 -65.68
CA THR A 123 62.52 -39.00 -65.47
C THR A 123 63.09 -39.06 -64.06
N LYS A 124 63.30 -40.28 -63.55
CA LYS A 124 63.96 -40.46 -62.26
C LYS A 124 64.58 -41.84 -62.17
N GLY A 125 65.83 -41.89 -61.71
CA GLY A 125 66.55 -43.13 -61.55
C GLY A 125 66.01 -43.95 -60.39
N PRO A 126 66.00 -45.26 -60.55
CA PRO A 126 65.47 -46.13 -59.49
C PRO A 126 66.50 -46.39 -58.41
N SER A 127 65.99 -46.61 -57.20
CA SER A 127 66.79 -47.11 -56.09
C SER A 127 66.65 -48.62 -56.07
N VAL A 128 67.76 -49.33 -55.91
CA VAL A 128 67.77 -50.79 -55.94
C VAL A 128 68.28 -51.30 -54.60
N PHE A 129 67.47 -52.13 -53.94
CA PHE A 129 67.79 -52.77 -52.68
C PHE A 129 67.66 -54.29 -52.81
N PRO A 130 68.52 -55.06 -52.13
CA PRO A 130 68.47 -56.52 -52.26
C PRO A 130 67.50 -57.20 -51.32
N LEU A 131 66.49 -57.88 -51.85
CA LEU A 131 65.58 -58.67 -51.01
C LEU A 131 66.22 -60.02 -50.73
N ALA A 132 67.02 -60.06 -49.67
CA ALA A 132 67.82 -61.23 -49.35
C ALA A 132 66.93 -62.45 -49.16
N PRO A 133 67.41 -63.65 -49.52
CA PRO A 133 66.62 -64.85 -49.25
C PRO A 133 66.55 -65.09 -47.74
N SER A 134 65.43 -65.66 -47.31
CA SER A 134 65.26 -65.98 -45.91
C SER A 134 66.28 -67.02 -45.48
N SER A 135 67.12 -66.66 -44.51
CA SER A 135 68.06 -67.64 -44.01
C SER A 135 67.31 -68.78 -43.31
N LYS A 136 68.01 -69.88 -43.08
CA LYS A 136 67.41 -71.09 -42.52
C LYS A 136 66.18 -71.51 -43.33
N SER A 137 66.42 -71.80 -44.61
CA SER A 137 65.39 -72.31 -45.50
C SER A 137 65.20 -73.79 -45.17
N THR A 138 64.53 -74.52 -46.05
CA THR A 138 64.44 -75.95 -45.84
C THR A 138 65.72 -76.66 -46.27
N SER A 139 65.92 -77.87 -45.73
CA SER A 139 67.15 -78.62 -45.91
C SER A 139 67.44 -78.82 -47.40
N GLY A 140 66.60 -79.59 -48.07
CA GLY A 140 66.71 -79.75 -49.50
C GLY A 140 65.43 -79.35 -50.21
N GLY A 141 65.57 -78.55 -51.25
CA GLY A 141 64.42 -78.05 -51.98
C GLY A 141 64.54 -76.62 -52.42
N THR A 142 63.50 -75.84 -52.19
CA THR A 142 63.39 -74.53 -52.80
C THR A 142 63.87 -73.43 -51.86
N ALA A 143 64.33 -72.34 -52.47
CA ALA A 143 64.67 -71.13 -51.73
C ALA A 143 64.37 -69.94 -52.65
N ALA A 144 64.01 -68.81 -52.04
CA ALA A 144 63.57 -67.64 -52.79
C ALA A 144 64.46 -66.45 -52.44
N LEU A 145 64.91 -65.73 -53.47
CA LEU A 145 65.69 -64.50 -53.30
C LEU A 145 65.39 -63.60 -54.48
N GLY A 146 65.50 -62.30 -54.26
CA GLY A 146 65.18 -61.36 -55.30
C GLY A 146 65.77 -59.99 -55.07
N CYS A 147 65.24 -59.03 -55.83
N CYS A 147 65.31 -59.03 -55.86
CA CYS A 147 65.73 -57.65 -55.88
CA CYS A 147 65.76 -57.65 -55.71
C CYS A 147 64.53 -56.72 -55.79
C CYS A 147 64.56 -56.72 -55.80
N LEU A 148 64.75 -55.53 -55.22
CA LEU A 148 63.69 -54.53 -55.08
C LEU A 148 64.08 -53.29 -55.86
N VAL A 149 63.21 -52.86 -56.76
CA VAL A 149 63.39 -51.66 -57.55
C VAL A 149 62.31 -50.66 -57.14
N LYS A 150 62.71 -49.61 -56.45
CA LYS A 150 61.78 -48.67 -55.83
C LYS A 150 61.96 -47.28 -56.40
N ASP A 151 60.84 -46.59 -56.62
CA ASP A 151 60.81 -45.16 -56.95
C ASP A 151 61.58 -44.86 -58.24
N TYR A 152 61.07 -45.41 -59.34
CA TYR A 152 61.56 -45.07 -60.66
C TYR A 152 60.44 -44.50 -61.51
N PHE A 153 60.82 -43.87 -62.62
CA PHE A 153 59.90 -43.29 -63.57
C PHE A 153 60.60 -42.92 -64.87
N PRO A 154 60.01 -43.23 -66.02
CA PRO A 154 58.80 -44.02 -66.18
C PRO A 154 59.13 -45.42 -66.62
N GLU A 155 58.11 -46.25 -66.83
CA GLU A 155 58.34 -47.56 -67.44
C GLU A 155 58.96 -47.37 -68.82
N PRO A 156 59.69 -48.38 -69.33
CA PRO A 156 59.92 -49.70 -68.76
C PRO A 156 61.26 -49.86 -68.04
N VAL A 157 61.41 -50.97 -67.34
CA VAL A 157 62.69 -51.36 -66.75
C VAL A 157 62.92 -52.83 -67.05
N THR A 158 64.19 -53.21 -67.17
CA THR A 158 64.57 -54.57 -67.52
C THR A 158 65.36 -55.17 -66.37
N VAL A 159 65.07 -56.43 -66.06
CA VAL A 159 65.76 -57.16 -65.00
C VAL A 159 66.23 -58.49 -65.55
N SER A 160 67.51 -58.79 -65.35
CA SER A 160 68.08 -60.08 -65.64
C SER A 160 68.91 -60.52 -64.44
N TRP A 161 69.26 -61.81 -64.41
CA TRP A 161 69.94 -62.38 -63.26
C TRP A 161 71.22 -63.08 -63.71
N ASN A 162 72.30 -62.89 -62.94
CA ASN A 162 73.64 -63.35 -63.31
C ASN A 162 74.00 -62.92 -64.72
N SER A 163 73.70 -61.65 -65.01
CA SER A 163 73.90 -61.08 -66.34
C SER A 163 73.16 -61.89 -67.41
N GLY A 164 72.05 -62.52 -67.01
CA GLY A 164 71.20 -63.26 -67.92
C GLY A 164 71.42 -64.76 -67.94
N ALA A 165 72.39 -65.28 -67.18
CA ALA A 165 72.68 -66.71 -67.14
C ALA A 165 71.65 -67.53 -66.38
N LEU A 166 70.63 -66.90 -65.78
CA LEU A 166 69.64 -67.58 -64.95
C LEU A 166 68.25 -67.30 -65.52
N THR A 167 67.59 -68.33 -66.06
CA THR A 167 66.27 -68.20 -66.64
C THR A 167 65.22 -69.11 -66.01
N SER A 168 65.63 -70.13 -65.26
CA SER A 168 64.70 -71.07 -64.66
C SER A 168 64.14 -70.47 -63.37
N GLY A 169 62.85 -70.18 -63.36
CA GLY A 169 62.22 -69.67 -62.15
C GLY A 169 62.21 -68.17 -61.99
N VAL A 170 62.32 -67.40 -63.07
CA VAL A 170 62.27 -65.95 -62.98
C VAL A 170 60.83 -65.51 -62.73
N HIS A 171 60.63 -64.65 -61.73
CA HIS A 171 59.32 -64.10 -61.41
C HIS A 171 59.46 -62.57 -61.35
N THR A 172 59.02 -61.89 -62.39
CA THR A 172 59.09 -60.43 -62.47
C THR A 172 57.67 -59.86 -62.31
N PHE A 173 57.37 -59.39 -61.11
CA PHE A 173 56.01 -58.95 -60.81
C PHE A 173 55.70 -57.61 -61.48
N PRO A 174 54.43 -57.34 -61.76
CA PRO A 174 54.07 -56.06 -62.38
C PRO A 174 54.49 -54.90 -61.49
N ALA A 175 54.64 -53.75 -62.13
CA ALA A 175 54.99 -52.53 -61.42
C ALA A 175 53.75 -51.95 -60.74
N VAL A 176 53.95 -51.41 -59.55
CA VAL A 176 52.89 -50.72 -58.81
C VAL A 176 53.09 -49.22 -58.98
N LEU A 177 51.99 -48.49 -59.15
CA LEU A 177 52.03 -47.04 -59.36
C LEU A 177 51.62 -46.35 -58.07
N GLN A 178 52.60 -46.01 -57.25
CA GLN A 178 52.34 -45.41 -55.96
C GLN A 178 51.57 -44.10 -56.12
N SER A 179 50.92 -43.68 -55.03
CA SER A 179 50.18 -42.43 -55.04
C SER A 179 51.09 -41.24 -55.26
N SER A 180 52.40 -41.42 -55.08
CA SER A 180 53.36 -40.36 -55.32
C SER A 180 53.53 -40.03 -56.80
N GLY A 181 53.17 -40.94 -57.69
CA GLY A 181 53.41 -40.75 -59.11
C GLY A 181 54.67 -41.43 -59.61
N LEU A 182 55.23 -42.37 -58.85
CA LEU A 182 56.40 -43.12 -59.25
C LEU A 182 56.10 -44.61 -59.30
N TYR A 183 56.81 -45.30 -60.18
CA TYR A 183 56.69 -46.74 -60.33
C TYR A 183 57.68 -47.48 -59.43
N SER A 184 57.38 -48.74 -59.16
CA SER A 184 58.22 -49.60 -58.36
C SER A 184 57.82 -51.05 -58.62
N LEU A 185 58.81 -51.94 -58.70
CA LEU A 185 58.53 -53.36 -58.89
C LEU A 185 59.66 -54.20 -58.30
N SER A 186 59.38 -55.50 -58.17
CA SER A 186 60.33 -56.44 -57.61
C SER A 186 60.38 -57.70 -58.45
N SER A 187 61.54 -58.36 -58.43
CA SER A 187 61.77 -59.58 -59.18
C SER A 187 62.47 -60.56 -58.25
N VAL A 188 61.90 -61.74 -58.10
CA VAL A 188 62.42 -62.78 -57.24
C VAL A 188 62.57 -64.04 -58.08
N VAL A 189 63.60 -64.81 -57.77
CA VAL A 189 63.87 -66.05 -58.49
C VAL A 189 64.01 -67.17 -57.46
N THR A 190 63.55 -68.36 -57.83
CA THR A 190 63.61 -69.51 -56.94
C THR A 190 64.84 -70.33 -57.31
N VAL A 191 65.72 -70.54 -56.34
CA VAL A 191 66.95 -71.29 -56.57
C VAL A 191 67.04 -72.40 -55.52
N PRO A 192 67.75 -73.47 -55.83
CA PRO A 192 67.88 -74.57 -54.87
C PRO A 192 68.51 -74.13 -53.56
N SER A 193 68.03 -74.74 -52.48
CA SER A 193 68.47 -74.36 -51.15
C SER A 193 69.94 -74.69 -50.92
N SER A 194 70.38 -75.85 -51.40
CA SER A 194 71.77 -76.22 -51.20
C SER A 194 72.74 -75.35 -51.99
N SER A 195 72.27 -74.64 -53.02
CA SER A 195 73.13 -73.86 -53.89
C SER A 195 73.42 -72.47 -53.35
N LEU A 196 73.01 -72.16 -52.12
CA LEU A 196 73.20 -70.82 -51.58
C LEU A 196 74.64 -70.58 -51.15
N GLY A 197 75.30 -71.58 -50.56
CA GLY A 197 76.65 -71.38 -50.08
C GLY A 197 77.72 -71.32 -51.14
N THR A 198 77.41 -71.74 -52.37
CA THR A 198 78.40 -71.85 -53.44
C THR A 198 78.15 -70.90 -54.58
N GLN A 199 76.90 -70.78 -55.03
CA GLN A 199 76.59 -69.98 -56.21
C GLN A 199 76.20 -68.57 -55.79
N THR A 200 76.79 -67.58 -56.45
CA THR A 200 76.45 -66.18 -56.23
C THR A 200 75.38 -65.74 -57.21
N TYR A 201 74.50 -64.85 -56.74
CA TYR A 201 73.38 -64.39 -57.54
C TYR A 201 73.39 -62.88 -57.60
N ILE A 202 73.43 -62.34 -58.82
CA ILE A 202 73.53 -60.90 -59.05
C ILE A 202 72.27 -60.46 -59.77
N CYS A 203 71.78 -59.27 -59.41
N CYS A 203 71.77 -59.29 -59.41
CA CYS A 203 70.55 -58.71 -59.95
CA CYS A 203 70.55 -58.73 -59.97
C CYS A 203 70.90 -57.54 -60.85
C CYS A 203 70.91 -57.55 -60.86
N ASN A 204 70.50 -57.62 -62.13
CA ASN A 204 70.82 -56.62 -63.13
C ASN A 204 69.57 -55.83 -63.46
N VAL A 205 69.62 -54.51 -63.22
CA VAL A 205 68.53 -53.59 -63.52
C VAL A 205 69.01 -52.63 -64.60
N ASN A 206 68.12 -52.30 -65.54
CA ASN A 206 68.40 -51.31 -66.57
C ASN A 206 67.18 -50.45 -66.80
N HIS A 207 67.31 -49.15 -66.56
CA HIS A 207 66.23 -48.18 -66.74
C HIS A 207 66.61 -47.30 -67.92
N LYS A 208 65.97 -47.54 -69.07
CA LYS A 208 66.40 -46.88 -70.30
C LYS A 208 66.20 -45.37 -70.27
N PRO A 209 65.05 -44.82 -69.85
CA PRO A 209 64.88 -43.36 -69.92
C PRO A 209 65.87 -42.57 -69.08
N SER A 210 66.32 -43.10 -67.95
CA SER A 210 67.26 -42.38 -67.08
C SER A 210 68.72 -42.69 -67.36
N ASN A 211 69.03 -43.48 -68.39
CA ASN A 211 70.41 -43.88 -68.69
C ASN A 211 71.10 -44.43 -67.44
N THR A 212 70.35 -45.17 -66.64
CA THR A 212 70.81 -45.71 -65.38
C THR A 212 70.85 -47.22 -65.44
N LYS A 213 71.95 -47.81 -64.98
CA LYS A 213 72.11 -49.25 -64.97
C LYS A 213 72.69 -49.65 -63.61
N VAL A 214 72.20 -50.76 -63.06
CA VAL A 214 72.55 -51.20 -61.72
C VAL A 214 72.75 -52.70 -61.69
N ASP A 215 73.87 -53.13 -61.10
CA ASP A 215 74.14 -54.53 -60.82
C ASP A 215 74.29 -54.66 -59.31
N LYS A 216 73.33 -55.32 -58.66
CA LYS A 216 73.31 -55.48 -57.21
C LYS A 216 73.34 -56.96 -56.87
N LYS A 217 74.32 -57.36 -56.07
CA LYS A 217 74.48 -58.75 -55.66
C LYS A 217 73.64 -59.04 -54.43
N VAL A 218 73.03 -60.22 -54.41
CA VAL A 218 72.17 -60.64 -53.31
C VAL A 218 72.90 -61.71 -52.51
N GLU A 219 73.09 -61.46 -51.22
CA GLU A 219 73.87 -62.31 -50.35
C GLU A 219 73.01 -62.86 -49.22
N PRO A 220 73.41 -63.98 -48.58
CA PRO A 220 72.61 -64.57 -47.50
C PRO A 220 72.51 -63.71 -46.26
N LYS A 221 71.83 -64.22 -45.22
CA LYS A 221 71.51 -63.46 -44.01
C LYS A 221 70.69 -62.22 -44.33
N GLN B 1 37.54 -40.91 -48.15
CA GLN B 1 36.35 -41.74 -47.91
C GLN B 1 36.66 -42.90 -46.96
N SER B 2 35.61 -43.57 -46.51
CA SER B 2 35.73 -44.76 -45.68
C SER B 2 35.87 -45.98 -46.59
N VAL B 3 35.77 -47.18 -46.02
CA VAL B 3 35.86 -48.42 -46.78
C VAL B 3 34.65 -49.28 -46.44
N LEU B 4 34.02 -49.82 -47.48
CA LEU B 4 32.96 -50.81 -47.33
C LEU B 4 33.53 -52.18 -47.70
N THR B 5 33.36 -53.15 -46.81
CA THR B 5 33.99 -54.44 -47.00
C THR B 5 33.27 -55.23 -48.09
N GLN B 6 34.04 -55.80 -49.01
CA GLN B 6 33.50 -56.71 -50.00
C GLN B 6 34.44 -57.90 -50.09
N PRO B 7 33.92 -59.06 -50.50
CA PRO B 7 34.80 -60.18 -50.80
C PRO B 7 35.55 -59.92 -52.09
N PRO B 8 36.70 -60.55 -52.28
CA PRO B 8 37.50 -60.26 -53.49
C PRO B 8 36.81 -60.69 -54.77
N SER B 9 36.34 -61.93 -54.83
CA SER B 9 35.73 -62.43 -56.06
C SER B 9 34.63 -63.41 -55.72
N ALA B 10 33.68 -63.53 -56.63
CA ALA B 10 32.61 -64.50 -56.56
C ALA B 10 32.58 -65.30 -57.86
N SER B 11 32.41 -66.61 -57.75
CA SER B 11 32.54 -67.53 -58.87
C SER B 11 31.27 -68.35 -59.03
N GLY B 12 31.16 -68.99 -60.19
CA GLY B 12 30.03 -69.86 -60.48
C GLY B 12 30.13 -70.40 -61.89
N THR B 13 29.31 -71.41 -62.15
CA THR B 13 29.23 -71.92 -63.50
C THR B 13 28.14 -71.21 -64.26
N PRO B 14 28.20 -71.20 -65.60
CA PRO B 14 27.15 -70.54 -66.39
C PRO B 14 25.77 -71.10 -66.04
N GLY B 15 24.88 -70.20 -65.65
CA GLY B 15 23.53 -70.55 -65.26
C GLY B 15 23.27 -70.55 -63.78
N GLN B 16 24.28 -70.34 -62.94
CA GLN B 16 24.10 -70.36 -61.50
C GLN B 16 23.61 -69.00 -61.01
N ARG B 17 23.25 -68.96 -59.73
CA ARG B 17 22.95 -67.72 -59.02
C ARG B 17 24.12 -67.40 -58.10
N VAL B 18 24.69 -66.22 -58.27
CA VAL B 18 25.87 -65.80 -57.52
C VAL B 18 25.51 -64.63 -56.63
N THR B 19 26.02 -64.65 -55.41
CA THR B 19 25.71 -63.64 -54.41
C THR B 19 26.98 -62.88 -54.03
N ILE B 20 26.84 -61.57 -53.81
CA ILE B 20 27.95 -60.69 -53.46
C ILE B 20 27.60 -59.98 -52.17
N SER B 21 28.44 -60.14 -51.15
CA SER B 21 28.17 -59.51 -49.88
C SER B 21 28.79 -58.12 -49.83
N CYS B 22 28.32 -57.32 -48.87
CA CYS B 22 28.82 -55.96 -48.65
C CYS B 22 28.57 -55.65 -47.18
N SER B 23 29.63 -55.69 -46.37
CA SER B 23 29.52 -55.53 -44.93
C SER B 23 29.92 -54.10 -44.54
N GLY B 24 29.00 -53.38 -43.91
CA GLY B 24 29.25 -52.01 -43.51
C GLY B 24 28.99 -51.75 -42.03
N SER B 25 28.71 -50.50 -41.68
CA SER B 25 28.50 -50.12 -40.29
C SER B 25 27.26 -49.25 -40.14
N ARG B 26 27.03 -48.75 -38.92
CA ARG B 26 25.88 -47.87 -38.68
C ARG B 26 26.05 -46.50 -39.30
N SER B 27 27.28 -46.08 -39.58
CA SER B 27 27.48 -44.74 -40.12
C SER B 27 27.01 -44.63 -41.56
N ASN B 28 27.13 -45.71 -42.34
CA ASN B 28 26.71 -45.68 -43.74
C ASN B 28 25.28 -46.19 -43.92
N LEU B 29 25.04 -47.47 -43.62
CA LEU B 29 23.74 -48.07 -43.84
C LEU B 29 22.76 -47.86 -42.70
N GLY B 30 23.26 -47.51 -41.51
CA GLY B 30 22.38 -47.24 -40.40
C GLY B 30 21.48 -46.04 -40.61
N ARG B 31 21.80 -45.17 -41.58
CA ARG B 31 20.99 -43.98 -41.78
C ARG B 31 20.81 -43.59 -43.25
N ASN B 32 21.28 -44.39 -44.20
CA ASN B 32 21.13 -44.04 -45.61
C ASN B 32 20.87 -45.29 -46.45
N THR B 33 20.35 -45.05 -47.65
CA THR B 33 20.16 -46.14 -48.60
C THR B 33 21.52 -46.61 -49.10
N VAL B 34 21.49 -47.68 -49.90
CA VAL B 34 22.70 -48.27 -50.44
C VAL B 34 22.48 -48.61 -51.91
N ASN B 35 23.47 -48.31 -52.75
CA ASN B 35 23.41 -48.53 -54.19
C ASN B 35 24.47 -49.52 -54.63
N TRP B 36 24.24 -50.08 -55.82
CA TRP B 36 25.15 -51.03 -56.46
C TRP B 36 25.50 -50.54 -57.85
N TYR B 37 26.78 -50.65 -58.22
CA TYR B 37 27.25 -50.24 -59.54
C TYR B 37 28.04 -51.36 -60.20
N GLN B 38 27.86 -51.49 -61.51
CA GLN B 38 28.58 -52.46 -62.33
C GLN B 38 29.62 -51.72 -63.16
N GLN B 39 30.89 -52.02 -62.91
CA GLN B 39 32.00 -51.30 -63.54
C GLN B 39 32.55 -52.08 -64.72
N LEU B 40 32.60 -51.43 -65.88
CA LEU B 40 33.24 -51.93 -67.08
C LEU B 40 34.53 -51.16 -67.35
N PRO B 41 35.53 -51.80 -67.98
CA PRO B 41 36.82 -51.13 -68.20
C PRO B 41 36.69 -50.00 -69.21
N GLY B 42 37.19 -48.82 -68.84
CA GLY B 42 37.29 -47.70 -69.75
C GLY B 42 36.07 -46.82 -69.87
N VAL B 43 35.04 -47.06 -69.08
CA VAL B 43 33.83 -46.26 -69.16
C VAL B 43 33.41 -45.86 -67.75
N ALA B 44 32.40 -44.99 -67.68
CA ALA B 44 31.84 -44.61 -66.39
C ALA B 44 31.08 -45.79 -65.77
N PRO B 45 31.00 -45.85 -64.44
CA PRO B 45 30.25 -46.93 -63.80
C PRO B 45 28.78 -46.88 -64.18
N LYS B 46 28.14 -48.04 -64.12
CA LYS B 46 26.74 -48.24 -64.52
C LYS B 46 25.87 -48.48 -63.30
N LEU B 47 24.74 -47.77 -63.22
CA LEU B 47 23.85 -47.89 -62.08
C LEU B 47 23.01 -49.15 -62.20
N LEU B 48 22.94 -49.91 -61.11
CA LEU B 48 22.18 -51.16 -61.07
C LEU B 48 21.01 -51.12 -60.11
N ILE B 49 21.25 -50.72 -58.86
CA ILE B 49 20.25 -50.75 -57.81
C ILE B 49 20.33 -49.45 -57.03
N TYR B 50 19.18 -48.79 -56.83
CA TYR B 50 19.12 -47.63 -55.95
C TYR B 50 17.95 -47.79 -54.99
N SER B 51 18.08 -47.17 -53.81
CA SER B 51 17.18 -47.35 -52.67
C SER B 51 17.11 -48.81 -52.21
N ASN B 52 18.10 -49.61 -52.60
CA ASN B 52 18.43 -50.97 -52.20
C ASN B 52 17.58 -52.09 -52.85
N ASN B 53 16.47 -51.79 -53.55
CA ASN B 53 15.82 -52.86 -54.30
C ASN B 53 15.21 -52.46 -55.65
N ARG B 54 15.39 -51.22 -56.11
CA ARG B 54 14.78 -50.76 -57.36
C ARG B 54 15.82 -50.75 -58.48
N ARG B 55 15.40 -51.18 -59.67
CA ARG B 55 16.27 -51.14 -60.84
C ARG B 55 15.90 -49.96 -61.70
N PRO B 56 16.85 -49.17 -62.18
CA PRO B 56 16.51 -48.16 -63.17
C PRO B 56 15.98 -48.82 -64.43
N SER B 57 15.10 -48.11 -65.13
CA SER B 57 14.47 -48.67 -66.32
C SER B 57 15.53 -49.12 -67.31
N GLY B 58 15.52 -50.40 -67.65
CA GLY B 58 16.52 -50.98 -68.53
C GLY B 58 17.40 -52.04 -67.91
N VAL B 59 17.40 -52.17 -66.58
CA VAL B 59 18.20 -53.20 -65.94
C VAL B 59 17.45 -54.53 -66.01
N PRO B 60 18.08 -55.61 -66.47
CA PRO B 60 17.38 -56.89 -66.54
C PRO B 60 16.85 -57.32 -65.18
N ASP B 61 15.73 -58.04 -65.20
CA ASP B 61 15.09 -58.48 -63.98
C ASP B 61 15.93 -59.48 -63.19
N ARG B 62 17.02 -60.01 -63.77
CA ARG B 62 17.86 -60.97 -63.05
C ARG B 62 18.67 -60.34 -61.94
N PHE B 63 18.63 -59.01 -61.78
CA PHE B 63 19.38 -58.30 -60.75
C PHE B 63 18.46 -57.92 -59.60
N SER B 64 18.86 -58.28 -58.39
CA SER B 64 18.09 -57.97 -57.19
C SER B 64 19.04 -57.71 -56.04
N GLY B 65 18.60 -56.89 -55.11
CA GLY B 65 19.40 -56.54 -53.94
C GLY B 65 18.57 -56.61 -52.69
N SER B 66 19.20 -57.04 -51.60
CA SER B 66 18.55 -57.15 -50.30
C SER B 66 19.40 -56.43 -49.26
N LYS B 67 18.81 -56.24 -48.07
CA LYS B 67 19.49 -55.48 -47.02
C LYS B 67 19.15 -56.06 -45.66
N SER B 68 20.11 -55.93 -44.76
CA SER B 68 19.97 -56.27 -43.36
C SER B 68 20.35 -55.02 -42.57
N ASP B 69 20.54 -55.18 -41.26
CA ASP B 69 20.77 -54.03 -40.40
C ASP B 69 21.99 -53.23 -40.86
N THR B 70 23.17 -53.85 -40.81
CA THR B 70 24.40 -53.19 -41.22
C THR B 70 25.04 -53.83 -42.43
N SER B 71 24.34 -54.73 -43.12
CA SER B 71 24.89 -55.45 -44.27
C SER B 71 23.87 -55.50 -45.39
N ALA B 72 24.38 -55.65 -46.61
CA ALA B 72 23.58 -55.76 -47.81
C ALA B 72 24.29 -56.69 -48.79
N SER B 73 23.52 -57.21 -49.74
CA SER B 73 24.06 -58.18 -50.68
C SER B 73 23.39 -58.01 -52.04
N LEU B 74 24.15 -58.34 -53.08
CA LEU B 74 23.67 -58.30 -54.46
C LEU B 74 23.70 -59.70 -55.03
N ALA B 75 22.61 -60.10 -55.67
CA ALA B 75 22.46 -61.43 -56.26
C ALA B 75 22.20 -61.28 -57.75
N ILE B 76 22.82 -62.16 -58.53
CA ILE B 76 22.62 -62.22 -59.97
C ILE B 76 22.24 -63.64 -60.35
N SER B 77 21.02 -63.82 -60.85
CA SER B 77 20.57 -65.11 -61.34
C SER B 77 20.93 -65.25 -62.81
N GLY B 78 21.13 -66.48 -63.24
CA GLY B 78 21.54 -66.72 -64.62
C GLY B 78 22.89 -66.11 -64.91
N LEU B 79 23.93 -66.63 -64.28
CA LEU B 79 25.28 -66.16 -64.55
C LEU B 79 25.63 -66.45 -65.99
N GLN B 80 26.05 -65.42 -66.71
CA GLN B 80 26.43 -65.57 -68.10
C GLN B 80 27.85 -65.05 -68.30
N SER B 81 28.41 -65.38 -69.47
CA SER B 81 29.75 -64.91 -69.78
C SER B 81 29.78 -63.39 -69.90
N GLU B 82 28.61 -62.78 -70.13
CA GLU B 82 28.48 -61.34 -70.31
C GLU B 82 28.49 -60.55 -69.00
N ASP B 83 28.62 -61.19 -67.85
CA ASP B 83 28.64 -60.48 -66.57
C ASP B 83 30.03 -60.41 -65.95
N GLU B 84 31.07 -60.82 -66.68
CA GLU B 84 32.44 -60.78 -66.17
C GLU B 84 32.84 -59.31 -66.04
N ALA B 85 32.78 -58.80 -64.83
CA ALA B 85 33.10 -57.41 -64.57
C ALA B 85 33.28 -57.24 -63.07
N ASP B 86 33.45 -56.00 -62.64
CA ASP B 86 33.53 -55.67 -61.24
C ASP B 86 32.21 -55.07 -60.77
N TYR B 87 31.86 -55.34 -59.51
CA TYR B 87 30.58 -54.92 -58.95
C TYR B 87 30.84 -54.23 -57.63
N PHE B 88 30.41 -52.97 -57.53
CA PHE B 88 30.69 -52.11 -56.38
C PHE B 88 29.41 -51.74 -55.65
N CYS B 89 29.43 -51.88 -54.33
CA CYS B 89 28.40 -51.33 -53.47
C CYS B 89 28.86 -49.99 -52.92
N ALA B 90 27.95 -49.01 -52.92
CA ALA B 90 28.28 -47.68 -52.49
C ALA B 90 27.10 -47.10 -51.72
N ALA B 91 27.40 -46.21 -50.78
CA ALA B 91 26.38 -45.66 -49.91
C ALA B 91 26.88 -44.33 -49.32
N TRP B 92 25.92 -43.52 -48.88
CA TRP B 92 26.23 -42.29 -48.18
C TRP B 92 26.62 -42.57 -46.74
N ASP B 93 27.54 -41.76 -46.22
CA ASP B 93 28.00 -41.88 -44.84
C ASP B 93 27.77 -40.56 -44.11
N ASP B 94 27.45 -40.66 -42.83
CA ASP B 94 27.17 -39.48 -42.00
C ASP B 94 28.40 -39.05 -41.24
N SER B 95 29.55 -39.18 -41.89
CA SER B 95 30.83 -38.76 -41.34
C SER B 95 30.95 -37.25 -41.42
N LEU B 96 32.19 -36.77 -41.30
CA LEU B 96 32.52 -35.37 -41.01
C LEU B 96 31.55 -34.38 -41.65
N ASN B 97 31.37 -34.45 -42.96
CA ASN B 97 30.39 -33.60 -43.63
C ASN B 97 29.58 -34.35 -44.67
N GLY B 98 29.63 -35.68 -44.67
CA GLY B 98 28.95 -36.47 -45.66
C GLY B 98 29.91 -36.93 -46.74
N LEU B 99 30.15 -38.23 -46.80
CA LEU B 99 31.04 -38.80 -47.80
C LEU B 99 30.33 -39.91 -48.55
N TYR B 100 30.51 -39.94 -49.87
CA TYR B 100 30.01 -41.06 -50.66
C TYR B 100 31.07 -42.16 -50.61
N VAL B 101 30.73 -43.28 -49.98
CA VAL B 101 31.69 -44.33 -49.70
C VAL B 101 31.52 -45.47 -50.70
N PHE B 102 32.61 -45.86 -51.33
CA PHE B 102 32.64 -47.00 -52.24
C PHE B 102 33.26 -48.19 -51.54
N GLY B 103 32.78 -49.39 -51.90
CA GLY B 103 33.34 -50.61 -51.35
C GLY B 103 34.56 -51.07 -52.12
N THR B 104 35.21 -52.12 -51.58
CA THR B 104 36.40 -52.67 -52.21
C THR B 104 36.10 -53.35 -53.54
N GLY B 105 34.84 -53.49 -53.91
CA GLY B 105 34.51 -54.06 -55.19
C GLY B 105 34.71 -55.56 -55.24
N THR B 106 33.92 -56.23 -56.07
CA THR B 106 34.00 -57.67 -56.22
C THR B 106 33.98 -58.00 -57.70
N LYS B 107 34.93 -58.84 -58.13
CA LYS B 107 35.02 -59.27 -59.51
C LYS B 107 34.21 -60.55 -59.70
N VAL B 108 33.36 -60.57 -60.72
CA VAL B 108 32.53 -61.73 -61.03
C VAL B 108 33.18 -62.47 -62.19
N THR B 109 33.51 -63.74 -61.96
CA THR B 109 34.25 -64.55 -62.92
C THR B 109 33.47 -65.81 -63.25
N VAL B 110 33.24 -66.05 -64.54
CA VAL B 110 32.65 -67.32 -64.99
C VAL B 110 33.75 -68.36 -65.04
N LEU B 111 33.65 -69.37 -64.17
CA LEU B 111 34.72 -70.33 -64.00
C LEU B 111 34.97 -71.08 -65.29
N GLY B 112 36.21 -71.01 -65.79
CA GLY B 112 36.60 -71.79 -66.94
C GLY B 112 37.55 -72.90 -66.56
N GLN B 113 37.98 -72.87 -65.30
CA GLN B 113 38.93 -73.85 -64.76
C GLN B 113 38.72 -73.92 -63.26
N PRO B 114 39.13 -75.02 -62.63
CA PRO B 114 38.93 -75.15 -61.18
C PRO B 114 39.69 -74.08 -60.40
N LYS B 115 39.24 -73.84 -59.18
CA LYS B 115 39.84 -72.83 -58.35
C LYS B 115 41.26 -73.26 -57.95
N ALA B 116 42.02 -72.32 -57.35
CA ALA B 116 43.41 -72.55 -56.99
C ALA B 116 43.76 -71.84 -55.69
N ALA B 117 44.57 -72.48 -54.86
CA ALA B 117 44.98 -71.90 -53.58
C ALA B 117 46.12 -70.92 -53.79
N PRO B 118 45.99 -69.67 -53.37
CA PRO B 118 47.06 -68.69 -53.62
C PRO B 118 48.26 -68.91 -52.69
N SER B 119 49.45 -68.77 -53.27
CA SER B 119 50.71 -68.91 -52.54
C SER B 119 51.30 -67.56 -52.19
N VAL B 120 51.75 -67.42 -50.94
CA VAL B 120 52.18 -66.14 -50.41
C VAL B 120 53.62 -66.25 -49.92
N THR B 121 54.45 -65.27 -50.30
CA THR B 121 55.84 -65.18 -49.87
C THR B 121 56.10 -63.74 -49.46
N LEU B 122 56.66 -63.58 -48.27
CA LEU B 122 56.82 -62.26 -47.65
C LEU B 122 58.28 -61.99 -47.33
N PHE B 123 58.73 -60.77 -47.65
CA PHE B 123 60.11 -60.34 -47.47
C PHE B 123 60.18 -59.15 -46.52
N PRO B 124 61.08 -59.16 -45.54
CA PRO B 124 61.29 -57.99 -44.70
C PRO B 124 62.25 -57.01 -45.35
N PRO B 125 62.29 -55.76 -44.90
CA PRO B 125 63.22 -54.80 -45.50
C PRO B 125 64.67 -55.17 -45.21
N SER B 126 65.51 -55.01 -46.23
CA SER B 126 66.92 -55.38 -46.11
C SER B 126 67.68 -54.38 -45.23
N SER B 127 68.88 -54.76 -44.84
CA SER B 127 69.70 -53.93 -43.95
C SER B 127 70.07 -52.62 -44.63
N GLU B 128 70.50 -52.68 -45.90
CA GLU B 128 70.94 -51.47 -46.58
C GLU B 128 69.78 -50.55 -46.93
N GLU B 129 68.53 -51.03 -46.92
CA GLU B 129 67.40 -50.14 -47.12
C GLU B 129 67.14 -49.28 -45.89
N LEU B 130 67.28 -49.86 -44.69
CA LEU B 130 67.15 -49.07 -43.48
C LEU B 130 68.25 -48.02 -43.38
N GLN B 131 69.39 -48.27 -44.02
CA GLN B 131 70.48 -47.30 -44.01
C GLN B 131 70.14 -46.03 -44.77
N ALA B 132 69.18 -46.09 -45.69
CA ALA B 132 68.70 -44.91 -46.40
C ALA B 132 67.49 -44.27 -45.75
N ASN B 133 67.24 -44.55 -44.47
CA ASN B 133 66.09 -43.98 -43.74
C ASN B 133 64.77 -44.33 -44.41
N LYS B 134 64.63 -45.60 -44.82
CA LYS B 134 63.40 -46.12 -45.42
C LYS B 134 63.23 -47.58 -45.03
N ALA B 135 61.99 -48.07 -45.13
CA ALA B 135 61.69 -49.46 -44.87
C ALA B 135 60.48 -49.87 -45.68
N THR B 136 60.57 -51.04 -46.32
CA THR B 136 59.50 -51.52 -47.18
C THR B 136 59.38 -53.03 -47.06
N LEU B 137 58.16 -53.49 -46.84
CA LEU B 137 57.85 -54.92 -46.78
C LEU B 137 57.26 -55.36 -48.10
N VAL B 138 57.71 -56.51 -48.57
CA VAL B 138 57.37 -57.01 -49.90
C VAL B 138 56.58 -58.30 -49.71
N CYS B 139 55.30 -58.25 -50.05
CA CYS B 139 54.44 -59.43 -50.00
C CYS B 139 54.14 -59.87 -51.43
N LEU B 140 54.42 -61.12 -51.72
CA LEU B 140 54.29 -61.67 -53.07
C LEU B 140 53.21 -62.74 -53.09
N ILE B 141 52.29 -62.64 -54.05
CA ILE B 141 51.17 -63.56 -54.18
C ILE B 141 51.22 -64.21 -55.55
N SER B 142 50.98 -65.52 -55.59
CA SER B 142 51.18 -66.29 -56.82
C SER B 142 50.26 -67.50 -56.87
N ASP B 143 49.96 -67.93 -58.10
CA ASP B 143 49.26 -69.19 -58.40
C ASP B 143 47.87 -69.26 -57.77
N PHE B 144 47.00 -68.35 -58.17
CA PHE B 144 45.61 -68.42 -57.72
C PHE B 144 44.67 -68.22 -58.90
N TYR B 145 43.39 -68.51 -58.65
CA TYR B 145 42.31 -68.40 -59.62
C TYR B 145 40.99 -68.41 -58.89
N PRO B 146 40.04 -67.55 -59.25
CA PRO B 146 40.15 -66.53 -60.31
C PRO B 146 40.99 -65.32 -59.90
N GLY B 147 41.11 -64.35 -60.80
CA GLY B 147 42.03 -63.25 -60.64
C GLY B 147 41.56 -62.06 -59.82
N ALA B 148 41.45 -62.23 -58.50
CA ALA B 148 41.08 -61.14 -57.61
C ALA B 148 41.45 -61.52 -56.20
N VAL B 149 42.16 -60.64 -55.51
CA VAL B 149 42.55 -60.87 -54.12
C VAL B 149 42.35 -59.60 -53.32
N THR B 150 42.07 -59.77 -52.04
CA THR B 150 41.94 -58.67 -51.09
C THR B 150 43.10 -58.76 -50.12
N VAL B 151 43.96 -57.76 -50.13
CA VAL B 151 45.20 -57.77 -49.37
C VAL B 151 45.07 -56.72 -48.27
N ALA B 152 45.27 -57.14 -47.03
CA ALA B 152 45.29 -56.22 -45.91
C ALA B 152 46.48 -56.54 -45.02
N TRP B 153 47.07 -55.51 -44.45
CA TRP B 153 48.21 -55.65 -43.57
C TRP B 153 47.79 -55.36 -42.13
N LYS B 154 48.47 -56.00 -41.19
CA LYS B 154 48.17 -55.84 -39.78
C LYS B 154 49.44 -55.47 -39.02
N ALA B 155 49.27 -54.66 -37.98
CA ALA B 155 50.36 -54.31 -37.07
C ALA B 155 50.10 -55.02 -35.75
N ASP B 156 50.46 -56.29 -35.71
CA ASP B 156 50.50 -57.15 -34.52
C ASP B 156 49.14 -57.50 -33.93
N SER B 157 48.11 -56.69 -34.18
CA SER B 157 46.75 -57.13 -33.91
C SER B 157 45.74 -56.38 -34.78
N SER B 158 46.24 -55.43 -35.58
CA SER B 158 45.35 -54.37 -36.04
C SER B 158 45.70 -53.90 -37.44
N PRO B 159 44.69 -53.60 -38.25
CA PRO B 159 44.96 -53.17 -39.63
C PRO B 159 45.63 -51.80 -39.67
N VAL B 160 46.46 -51.62 -40.68
CA VAL B 160 47.21 -50.38 -40.87
C VAL B 160 46.50 -49.55 -41.93
N LYS B 161 46.74 -48.24 -41.92
CA LYS B 161 45.93 -47.36 -42.75
C LYS B 161 46.53 -47.10 -44.13
N ALA B 162 47.70 -46.48 -44.18
CA ALA B 162 48.35 -46.11 -45.42
C ALA B 162 49.73 -46.73 -45.47
N GLY B 163 50.47 -46.42 -46.52
CA GLY B 163 51.75 -47.04 -46.71
C GLY B 163 51.67 -48.33 -47.47
N VAL B 164 50.49 -48.70 -47.93
CA VAL B 164 50.29 -49.94 -48.68
C VAL B 164 49.81 -49.60 -50.08
N GLU B 165 50.48 -50.17 -51.07
CA GLU B 165 50.10 -50.06 -52.47
C GLU B 165 50.13 -51.46 -53.06
N THR B 166 49.08 -51.81 -53.77
CA THR B 166 48.92 -53.17 -54.26
C THR B 166 48.67 -53.17 -55.75
N THR B 167 49.32 -54.10 -56.45
CA THR B 167 49.13 -54.21 -57.89
C THR B 167 47.83 -54.92 -58.21
N THR B 168 47.32 -54.63 -59.37
CA THR B 168 46.20 -55.43 -59.83
C THR B 168 46.72 -56.78 -60.33
N PRO B 169 45.92 -57.84 -60.19
CA PRO B 169 46.38 -59.16 -60.65
C PRO B 169 46.71 -59.15 -62.14
N SER B 170 47.69 -59.97 -62.51
CA SER B 170 48.09 -60.15 -63.89
C SER B 170 48.08 -61.63 -64.25
N LYS B 171 47.70 -61.95 -65.48
CA LYS B 171 47.60 -63.36 -65.88
C LYS B 171 48.99 -63.93 -66.08
N GLN B 172 49.23 -65.11 -65.51
CA GLN B 172 50.52 -65.77 -65.58
C GLN B 172 50.66 -66.51 -66.91
N SER B 173 51.69 -67.35 -67.02
CA SER B 173 51.85 -68.15 -68.22
C SER B 173 50.80 -69.25 -68.29
N ASN B 174 50.36 -69.78 -67.15
CA ASN B 174 49.44 -70.90 -67.10
C ASN B 174 48.01 -70.51 -66.81
N ASN B 175 47.59 -69.33 -67.25
CA ASN B 175 46.22 -68.85 -67.11
C ASN B 175 45.73 -68.78 -65.67
N LYS B 176 46.64 -68.87 -64.70
CA LYS B 176 46.35 -68.48 -63.33
C LYS B 176 46.58 -66.97 -63.21
N TYR B 177 46.63 -66.46 -61.98
CA TYR B 177 46.80 -65.03 -61.78
C TYR B 177 47.76 -64.78 -60.61
N ALA B 178 48.39 -63.60 -60.63
CA ALA B 178 49.32 -63.22 -59.59
C ALA B 178 49.31 -61.69 -59.43
N ALA B 179 49.61 -61.25 -58.21
CA ALA B 179 49.68 -59.83 -57.91
C ALA B 179 50.63 -59.62 -56.74
N SER B 180 50.94 -58.35 -56.49
CA SER B 180 51.95 -58.00 -55.51
C SER B 180 51.49 -56.80 -54.70
N SER B 181 51.96 -56.74 -53.45
CA SER B 181 51.60 -55.68 -52.51
C SER B 181 52.80 -55.33 -51.63
N TYR B 182 52.96 -54.04 -51.35
CA TYR B 182 54.11 -53.52 -50.62
C TYR B 182 53.64 -52.67 -49.45
N LEU B 183 54.43 -52.68 -48.38
CA LEU B 183 54.15 -51.90 -47.18
C LEU B 183 55.28 -50.89 -46.94
N SER B 184 54.93 -49.61 -46.90
CA SER B 184 55.91 -48.54 -46.70
C SER B 184 55.92 -48.12 -45.23
N LEU B 185 57.08 -48.23 -44.60
CA LEU B 185 57.24 -47.93 -43.19
C LEU B 185 58.49 -47.08 -42.97
N THR B 186 58.55 -46.51 -41.81
CA THR B 186 59.72 -45.80 -41.35
C THR B 186 60.56 -46.68 -40.44
N PRO B 187 61.87 -46.43 -40.34
CA PRO B 187 62.71 -47.26 -39.46
C PRO B 187 62.25 -47.33 -38.02
N GLU B 188 61.78 -46.21 -37.46
CA GLU B 188 61.26 -46.25 -36.10
C GLU B 188 60.00 -47.11 -36.02
N GLN B 189 59.17 -47.07 -37.07
CA GLN B 189 58.00 -47.94 -37.12
C GLN B 189 58.37 -49.41 -37.14
N TRP B 190 59.46 -49.75 -37.84
CA TRP B 190 59.81 -51.16 -38.02
C TRP B 190 60.33 -51.76 -36.73
N LYS B 191 61.32 -51.13 -36.12
CA LYS B 191 61.94 -51.69 -34.92
C LYS B 191 61.09 -51.51 -33.65
N SER B 192 59.98 -50.76 -33.71
CA SER B 192 59.16 -50.53 -32.52
C SER B 192 58.01 -51.51 -32.36
N HIS B 193 57.72 -52.33 -33.35
CA HIS B 193 56.70 -53.35 -33.23
C HIS B 193 57.33 -54.73 -33.16
N ARG B 194 56.54 -55.72 -32.71
CA ARG B 194 57.06 -57.08 -32.57
C ARG B 194 57.03 -57.82 -33.89
N SER B 195 55.99 -57.61 -34.69
CA SER B 195 55.83 -58.31 -35.96
C SER B 195 54.74 -57.63 -36.78
N TYR B 196 54.85 -57.81 -38.09
CA TYR B 196 53.84 -57.37 -39.04
C TYR B 196 53.29 -58.57 -39.78
N SER B 197 52.13 -58.41 -40.40
CA SER B 197 51.53 -59.54 -41.10
C SER B 197 50.91 -59.09 -42.41
N CYS B 198 51.10 -59.94 -43.41
CA CYS B 198 50.46 -59.84 -44.70
C CYS B 198 49.34 -60.87 -44.77
N GLN B 199 48.11 -60.41 -45.00
CA GLN B 199 46.93 -61.29 -45.01
C GLN B 199 46.26 -61.22 -46.37
N VAL B 200 46.33 -62.31 -47.12
CA VAL B 200 45.72 -62.42 -48.45
C VAL B 200 44.40 -63.16 -48.32
N THR B 201 43.37 -62.64 -48.97
CA THR B 201 42.02 -63.20 -48.89
C THR B 201 41.54 -63.60 -50.28
N HIS B 202 41.20 -64.87 -50.44
CA HIS B 202 40.61 -65.41 -51.66
C HIS B 202 39.18 -65.85 -51.38
N GLU B 203 38.48 -66.28 -52.44
CA GLU B 203 37.06 -66.60 -52.35
C GLU B 203 36.71 -67.45 -51.14
N GLY B 204 37.34 -68.61 -50.99
CA GLY B 204 37.00 -69.45 -49.86
C GLY B 204 38.23 -69.87 -49.08
N SER B 205 39.21 -68.99 -48.98
CA SER B 205 40.45 -69.34 -48.31
C SER B 205 41.17 -68.07 -47.90
N THR B 206 42.00 -68.17 -46.84
CA THR B 206 42.72 -67.02 -46.33
C THR B 206 44.10 -67.45 -45.85
N VAL B 207 45.12 -66.66 -46.19
CA VAL B 207 46.51 -66.95 -45.84
C VAL B 207 47.12 -65.73 -45.18
N GLU B 208 47.79 -65.94 -44.03
CA GLU B 208 48.48 -64.88 -43.30
C GLU B 208 49.92 -65.29 -43.05
N LYS B 209 50.86 -64.49 -43.55
CA LYS B 209 52.28 -64.66 -43.27
C LYS B 209 52.75 -63.49 -42.41
N THR B 210 53.68 -63.77 -41.49
CA THR B 210 54.09 -62.84 -40.46
C THR B 210 55.61 -62.77 -40.38
N VAL B 211 56.15 -61.55 -40.33
CA VAL B 211 57.59 -61.34 -40.22
C VAL B 211 57.86 -60.38 -39.06
N ALA B 212 59.07 -60.46 -38.52
CA ALA B 212 59.44 -59.72 -37.33
C ALA B 212 60.83 -59.12 -37.49
N PRO B 213 61.07 -58.00 -36.85
CA PRO B 213 62.40 -57.37 -36.89
C PRO B 213 63.42 -58.06 -35.99
N THR B 214 62.95 -58.73 -34.96
CA THR B 214 63.85 -59.43 -34.06
C THR B 214 64.33 -60.77 -34.65
N ILE C 1 -17.15 37.53 23.57
CA ILE C 1 -16.00 38.13 22.91
C ILE C 1 -15.29 37.07 22.09
N ARG C 2 -15.80 35.84 22.13
CA ARG C 2 -15.15 34.76 21.44
C ARG C 2 -15.42 34.75 19.94
N CYS C 3 -16.49 35.40 19.49
CA CYS C 3 -16.77 35.49 18.06
C CYS C 3 -15.85 36.47 17.32
N ILE C 4 -15.12 37.31 18.03
CA ILE C 4 -14.26 38.31 17.39
C ILE C 4 -13.05 37.60 16.77
N GLY C 5 -13.00 37.57 15.45
CA GLY C 5 -11.89 36.97 14.73
C GLY C 5 -12.24 35.82 13.81
N VAL C 6 -13.46 35.29 13.86
CA VAL C 6 -13.87 34.19 13.00
C VAL C 6 -14.40 34.75 11.69
N SER C 7 -13.99 34.17 10.56
CA SER C 7 -14.45 34.62 9.26
C SER C 7 -15.88 34.18 8.98
N ASN C 8 -16.30 33.03 9.50
CA ASN C 8 -17.69 32.58 9.38
C ASN C 8 -18.50 33.08 10.58
N ARG C 9 -18.78 34.38 10.55
CA ARG C 9 -19.54 35.06 11.59
C ARG C 9 -20.76 35.72 10.96
N ASP C 10 -21.94 35.48 11.53
CA ASP C 10 -23.20 35.96 10.98
C ASP C 10 -23.87 36.84 12.03
N PHE C 11 -24.32 38.03 11.61
CA PHE C 11 -24.94 38.99 12.52
C PHE C 11 -26.45 39.00 12.28
N VAL C 12 -27.22 38.67 13.32
CA VAL C 12 -28.68 38.66 13.26
C VAL C 12 -29.24 39.64 14.29
N GLU C 13 -30.31 40.33 13.90
CA GLU C 13 -31.02 41.25 14.79
C GLU C 13 -32.50 40.95 14.67
N GLY C 14 -33.07 40.35 15.71
CA GLY C 14 -34.47 39.98 15.68
C GLY C 14 -35.40 41.17 15.70
N MET C 15 -36.67 40.89 15.38
CA MET C 15 -37.68 41.93 15.37
C MET C 15 -37.88 42.47 16.78
N SER C 16 -38.36 43.71 16.85
CA SER C 16 -38.59 44.36 18.14
C SER C 16 -39.85 43.80 18.80
N GLY C 17 -39.67 43.21 19.99
CA GLY C 17 -40.73 42.66 20.79
C GLY C 17 -40.96 41.17 20.62
N GLY C 18 -40.63 40.62 19.45
CA GLY C 18 -40.82 39.21 19.23
C GLY C 18 -39.89 38.37 20.10
N THR C 19 -40.34 37.16 20.41
CA THR C 19 -39.61 36.26 21.28
C THR C 19 -38.79 35.22 20.52
N TRP C 20 -39.24 34.83 19.34
CA TRP C 20 -38.60 33.77 18.57
C TRP C 20 -37.60 34.35 17.59
N VAL C 21 -36.44 33.71 17.49
CA VAL C 21 -35.37 34.10 16.58
C VAL C 21 -34.78 32.83 15.96
N ASP C 22 -34.84 32.74 14.63
CA ASP C 22 -34.29 31.60 13.92
C ASP C 22 -32.85 31.90 13.49
N VAL C 23 -31.94 31.00 13.82
CA VAL C 23 -30.53 31.12 13.48
C VAL C 23 -30.06 29.78 12.91
N VAL C 24 -29.00 29.85 12.11
CA VAL C 24 -28.42 28.66 11.49
C VAL C 24 -26.99 28.53 12.00
N LEU C 25 -26.75 27.49 12.81
CA LEU C 25 -25.48 27.28 13.48
C LEU C 25 -24.65 26.28 12.67
N GLU C 26 -23.46 26.70 12.27
CA GLU C 26 -22.53 25.87 11.52
C GLU C 26 -21.43 25.37 12.43
N HIS C 27 -20.76 24.32 11.97
CA HIS C 27 -19.64 23.75 12.71
C HIS C 27 -18.42 24.67 12.61
N GLY C 28 -17.77 24.93 13.75
CA GLY C 28 -16.67 25.86 13.78
C GLY C 28 -17.04 27.31 13.59
N GLY C 29 -18.31 27.63 13.30
CA GLY C 29 -18.73 29.00 13.13
C GLY C 29 -19.29 29.60 14.41
N CYS C 30 -19.52 30.92 14.36
CA CYS C 30 -19.94 31.70 15.52
C CYS C 30 -21.09 32.59 15.09
N VAL C 31 -22.17 32.61 15.88
CA VAL C 31 -23.33 33.43 15.58
C VAL C 31 -23.56 34.41 16.70
N THR C 32 -23.64 35.70 16.36
CA THR C 32 -23.87 36.77 17.31
C THR C 32 -25.29 37.28 17.12
N VAL C 33 -26.10 37.13 18.14
CA VAL C 33 -27.48 37.60 18.10
C VAL C 33 -27.58 38.90 18.91
N MET C 34 -28.33 39.86 18.38
CA MET C 34 -28.57 41.13 19.04
C MET C 34 -30.05 41.46 18.93
N ALA C 35 -30.56 42.19 19.91
CA ALA C 35 -31.96 42.56 19.91
C ALA C 35 -32.14 43.84 20.71
N GLN C 36 -33.18 44.59 20.35
CA GLN C 36 -33.52 45.80 21.10
C GLN C 36 -33.84 45.45 22.54
N ASP C 37 -33.25 46.20 23.47
CA ASP C 37 -33.49 46.04 24.90
C ASP C 37 -33.11 44.65 25.39
N LYS C 38 -32.24 43.94 24.67
CA LYS C 38 -31.79 42.59 25.03
C LYS C 38 -30.30 42.50 24.80
N PRO C 39 -29.59 41.75 25.64
CA PRO C 39 -28.12 41.74 25.57
C PRO C 39 -27.63 40.99 24.34
N THR C 40 -26.37 41.22 24.02
CA THR C 40 -25.70 40.55 22.91
C THR C 40 -25.16 39.21 23.38
N VAL C 41 -25.67 38.12 22.79
CA VAL C 41 -25.28 36.77 23.21
C VAL C 41 -24.72 36.01 22.02
N ASP C 42 -23.62 35.29 22.26
CA ASP C 42 -22.93 34.50 21.25
C ASP C 42 -23.33 33.03 21.39
N ILE C 43 -23.78 32.44 20.29
CA ILE C 43 -24.17 31.03 20.26
C ILE C 43 -23.34 30.33 19.19
N GLU C 44 -22.74 29.21 19.56
CA GLU C 44 -21.79 28.52 18.70
C GLU C 44 -21.98 27.03 18.78
N LEU C 45 -21.94 26.36 17.63
CA LEU C 45 -21.88 24.91 17.58
C LEU C 45 -20.43 24.46 17.77
N VAL C 46 -20.19 23.64 18.79
CA VAL C 46 -18.82 23.26 19.13
C VAL C 46 -18.42 21.95 18.48
N THR C 47 -19.10 20.86 18.81
CA THR C 47 -18.68 19.55 18.35
C THR C 47 -19.88 18.64 18.13
N THR C 48 -19.75 17.77 17.14
CA THR C 48 -20.75 16.78 16.79
C THR C 48 -20.31 15.42 17.30
N THR C 49 -21.12 14.81 18.17
CA THR C 49 -20.76 13.57 18.87
C THR C 49 -21.80 12.49 18.60
N VAL C 50 -21.35 11.35 18.05
CA VAL C 50 -22.22 10.20 17.78
C VAL C 50 -21.74 9.02 18.63
N SER C 51 -22.66 8.40 19.36
CA SER C 51 -22.35 7.30 20.26
C SER C 51 -23.07 6.03 19.81
N ASN C 52 -22.65 4.90 20.37
CA ASN C 52 -23.30 3.61 20.19
C ASN C 52 -23.50 3.26 18.72
N MET C 53 -22.39 3.17 18.00
CA MET C 53 -22.43 2.84 16.58
C MET C 53 -22.50 1.34 16.37
N ALA C 54 -23.23 0.94 15.33
CA ALA C 54 -23.45 -0.47 15.02
C ALA C 54 -22.78 -0.82 13.69
N GLU C 55 -22.13 -1.97 13.66
CA GLU C 55 -21.43 -2.44 12.47
C GLU C 55 -22.40 -2.97 11.43
N VAL C 56 -22.05 -2.77 10.15
CA VAL C 56 -22.83 -3.25 9.02
C VAL C 56 -22.07 -4.30 8.22
N ARG C 57 -20.84 -3.97 7.80
CA ARG C 57 -20.06 -4.85 6.95
C ARG C 57 -18.58 -4.51 7.10
N SER C 58 -17.74 -5.53 7.12
CA SER C 58 -16.29 -5.37 7.22
C SER C 58 -15.64 -5.85 5.93
N TYR C 59 -14.74 -5.04 5.39
CA TYR C 59 -14.04 -5.36 4.15
C TYR C 59 -12.56 -5.63 4.45
N CYS C 60 -11.99 -6.57 3.70
CA CYS C 60 -10.59 -6.95 3.84
C CYS C 60 -9.77 -6.34 2.71
N TYR C 61 -8.69 -5.62 3.08
CA TYR C 61 -7.83 -4.95 2.12
C TYR C 61 -6.39 -5.45 2.12
N GLU C 62 -6.00 -6.26 3.12
CA GLU C 62 -4.65 -6.82 3.20
C GLU C 62 -4.78 -8.26 3.68
N ALA C 63 -4.45 -9.22 2.83
CA ALA C 63 -4.62 -10.64 3.11
C ALA C 63 -3.31 -11.38 2.84
N SER C 64 -3.32 -12.67 3.14
CA SER C 64 -2.16 -13.52 2.92
C SER C 64 -2.62 -14.94 2.61
N ILE C 65 -1.88 -15.62 1.72
CA ILE C 65 -2.23 -16.97 1.30
C ILE C 65 -1.14 -17.93 1.77
N SER C 66 -1.55 -19.19 1.97
CA SER C 66 -0.63 -20.26 2.33
C SER C 66 -1.28 -21.59 1.98
N ASP C 67 -0.45 -22.63 1.93
CA ASP C 67 -0.90 -24.01 1.69
C ASP C 67 -1.72 -24.11 0.41
N MET C 68 -1.09 -23.73 -0.70
CA MET C 68 -1.72 -23.79 -2.02
C MET C 68 -1.51 -25.17 -2.65
N ALA C 69 -2.60 -25.74 -3.17
CA ALA C 69 -2.59 -27.08 -3.75
C ALA C 69 -3.45 -27.11 -5.02
N SER C 70 -3.24 -28.16 -5.82
CA SER C 70 -3.97 -28.32 -7.07
C SER C 70 -4.12 -29.81 -7.38
N ASP C 71 -5.07 -30.12 -8.28
CA ASP C 71 -5.30 -31.49 -8.70
C ASP C 71 -5.82 -31.51 -10.13
N SER C 72 -5.29 -32.44 -10.93
CA SER C 72 -5.62 -32.54 -12.35
C SER C 72 -6.11 -33.95 -12.68
N ARG C 73 -6.88 -34.04 -13.77
CA ARG C 73 -7.46 -35.29 -14.24
C ARG C 73 -7.37 -35.37 -15.76
N CYS C 74 -7.43 -36.60 -16.28
CA CYS C 74 -7.40 -36.84 -17.72
C CYS C 74 -8.77 -36.57 -18.35
N PRO C 75 -8.81 -36.34 -19.67
CA PRO C 75 -10.11 -36.13 -20.33
C PRO C 75 -11.02 -37.33 -20.19
N THR C 76 -12.32 -37.05 -20.07
CA THR C 76 -13.38 -38.03 -19.90
C THR C 76 -13.25 -38.82 -18.59
N GLN C 77 -12.43 -38.34 -17.67
CA GLN C 77 -12.24 -38.96 -16.36
C GLN C 77 -12.96 -38.21 -15.23
N GLY C 78 -13.92 -37.36 -15.55
CA GLY C 78 -14.65 -36.62 -14.54
C GLY C 78 -13.89 -35.38 -14.11
N GLU C 79 -14.55 -34.61 -13.23
CA GLU C 79 -13.98 -33.37 -12.73
C GLU C 79 -12.94 -33.64 -11.65
N ALA C 80 -12.00 -32.70 -11.51
CA ALA C 80 -10.97 -32.80 -10.49
C ALA C 80 -11.51 -32.33 -9.14
N TYR C 81 -11.05 -32.98 -8.08
CA TYR C 81 -11.52 -32.65 -6.74
C TYR C 81 -10.37 -32.81 -5.76
N LEU C 82 -10.29 -31.86 -4.82
CA LEU C 82 -9.37 -31.91 -3.70
C LEU C 82 -10.16 -31.85 -2.40
N ASP C 83 -9.49 -32.23 -1.31
CA ASP C 83 -10.13 -32.20 -0.01
C ASP C 83 -10.46 -30.76 0.41
N LYS C 84 -9.69 -29.78 -0.07
CA LYS C 84 -9.85 -28.40 0.34
C LYS C 84 -11.12 -27.76 -0.22
N GLN C 85 -11.74 -28.37 -1.23
CA GLN C 85 -12.97 -27.81 -1.81
C GLN C 85 -14.11 -27.76 -0.82
N SER C 86 -14.06 -28.55 0.24
CA SER C 86 -15.13 -28.61 1.23
C SER C 86 -14.98 -27.58 2.35
N ASP C 87 -13.90 -26.80 2.37
CA ASP C 87 -13.66 -25.83 3.43
C ASP C 87 -13.97 -24.43 2.92
N THR C 88 -14.82 -23.70 3.65
CA THR C 88 -15.19 -22.35 3.27
C THR C 88 -14.07 -21.34 3.48
N GLN C 89 -12.97 -21.74 4.11
CA GLN C 89 -11.81 -20.87 4.30
C GLN C 89 -10.94 -20.77 3.05
N TYR C 90 -11.12 -21.67 2.10
CA TYR C 90 -10.35 -21.69 0.87
C TYR C 90 -11.16 -21.12 -0.29
N VAL C 91 -10.45 -20.63 -1.30
CA VAL C 91 -11.05 -20.16 -2.55
C VAL C 91 -10.59 -21.08 -3.67
N CYS C 92 -11.55 -21.65 -4.40
CA CYS C 92 -11.24 -22.59 -5.46
C CYS C 92 -11.96 -22.17 -6.74
N LYS C 93 -11.35 -22.49 -7.89
CA LYS C 93 -11.95 -22.21 -9.18
C LYS C 93 -11.51 -23.30 -10.15
N ARG C 94 -12.43 -23.77 -10.99
CA ARG C 94 -12.18 -24.87 -11.92
C ARG C 94 -12.12 -24.36 -13.34
N THR C 95 -11.23 -24.94 -14.14
CA THR C 95 -11.03 -24.55 -15.52
C THR C 95 -10.86 -25.82 -16.35
N LEU C 96 -10.67 -25.62 -17.65
CA LEU C 96 -10.44 -26.72 -18.59
C LEU C 96 -9.17 -26.41 -19.37
N VAL C 97 -8.17 -27.26 -19.25
CA VAL C 97 -6.91 -27.08 -19.98
C VAL C 97 -6.74 -28.24 -20.94
N ASP C 98 -6.09 -27.96 -22.06
CA ASP C 98 -5.92 -28.96 -23.10
C ASP C 98 -5.00 -30.08 -22.62
N ARG C 99 -5.38 -31.31 -22.90
CA ARG C 99 -4.59 -32.48 -22.54
C ARG C 99 -4.45 -33.42 -23.73
N GLY C 100 -3.38 -34.21 -23.70
CA GLY C 100 -3.13 -35.16 -24.76
C GLY C 100 -2.08 -36.16 -24.37
N TRP C 101 -1.46 -36.76 -25.39
CA TRP C 101 -0.40 -37.74 -25.16
C TRP C 101 0.86 -37.09 -24.61
N GLY C 102 1.13 -35.84 -25.01
CA GLY C 102 2.31 -35.16 -24.50
C GLY C 102 2.20 -34.79 -23.04
N ASN C 103 0.99 -34.83 -22.47
CA ASN C 103 0.76 -34.46 -21.08
C ASN C 103 0.64 -35.66 -20.13
N GLY C 104 0.43 -36.87 -20.66
CA GLY C 104 0.38 -38.05 -19.82
C GLY C 104 -0.96 -38.76 -19.81
N CYS C 105 -1.87 -38.36 -20.69
CA CYS C 105 -3.17 -38.99 -20.78
C CYS C 105 -3.30 -39.68 -22.13
N GLY C 106 -4.19 -40.67 -22.18
CA GLY C 106 -4.35 -41.45 -23.39
C GLY C 106 -5.27 -40.85 -24.43
N LEU C 107 -6.01 -39.80 -24.08
CA LEU C 107 -6.96 -39.18 -25.00
C LEU C 107 -6.74 -37.68 -25.06
N PHE C 108 -7.05 -37.09 -26.21
CA PHE C 108 -6.96 -35.65 -26.38
C PHE C 108 -8.32 -35.02 -26.11
N GLY C 109 -8.31 -33.92 -25.38
CA GLY C 109 -9.53 -33.22 -25.07
C GLY C 109 -9.32 -32.29 -23.90
N LYS C 110 -10.43 -31.66 -23.49
CA LYS C 110 -10.40 -30.72 -22.38
C LYS C 110 -10.35 -31.48 -21.07
N GLY C 111 -9.33 -31.21 -20.26
CA GLY C 111 -9.17 -31.82 -18.95
C GLY C 111 -9.53 -30.84 -17.85
N SER C 112 -10.25 -31.33 -16.85
CA SER C 112 -10.70 -30.49 -15.75
C SER C 112 -9.57 -30.28 -14.75
N LEU C 113 -9.46 -29.05 -14.25
CA LEU C 113 -8.40 -28.70 -13.31
C LEU C 113 -8.98 -27.80 -12.23
N VAL C 114 -8.61 -28.07 -10.97
CA VAL C 114 -9.09 -27.33 -9.82
C VAL C 114 -7.89 -26.82 -9.03
N THR C 115 -8.00 -25.61 -8.49
CA THR C 115 -6.94 -24.99 -7.71
C THR C 115 -7.54 -24.28 -6.50
N CYS C 116 -7.04 -24.61 -5.31
CA CYS C 116 -7.52 -24.06 -4.07
C CYS C 116 -6.39 -23.37 -3.32
N ALA C 117 -6.74 -22.41 -2.47
CA ALA C 117 -5.77 -21.70 -1.65
C ALA C 117 -6.46 -21.21 -0.39
N LYS C 118 -5.69 -21.09 0.69
CA LYS C 118 -6.25 -20.65 1.96
C LYS C 118 -6.30 -19.12 2.02
N PHE C 119 -7.49 -18.58 2.31
CA PHE C 119 -7.70 -17.15 2.44
C PHE C 119 -7.71 -16.76 3.91
N ALA C 120 -6.82 -15.83 4.29
CA ALA C 120 -6.74 -15.34 5.65
C ALA C 120 -6.46 -13.85 5.61
N CYS C 121 -7.25 -13.08 6.37
CA CYS C 121 -7.17 -11.63 6.34
C CYS C 121 -6.22 -11.13 7.42
N SER C 122 -5.31 -10.24 7.05
CA SER C 122 -4.31 -9.66 7.95
C SER C 122 -4.73 -8.30 8.51
N LYS C 123 -5.07 -7.35 7.63
CA LYS C 123 -5.53 -6.02 8.03
C LYS C 123 -6.86 -5.74 7.36
N LYS C 124 -7.82 -5.25 8.14
CA LYS C 124 -9.18 -5.04 7.67
C LYS C 124 -9.68 -3.67 8.10
N MET C 125 -10.66 -3.17 7.35
CA MET C 125 -11.39 -1.98 7.74
C MET C 125 -12.81 -2.38 8.12
N THR C 126 -13.43 -1.53 8.94
CA THR C 126 -14.74 -1.81 9.51
C THR C 126 -15.68 -0.66 9.24
N GLY C 127 -16.88 -0.97 8.75
CA GLY C 127 -17.91 0.02 8.53
C GLY C 127 -18.94 -0.05 9.64
N LYS C 128 -19.30 1.13 10.17
CA LYS C 128 -20.25 1.23 11.27
C LYS C 128 -21.40 2.15 10.87
N SER C 129 -22.59 1.82 11.37
CA SER C 129 -23.79 2.59 11.15
C SER C 129 -24.05 3.57 12.28
N ILE C 130 -24.73 4.66 11.96
CA ILE C 130 -25.08 5.71 12.90
C ILE C 130 -26.57 5.62 13.17
N GLN C 131 -26.92 5.35 14.42
CA GLN C 131 -28.34 5.34 14.78
C GLN C 131 -28.81 6.75 15.09
N PRO C 132 -29.93 7.20 14.52
CA PRO C 132 -30.34 8.60 14.72
C PRO C 132 -30.62 8.92 16.16
N GLU C 133 -31.06 7.94 16.96
CA GLU C 133 -31.32 8.19 18.37
C GLU C 133 -30.03 8.46 19.13
N ASN C 134 -28.93 7.85 18.70
CA ASN C 134 -27.64 8.06 19.34
C ASN C 134 -26.86 9.13 18.58
N LEU C 135 -27.30 10.38 18.80
CA LEU C 135 -26.69 11.53 18.15
C LEU C 135 -26.70 12.69 19.14
N GLU C 136 -25.56 13.36 19.31
CA GLU C 136 -25.39 14.35 20.37
C GLU C 136 -24.67 15.59 19.84
N TYR C 137 -25.30 16.75 20.02
CA TYR C 137 -24.72 18.03 19.63
C TYR C 137 -24.33 18.83 20.86
N ARG C 138 -23.27 19.62 20.71
CA ARG C 138 -22.74 20.44 21.80
C ARG C 138 -22.72 21.91 21.37
N ILE C 139 -23.47 22.75 22.09
CA ILE C 139 -23.62 24.18 21.80
C ILE C 139 -23.16 24.99 22.99
N MET C 140 -22.45 26.08 22.72
CA MET C 140 -21.94 26.98 23.76
C MET C 140 -22.62 28.34 23.70
N LEU C 141 -23.02 28.85 24.85
CA LEU C 141 -23.63 30.17 24.96
C LEU C 141 -22.73 31.08 25.81
N SER C 142 -22.67 32.34 25.40
CA SER C 142 -21.76 33.29 26.04
C SER C 142 -22.25 34.69 25.70
N VAL C 143 -22.17 35.59 26.67
CA VAL C 143 -22.60 36.96 26.50
C VAL C 143 -21.40 37.89 26.45
N HIS C 144 -21.50 38.94 25.66
CA HIS C 144 -20.45 39.95 25.60
C HIS C 144 -20.48 40.87 26.82
N GLY C 145 -19.31 41.33 27.23
CA GLY C 145 -19.19 42.38 28.23
C GLY C 145 -18.26 42.10 29.39
N SER C 146 -18.23 40.87 29.89
CA SER C 146 -17.32 40.43 30.93
C SER C 146 -16.47 39.28 30.36
N GLN C 147 -15.75 38.59 31.25
CA GLN C 147 -14.90 37.45 30.89
C GLN C 147 -13.79 37.88 29.92
N HIS C 148 -12.88 38.66 30.48
CA HIS C 148 -11.75 39.21 29.73
C HIS C 148 -10.78 38.14 29.23
N SER C 149 -9.71 38.59 28.55
CA SER C 149 -8.84 37.72 27.77
C SER C 149 -8.24 36.54 28.56
N GLY C 150 -8.30 36.55 29.88
CA GLY C 150 -7.61 35.50 30.63
C GLY C 150 -8.22 34.12 30.50
N MET C 151 -9.44 34.00 29.96
CA MET C 151 -10.10 32.71 29.79
C MET C 151 -10.18 32.30 28.32
N ILE C 152 -9.33 32.90 27.46
CA ILE C 152 -9.36 32.59 26.03
C ILE C 152 -8.97 31.14 25.77
N VAL C 153 -7.89 30.67 26.40
CA VAL C 153 -7.47 29.28 26.29
C VAL C 153 -7.71 28.59 27.63
N ASN C 154 -8.87 27.94 27.76
CA ASN C 154 -9.29 27.34 29.03
C ASN C 154 -10.30 26.25 28.70
N ASP C 155 -9.99 24.99 29.05
CA ASP C 155 -10.90 23.87 28.81
C ASP C 155 -11.14 22.98 30.03
N THR C 156 -10.58 23.32 31.18
CA THR C 156 -10.87 22.62 32.42
C THR C 156 -11.43 23.63 33.43
N GLY C 157 -12.48 23.24 34.13
CA GLY C 157 -13.12 24.12 35.10
C GLY C 157 -14.21 25.00 34.55
N HIS C 158 -14.95 24.52 33.54
CA HIS C 158 -16.05 25.29 32.97
C HIS C 158 -17.29 25.33 33.84
N GLU C 159 -17.43 24.42 34.82
CA GLU C 159 -18.55 24.51 35.74
C GLU C 159 -18.37 25.65 36.73
N THR C 160 -17.12 26.05 37.00
CA THR C 160 -16.84 27.14 37.92
C THR C 160 -16.89 28.52 37.27
N ASP C 161 -16.58 28.60 35.97
CA ASP C 161 -16.62 29.88 35.25
C ASP C 161 -18.06 30.11 34.80
N GLU C 162 -18.77 30.97 35.54
CA GLU C 162 -20.21 31.16 35.37
C GLU C 162 -20.59 31.98 34.14
N ASN C 163 -19.63 32.60 33.46
CA ASN C 163 -19.99 33.39 32.28
C ASN C 163 -20.41 32.51 31.11
N ARG C 164 -19.88 31.28 31.03
CA ARG C 164 -20.17 30.34 29.95
C ARG C 164 -21.09 29.23 30.44
N ALA C 165 -21.86 28.67 29.52
CA ALA C 165 -22.76 27.57 29.83
C ALA C 165 -22.77 26.55 28.69
N LYS C 166 -22.88 25.26 29.07
CA LYS C 166 -22.91 24.16 28.11
C LYS C 166 -24.33 23.64 27.93
N VAL C 167 -24.75 23.49 26.68
CA VAL C 167 -26.05 22.93 26.33
C VAL C 167 -25.82 21.82 25.33
N GLU C 168 -26.50 20.68 25.54
CA GLU C 168 -26.34 19.53 24.67
C GLU C 168 -27.69 19.06 24.18
N ILE C 169 -27.85 18.96 22.85
CA ILE C 169 -29.13 18.66 22.23
C ILE C 169 -29.01 17.35 21.47
N THR C 170 -29.96 16.44 21.69
CA THR C 170 -30.08 15.19 20.97
C THR C 170 -31.49 15.09 20.41
N PRO C 171 -31.71 14.21 19.42
CA PRO C 171 -33.09 13.95 18.98
C PRO C 171 -33.97 13.40 20.10
N ASN C 172 -33.38 12.93 21.20
CA ASN C 172 -34.19 12.47 22.33
C ASN C 172 -34.68 13.65 23.17
N SER C 173 -33.97 14.78 23.15
CA SER C 173 -34.39 15.97 23.87
C SER C 173 -33.93 17.18 23.09
N PRO C 174 -34.71 17.63 22.10
CA PRO C 174 -34.33 18.79 21.31
C PRO C 174 -34.51 20.13 22.01
N ARG C 175 -34.93 20.16 23.28
CA ARG C 175 -35.10 21.40 24.01
C ARG C 175 -34.08 21.49 25.15
N ALA C 176 -33.72 22.73 25.49
CA ALA C 176 -32.74 22.95 26.55
C ALA C 176 -32.92 24.35 27.13
N GLU C 177 -32.58 24.48 28.41
CA GLU C 177 -32.69 25.73 29.14
C GLU C 177 -31.36 26.00 29.83
N ALA C 178 -30.72 27.12 29.49
CA ALA C 178 -29.41 27.46 30.03
C ALA C 178 -29.54 28.69 30.94
N THR C 179 -29.14 28.53 32.21
CA THR C 179 -29.12 29.63 33.16
C THR C 179 -27.84 30.44 32.97
N LEU C 180 -27.99 31.71 32.62
CA LEU C 180 -26.86 32.59 32.40
C LEU C 180 -26.68 33.59 33.54
N GLY C 181 -27.15 33.23 34.73
CA GLY C 181 -26.98 34.07 35.90
C GLY C 181 -27.66 35.42 35.82
N GLY C 182 -26.85 36.47 35.64
CA GLY C 182 -27.38 37.83 35.68
C GLY C 182 -28.38 38.14 34.58
N PHE C 183 -28.29 37.43 33.46
CA PHE C 183 -29.08 37.75 32.29
C PHE C 183 -30.32 36.87 32.12
N GLY C 184 -30.53 35.91 33.01
CA GLY C 184 -31.71 35.06 32.96
C GLY C 184 -31.42 33.71 32.31
N SER C 185 -32.26 33.31 31.38
CA SER C 185 -32.10 32.02 30.73
C SER C 185 -32.45 32.16 29.26
N LEU C 186 -31.94 31.21 28.48
CA LEU C 186 -32.14 31.18 27.05
C LEU C 186 -32.72 29.82 26.67
N GLY C 187 -33.67 29.83 25.74
CA GLY C 187 -34.29 28.60 25.26
C GLY C 187 -33.78 28.20 23.89
N LEU C 188 -33.59 26.89 23.70
CA LEU C 188 -33.17 26.32 22.42
C LEU C 188 -34.15 25.24 21.99
N ASP C 189 -34.90 25.50 20.92
CA ASP C 189 -35.75 24.50 20.26
C ASP C 189 -35.17 24.31 18.86
N CYS C 190 -34.39 23.26 18.70
CA CYS C 190 -33.69 22.97 17.46
C CYS C 190 -34.44 21.92 16.66
N GLU C 191 -33.99 21.72 15.41
CA GLU C 191 -34.61 20.78 14.47
C GLU C 191 -33.66 19.64 14.16
N PRO C 192 -33.63 18.58 14.99
CA PRO C 192 -32.64 17.52 14.76
C PRO C 192 -32.91 16.69 13.53
N ARG C 193 -34.18 16.46 13.20
CA ARG C 193 -34.52 15.59 12.08
C ARG C 193 -34.17 16.22 10.74
N THR C 194 -34.24 17.54 10.66
CA THR C 194 -33.96 18.29 9.43
C THR C 194 -32.61 19.00 9.51
N GLY C 195 -31.58 18.31 10.01
CA GLY C 195 -30.26 18.92 10.09
C GLY C 195 -29.35 18.48 8.96
N LEU C 196 -29.32 17.17 8.70
CA LEU C 196 -28.57 16.60 7.59
C LEU C 196 -28.97 15.14 7.47
N ASP C 197 -29.16 14.68 6.25
CA ASP C 197 -29.61 13.31 5.99
C ASP C 197 -28.44 12.36 6.26
N PHE C 198 -28.43 11.75 7.45
CA PHE C 198 -27.42 10.76 7.81
C PHE C 198 -27.84 9.33 7.49
N SER C 199 -29.06 9.12 6.99
CA SER C 199 -29.49 7.77 6.61
C SER C 199 -28.80 7.29 5.34
N ASP C 200 -28.33 8.21 4.50
CA ASP C 200 -27.58 7.87 3.29
C ASP C 200 -26.08 8.07 3.47
N LEU C 201 -25.62 8.17 4.71
CA LEU C 201 -24.21 8.31 5.03
C LEU C 201 -23.83 7.31 6.10
N TYR C 202 -22.64 6.72 5.96
CA TYR C 202 -22.14 5.73 6.89
C TYR C 202 -20.82 6.20 7.50
N TYR C 203 -20.48 5.61 8.64
CA TYR C 203 -19.25 5.95 9.35
C TYR C 203 -18.19 4.90 9.02
N LEU C 204 -17.13 5.33 8.35
CA LEU C 204 -16.06 4.44 7.91
C LEU C 204 -14.87 4.54 8.87
N THR C 205 -14.34 3.39 9.28
CA THR C 205 -13.21 3.31 10.19
C THR C 205 -12.07 2.58 9.49
N MET C 206 -11.04 3.33 9.09
CA MET C 206 -9.82 2.77 8.55
C MET C 206 -8.81 2.59 9.69
N ASN C 207 -7.53 2.40 9.35
CA ASN C 207 -6.48 2.16 10.35
C ASN C 207 -6.23 3.46 11.11
N ASN C 208 -7.10 3.70 12.10
CA ASN C 208 -7.07 4.86 12.99
C ASN C 208 -7.34 6.18 12.28
N LYS C 209 -7.87 6.14 11.06
CA LYS C 209 -8.30 7.32 10.33
C LYS C 209 -9.72 7.08 9.85
N HIS C 210 -10.56 8.10 9.96
CA HIS C 210 -12.00 7.89 9.81
C HIS C 210 -12.60 8.89 8.84
N TRP C 211 -13.49 8.39 7.98
CA TRP C 211 -14.17 9.18 6.97
C TRP C 211 -15.67 8.99 7.09
N LEU C 212 -16.41 9.81 6.36
CA LEU C 212 -17.86 9.70 6.25
C LEU C 212 -18.21 9.48 4.79
N VAL C 213 -18.78 8.32 4.48
CA VAL C 213 -18.99 7.91 3.10
C VAL C 213 -20.48 7.74 2.84
N HIS C 214 -20.84 7.82 1.57
CA HIS C 214 -22.23 7.60 1.15
C HIS C 214 -22.60 6.12 1.25
N LYS C 215 -23.88 5.87 1.54
CA LYS C 215 -24.30 4.50 1.87
C LYS C 215 -24.19 3.57 0.66
N GLU C 216 -24.52 4.09 -0.52
CA GLU C 216 -24.50 3.22 -1.71
C GLU C 216 -23.07 2.90 -2.14
N TRP C 217 -22.17 3.88 -2.04
CA TRP C 217 -20.79 3.65 -2.44
C TRP C 217 -20.10 2.60 -1.58
N PHE C 218 -20.46 2.51 -0.29
CA PHE C 218 -19.85 1.50 0.56
C PHE C 218 -20.35 0.10 0.23
N HIS C 219 -21.59 -0.03 -0.24
CA HIS C 219 -22.08 -1.33 -0.67
C HIS C 219 -21.45 -1.77 -1.98
N ASP C 220 -20.79 -0.85 -2.70
CA ASP C 220 -20.14 -1.12 -3.96
C ASP C 220 -18.63 -1.32 -3.81
N ILE C 221 -18.15 -1.57 -2.60
CA ILE C 221 -16.71 -1.75 -2.37
C ILE C 221 -16.27 -3.08 -2.95
N PRO C 222 -15.25 -3.11 -3.83
CA PRO C 222 -14.80 -4.38 -4.46
C PRO C 222 -13.72 -5.09 -3.66
N LEU C 223 -14.11 -5.63 -2.52
CA LEU C 223 -13.20 -6.32 -1.62
C LEU C 223 -13.95 -7.47 -0.96
N PRO C 224 -13.24 -8.46 -0.43
CA PRO C 224 -13.91 -9.55 0.29
C PRO C 224 -14.59 -9.03 1.55
N TRP C 225 -15.88 -9.37 1.69
CA TRP C 225 -16.68 -8.86 2.79
C TRP C 225 -17.39 -9.98 3.51
N HIS C 226 -17.76 -9.72 4.77
CA HIS C 226 -18.65 -10.57 5.54
C HIS C 226 -19.52 -9.67 6.41
N ALA C 227 -20.80 -10.03 6.53
CA ALA C 227 -21.75 -9.20 7.24
C ALA C 227 -21.71 -9.45 8.74
N GLY C 228 -22.15 -8.45 9.50
CA GLY C 228 -22.23 -8.58 10.94
C GLY C 228 -20.91 -8.28 11.63
N ALA C 229 -20.71 -8.94 12.77
CA ALA C 229 -19.53 -8.73 13.61
C ALA C 229 -18.25 -9.21 12.94
N PRO C 234 -13.66 -15.11 10.01
CA PRO C 234 -14.85 -15.97 9.89
C PRO C 234 -15.05 -16.46 8.46
N HIS C 235 -16.29 -16.38 7.97
CA HIS C 235 -16.64 -16.77 6.62
C HIS C 235 -16.61 -15.55 5.72
N TRP C 236 -15.65 -15.50 4.80
CA TRP C 236 -15.50 -14.36 3.90
C TRP C 236 -16.15 -14.64 2.56
N ASN C 237 -16.85 -13.64 2.04
CA ASN C 237 -17.47 -13.72 0.72
C ASN C 237 -16.68 -12.93 -0.31
N ASN C 238 -16.74 -13.39 -1.55
CA ASN C 238 -16.06 -12.74 -2.68
C ASN C 238 -14.56 -12.60 -2.40
N LYS C 239 -13.93 -13.73 -2.08
CA LYS C 239 -12.48 -13.75 -1.89
C LYS C 239 -11.75 -13.56 -3.21
N GLU C 240 -12.45 -13.74 -4.33
CA GLU C 240 -11.83 -13.64 -5.65
C GLU C 240 -11.33 -12.23 -5.94
N ALA C 241 -11.87 -11.21 -5.28
CA ALA C 241 -11.46 -9.84 -5.54
C ALA C 241 -10.01 -9.59 -5.16
N LEU C 242 -9.46 -10.38 -4.24
CA LEU C 242 -8.09 -10.17 -3.78
C LEU C 242 -7.10 -11.22 -4.28
N VAL C 243 -7.56 -12.27 -4.95
CA VAL C 243 -6.69 -13.34 -5.43
C VAL C 243 -6.79 -13.39 -6.95
N GLU C 244 -5.66 -13.16 -7.63
CA GLU C 244 -5.57 -13.20 -9.08
C GLU C 244 -5.02 -14.57 -9.48
N PHE C 245 -5.79 -15.30 -10.29
CA PHE C 245 -5.35 -16.59 -10.84
C PHE C 245 -4.84 -16.34 -12.26
N LYS C 246 -3.52 -16.33 -12.44
CA LYS C 246 -2.92 -16.05 -13.73
C LYS C 246 -2.79 -17.36 -14.52
N ASP C 247 -3.55 -17.45 -15.61
CA ASP C 247 -3.51 -18.59 -16.53
C ASP C 247 -2.57 -18.26 -17.68
N ALA C 248 -1.44 -18.96 -17.75
CA ALA C 248 -0.42 -18.70 -18.76
C ALA C 248 -0.64 -19.67 -19.93
N HIS C 249 -1.17 -19.14 -21.03
CA HIS C 249 -1.39 -19.88 -22.28
C HIS C 249 -2.31 -21.09 -22.09
N ALA C 250 -3.24 -21.00 -21.15
CA ALA C 250 -4.29 -22.02 -20.94
C ALA C 250 -3.72 -23.40 -20.62
N LYS C 251 -2.56 -23.46 -19.97
CA LYS C 251 -1.95 -24.72 -19.57
C LYS C 251 -1.67 -24.82 -18.08
N ARG C 252 -1.20 -23.75 -17.45
CA ARG C 252 -0.83 -23.76 -16.04
C ARG C 252 -1.69 -22.77 -15.28
N GLN C 253 -1.83 -23.01 -13.97
CA GLN C 253 -2.64 -22.15 -13.10
C GLN C 253 -1.89 -21.90 -11.80
N THR C 254 -1.43 -20.66 -11.61
CA THR C 254 -0.76 -20.24 -10.39
C THR C 254 -1.60 -19.20 -9.66
N VAL C 255 -1.30 -19.00 -8.37
CA VAL C 255 -2.06 -18.09 -7.52
C VAL C 255 -1.11 -17.04 -6.93
N VAL C 256 -1.52 -15.77 -7.00
CA VAL C 256 -0.73 -14.65 -6.49
C VAL C 256 -1.65 -13.73 -5.70
N VAL C 257 -1.09 -13.08 -4.67
CA VAL C 257 -1.80 -12.09 -3.88
C VAL C 257 -1.59 -10.70 -4.48
N LEU C 258 -2.62 -9.87 -4.44
CA LEU C 258 -2.52 -8.47 -4.81
C LEU C 258 -2.07 -7.64 -3.62
N GLY C 259 -1.32 -6.58 -3.90
CA GLY C 259 -0.74 -5.75 -2.86
C GLY C 259 -1.76 -5.04 -1.98
N SER C 260 -1.26 -4.26 -1.02
CA SER C 260 -2.15 -3.57 -0.10
C SER C 260 -2.95 -2.51 -0.86
N GLN C 261 -4.27 -2.54 -0.68
CA GLN C 261 -5.17 -1.60 -1.34
C GLN C 261 -5.28 -0.26 -0.62
N GLU C 262 -4.40 0.01 0.35
CA GLU C 262 -4.43 1.27 1.09
C GLU C 262 -4.38 2.47 0.15
N GLY C 263 -3.59 2.38 -0.92
CA GLY C 263 -3.56 3.45 -1.90
C GLY C 263 -4.88 3.65 -2.59
N ALA C 264 -5.52 2.55 -3.00
CA ALA C 264 -6.82 2.66 -3.67
C ALA C 264 -7.90 3.13 -2.71
N VAL C 265 -7.82 2.75 -1.43
CA VAL C 265 -8.80 3.22 -0.45
C VAL C 265 -8.63 4.71 -0.20
N HIS C 266 -7.38 5.16 -0.04
CA HIS C 266 -7.14 6.57 0.27
C HIS C 266 -7.51 7.48 -0.90
N THR C 267 -7.17 7.08 -2.12
CA THR C 267 -7.52 7.91 -3.27
C THR C 267 -9.03 8.01 -3.45
N ALA C 268 -9.76 6.96 -3.10
CA ALA C 268 -11.22 6.98 -3.23
C ALA C 268 -11.87 7.85 -2.15
N LEU C 269 -11.26 7.94 -0.97
CA LEU C 269 -11.79 8.73 0.13
C LEU C 269 -11.43 10.21 0.02
N ALA C 270 -10.72 10.61 -1.02
CA ALA C 270 -10.36 12.01 -1.22
C ALA C 270 -11.61 12.79 -1.60
N GLY C 271 -12.14 13.56 -0.66
CA GLY C 271 -13.37 14.28 -0.90
C GLY C 271 -14.37 14.03 0.21
N ALA C 272 -14.26 12.87 0.86
CA ALA C 272 -15.08 12.59 2.02
C ALA C 272 -14.59 13.36 3.23
N LEU C 273 -15.49 13.55 4.19
CA LEU C 273 -15.18 14.31 5.39
C LEU C 273 -14.44 13.45 6.40
N GLU C 274 -13.29 13.94 6.86
CA GLU C 274 -12.48 13.20 7.83
C GLU C 274 -12.99 13.43 9.25
N ALA C 275 -12.87 12.40 10.09
CA ALA C 275 -13.38 12.44 11.46
C ALA C 275 -12.37 11.79 12.39
N GLU C 276 -12.66 11.85 13.69
CA GLU C 276 -11.77 11.34 14.72
C GLU C 276 -12.57 10.57 15.76
N MET C 277 -11.89 9.63 16.42
CA MET C 277 -12.49 8.81 17.47
C MET C 277 -11.97 9.27 18.82
N ASP C 278 -12.89 9.58 19.73
CA ASP C 278 -12.55 9.92 21.11
C ASP C 278 -13.10 8.82 22.01
N GLY C 279 -12.31 7.76 22.19
CA GLY C 279 -12.74 6.62 22.98
C GLY C 279 -13.81 5.80 22.30
N ALA C 280 -15.03 5.82 22.86
CA ALA C 280 -16.16 5.11 22.30
C ALA C 280 -17.08 6.01 21.49
N LYS C 281 -17.01 7.32 21.70
CA LYS C 281 -17.76 8.29 20.94
C LYS C 281 -16.96 8.76 19.73
N GLY C 282 -17.67 9.02 18.62
CA GLY C 282 -17.05 9.53 17.41
C GLY C 282 -17.31 11.01 17.26
N ARG C 283 -16.25 11.76 16.97
CA ARG C 283 -16.33 13.21 16.80
C ARG C 283 -16.22 13.57 15.32
N LEU C 284 -17.16 14.40 14.86
CA LEU C 284 -17.23 14.86 13.48
C LEU C 284 -16.81 16.33 13.42
N SER C 285 -16.32 16.74 12.25
CA SER C 285 -15.87 18.11 12.03
C SER C 285 -16.72 18.79 10.96
N SER C 286 -17.95 18.31 10.79
CA SER C 286 -18.83 18.84 9.77
C SER C 286 -20.27 18.61 10.17
N GLY C 287 -21.17 19.35 9.53
CA GLY C 287 -22.58 19.27 9.81
C GLY C 287 -23.14 20.58 10.32
N HIS C 288 -24.33 20.94 9.87
CA HIS C 288 -25.01 22.17 10.27
C HIS C 288 -26.30 21.82 11.00
N LEU C 289 -26.88 22.84 11.64
CA LEU C 289 -28.08 22.65 12.43
C LEU C 289 -28.86 23.95 12.54
N LYS C 290 -30.15 23.90 12.22
CA LYS C 290 -31.06 25.04 12.38
C LYS C 290 -31.71 25.00 13.76
N CYS C 291 -31.78 26.17 14.40
CA CYS C 291 -32.32 26.26 15.75
C CYS C 291 -33.18 27.51 15.88
N ARG C 292 -34.09 27.45 16.83
CA ARG C 292 -34.96 28.58 17.17
C ARG C 292 -34.73 28.94 18.63
N LEU C 293 -34.45 30.23 18.89
CA LEU C 293 -34.09 30.70 20.22
C LEU C 293 -35.24 31.48 20.86
N LYS C 294 -35.48 31.21 22.15
CA LYS C 294 -36.50 31.91 22.92
C LYS C 294 -35.83 33.05 23.68
N MET C 295 -36.08 34.28 23.24
CA MET C 295 -35.46 35.46 23.80
C MET C 295 -36.18 36.01 25.02
N ASP C 296 -37.38 35.49 25.31
CA ASP C 296 -38.24 36.04 26.34
C ASP C 296 -37.52 36.14 27.69
N LYS C 297 -37.01 35.01 28.18
CA LYS C 297 -36.46 34.87 29.52
C LYS C 297 -35.08 35.50 29.66
N LEU C 298 -34.66 36.33 28.72
CA LEU C 298 -33.38 36.99 28.75
C LEU C 298 -33.58 38.43 29.24
N ARG C 299 -32.63 38.91 30.06
CA ARG C 299 -32.73 40.24 30.65
C ARG C 299 -31.36 40.91 30.64
N LEU C 300 -31.38 42.25 30.74
CA LEU C 300 -30.17 43.06 30.67
C LEU C 300 -29.62 43.26 32.09
N LYS C 301 -28.40 42.79 32.33
CA LYS C 301 -27.81 42.88 33.65
C LYS C 301 -27.29 44.29 33.86
N GLY C 302 -28.01 45.07 34.66
CA GLY C 302 -27.52 46.37 35.07
C GLY C 302 -28.01 47.55 34.26
N VAL C 303 -29.19 47.45 33.66
CA VAL C 303 -29.67 48.54 32.82
C VAL C 303 -29.91 49.81 33.60
N SER C 304 -30.09 49.71 34.92
CA SER C 304 -30.41 50.86 35.75
C SER C 304 -29.20 51.51 36.39
N TYR C 305 -27.98 51.06 36.07
CA TYR C 305 -26.81 51.68 36.66
C TYR C 305 -26.71 53.15 36.26
N SER C 306 -25.95 53.91 37.04
CA SER C 306 -25.71 55.30 36.70
C SER C 306 -24.51 55.41 35.76
N LEU C 307 -24.27 56.63 35.30
CA LEU C 307 -23.17 56.90 34.37
C LEU C 307 -21.87 57.04 35.12
N CYS C 308 -20.81 56.44 34.56
CA CYS C 308 -19.49 56.56 35.16
C CYS C 308 -18.98 57.99 35.08
N THR C 309 -18.48 58.50 36.20
CA THR C 309 -18.17 59.91 36.30
C THR C 309 -16.72 60.22 35.94
N ALA C 310 -15.77 59.36 36.34
CA ALA C 310 -14.37 59.65 36.09
C ALA C 310 -14.00 59.31 34.65
N ALA C 311 -12.72 59.48 34.35
CA ALA C 311 -12.21 59.30 33.00
C ALA C 311 -11.80 57.87 32.73
N PHE C 312 -11.58 57.59 31.46
CA PHE C 312 -11.10 56.30 31.00
C PHE C 312 -9.76 56.49 30.30
N THR C 313 -8.97 55.43 30.23
CA THR C 313 -7.68 55.45 29.56
C THR C 313 -7.58 54.21 28.69
N PHE C 314 -7.22 54.41 27.43
CA PHE C 314 -7.15 53.31 26.48
C PHE C 314 -6.05 52.33 26.85
N THR C 315 -6.41 51.05 26.95
CA THR C 315 -5.44 50.00 27.20
C THR C 315 -4.85 49.48 25.90
N LYS C 316 -5.72 49.14 24.95
CA LYS C 316 -5.30 48.70 23.63
C LYS C 316 -5.88 49.64 22.58
N ILE C 317 -5.09 49.89 21.54
CA ILE C 317 -5.49 50.82 20.49
C ILE C 317 -6.63 50.22 19.69
N PRO C 318 -7.66 51.00 19.36
CA PRO C 318 -8.80 50.45 18.60
C PRO C 318 -8.33 49.84 17.28
N ALA C 319 -8.65 48.56 17.09
CA ALA C 319 -8.29 47.84 15.88
C ALA C 319 -9.56 47.37 15.19
N GLU C 320 -9.45 47.19 13.87
CA GLU C 320 -10.58 46.78 13.05
C GLU C 320 -10.61 45.25 12.95
N THR C 321 -11.77 44.66 13.19
CA THR C 321 -11.96 43.23 13.04
C THR C 321 -12.18 42.87 11.57
N LEU C 322 -12.41 41.59 11.29
CA LEU C 322 -12.59 41.17 9.92
C LEU C 322 -13.87 41.74 9.31
N HIS C 323 -14.96 41.78 10.08
CA HIS C 323 -16.26 42.22 9.56
C HIS C 323 -16.52 43.71 9.73
N GLY C 324 -15.51 44.50 10.01
CA GLY C 324 -15.65 45.94 10.06
C GLY C 324 -15.91 46.51 11.44
N THR C 325 -16.11 45.66 12.45
CA THR C 325 -16.29 46.17 13.80
C THR C 325 -14.94 46.51 14.43
N VAL C 326 -14.99 47.40 15.42
CA VAL C 326 -13.80 47.88 16.13
C VAL C 326 -13.86 47.39 17.56
N THR C 327 -12.75 46.85 18.05
CA THR C 327 -12.64 46.43 19.44
C THR C 327 -11.75 47.42 20.18
N VAL C 328 -12.21 47.85 21.35
CA VAL C 328 -11.50 48.82 22.17
C VAL C 328 -11.46 48.28 23.59
N GLU C 329 -10.27 48.30 24.19
CA GLU C 329 -10.11 47.94 25.60
C GLU C 329 -9.68 49.17 26.37
N VAL C 330 -10.45 49.51 27.41
CA VAL C 330 -10.25 50.74 28.16
C VAL C 330 -10.08 50.40 29.63
N GLN C 331 -9.41 51.32 30.34
CA GLN C 331 -9.23 51.23 31.77
C GLN C 331 -9.93 52.42 32.42
N TYR C 332 -10.61 52.16 33.53
CA TYR C 332 -11.39 53.17 34.23
C TYR C 332 -10.77 53.42 35.60
N ALA C 333 -10.36 54.65 35.84
CA ALA C 333 -9.74 54.98 37.11
C ALA C 333 -10.76 55.35 38.18
N GLY C 334 -12.04 55.42 37.83
CA GLY C 334 -13.04 55.81 38.80
C GLY C 334 -13.32 54.74 39.84
N THR C 335 -13.90 55.19 40.96
CA THR C 335 -14.22 54.31 42.08
C THR C 335 -15.71 54.20 42.38
N ASP C 336 -16.56 54.98 41.71
CA ASP C 336 -17.99 55.01 42.00
C ASP C 336 -18.75 53.87 41.30
N GLY C 337 -18.04 52.85 40.85
CA GLY C 337 -18.64 51.67 40.24
C GLY C 337 -19.42 50.82 41.23
N PRO C 338 -20.35 49.99 40.73
CA PRO C 338 -20.70 49.72 39.32
C PRO C 338 -21.43 50.85 38.60
N CYS C 339 -21.05 51.11 37.35
CA CYS C 339 -21.67 52.19 36.60
C CYS C 339 -21.73 51.82 35.12
N LYS C 340 -22.66 52.47 34.42
CA LYS C 340 -22.84 52.30 32.98
C LYS C 340 -21.76 53.06 32.23
N VAL C 341 -21.15 52.39 31.25
CA VAL C 341 -20.10 53.00 30.44
C VAL C 341 -20.75 53.78 29.30
N PRO C 342 -20.57 55.09 29.22
CA PRO C 342 -21.17 55.89 28.15
C PRO C 342 -20.34 55.76 26.88
N ALA C 343 -20.87 55.07 25.89
CA ALA C 343 -20.18 54.90 24.61
C ALA C 343 -21.13 55.23 23.48
N GLN C 344 -20.60 55.89 22.44
CA GLN C 344 -21.38 56.27 21.28
C GLN C 344 -20.41 56.68 20.17
N MET C 345 -20.95 56.76 18.95
CA MET C 345 -20.26 57.34 17.81
C MET C 345 -20.82 58.73 17.52
N ALA C 346 -19.94 59.62 17.09
CA ALA C 346 -20.32 61.00 16.81
C ALA C 346 -19.79 61.44 15.46
N VAL C 347 -20.58 62.28 14.79
CA VAL C 347 -20.20 62.91 13.54
C VAL C 347 -19.88 64.39 13.80
N ASP C 348 -20.53 64.97 14.81
CA ASP C 348 -20.26 66.36 15.18
C ASP C 348 -19.94 66.40 16.67
N MET C 349 -18.82 67.03 17.01
CA MET C 349 -18.34 67.05 18.38
C MET C 349 -19.09 68.02 19.28
N GLN C 350 -19.92 68.90 18.71
CA GLN C 350 -20.76 69.76 19.53
C GLN C 350 -22.12 69.14 19.80
N THR C 351 -22.72 68.53 18.78
CA THR C 351 -24.02 67.89 18.98
C THR C 351 -23.89 66.55 19.68
N LEU C 352 -22.81 65.82 19.41
CA LEU C 352 -22.60 64.46 19.92
C LEU C 352 -23.76 63.54 19.56
N THR C 353 -24.38 63.78 18.42
CA THR C 353 -25.49 62.96 17.93
C THR C 353 -25.01 61.52 17.80
N PRO C 354 -25.54 60.61 18.61
CA PRO C 354 -25.05 59.23 18.60
C PRO C 354 -25.40 58.53 17.29
N VAL C 355 -24.37 58.11 16.56
CA VAL C 355 -24.53 57.38 15.31
C VAL C 355 -23.86 56.03 15.46
N GLY C 356 -23.87 55.22 14.41
CA GLY C 356 -23.26 53.91 14.48
C GLY C 356 -24.12 52.90 15.22
N ARG C 357 -23.47 51.89 15.80
CA ARG C 357 -24.18 50.85 16.52
C ARG C 357 -23.27 50.21 17.56
N LEU C 358 -23.88 49.78 18.67
CA LEU C 358 -23.18 49.17 19.79
C LEU C 358 -23.34 47.65 19.71
N ILE C 359 -22.22 46.94 19.69
CA ILE C 359 -22.28 45.48 19.66
C ILE C 359 -22.52 44.93 21.06
N THR C 360 -21.65 45.26 22.01
CA THR C 360 -21.83 44.88 23.42
C THR C 360 -22.95 45.71 24.02
N ALA C 361 -24.16 45.16 24.03
CA ALA C 361 -25.33 45.92 24.43
C ALA C 361 -25.22 46.34 25.89
N ASN C 362 -25.40 47.63 26.15
CA ASN C 362 -25.38 48.25 27.47
C ASN C 362 -24.12 47.87 28.24
N PRO C 363 -22.95 48.34 27.79
CA PRO C 363 -21.70 47.94 28.44
C PRO C 363 -21.59 48.55 29.82
N VAL C 364 -21.23 47.72 30.79
CA VAL C 364 -21.19 48.13 32.19
C VAL C 364 -19.89 47.68 32.83
N ILE C 365 -19.55 48.35 33.93
CA ILE C 365 -18.45 47.94 34.80
C ILE C 365 -19.07 47.41 36.08
N THR C 366 -18.70 46.19 36.46
CA THR C 366 -19.22 45.62 37.69
C THR C 366 -18.27 45.80 38.87
N GLU C 367 -16.96 45.72 38.65
CA GLU C 367 -16.01 45.95 39.72
C GLU C 367 -16.14 47.37 40.26
N SER C 368 -16.02 47.51 41.57
CA SER C 368 -16.16 48.80 42.23
C SER C 368 -14.83 49.48 42.52
N THR C 369 -13.72 48.80 42.29
CA THR C 369 -12.40 49.34 42.58
C THR C 369 -11.86 50.14 41.41
N GLU C 370 -10.88 50.98 41.70
CA GLU C 370 -10.26 51.80 40.67
C GLU C 370 -9.39 50.95 39.76
N ASN C 371 -9.06 51.51 38.59
CA ASN C 371 -8.18 50.87 37.60
C ASN C 371 -8.74 49.54 37.10
N SER C 372 -10.07 49.44 37.01
CA SER C 372 -10.69 48.23 36.49
C SER C 372 -10.67 48.23 34.97
N LYS C 373 -10.31 47.09 34.39
CA LYS C 373 -10.28 46.94 32.95
C LYS C 373 -11.63 46.46 32.41
N MET C 374 -11.94 46.86 31.18
CA MET C 374 -13.19 46.50 30.52
C MET C 374 -13.02 46.70 29.02
N MET C 375 -13.73 45.89 28.25
CA MET C 375 -13.55 45.85 26.81
C MET C 375 -14.90 45.74 26.11
N LEU C 376 -15.05 46.45 24.99
CA LEU C 376 -16.30 46.47 24.25
C LEU C 376 -16.05 46.42 22.74
N GLU C 377 -17.11 46.09 21.99
CA GLU C 377 -17.08 45.98 20.54
C GLU C 377 -18.00 47.02 19.94
N LEU C 378 -17.55 47.65 18.85
CA LEU C 378 -18.25 48.76 18.22
C LEU C 378 -18.35 48.55 16.73
N ASP C 379 -19.44 49.02 16.14
CA ASP C 379 -19.67 48.98 14.69
C ASP C 379 -19.78 50.41 14.18
N PRO C 380 -18.67 51.01 13.74
CA PRO C 380 -18.71 52.40 13.30
C PRO C 380 -19.34 52.51 11.93
N PRO C 381 -19.76 53.70 11.52
CA PRO C 381 -20.32 53.88 10.18
C PRO C 381 -19.21 53.93 9.14
N PHE C 382 -19.61 53.82 7.87
CA PHE C 382 -18.65 53.93 6.76
C PHE C 382 -17.94 55.28 6.84
N GLY C 383 -16.63 55.26 6.64
CA GLY C 383 -15.86 56.49 6.56
C GLY C 383 -15.40 57.02 7.91
N ASP C 384 -15.13 58.32 7.92
CA ASP C 384 -14.57 58.97 9.10
C ASP C 384 -15.60 59.05 10.22
N SER C 385 -15.15 58.84 11.46
CA SER C 385 -16.01 58.86 12.64
C SER C 385 -15.16 59.08 13.88
N TYR C 386 -15.83 59.37 15.01
CA TYR C 386 -15.14 59.60 16.27
C TYR C 386 -15.65 58.65 17.34
N ILE C 387 -14.73 57.94 18.00
CA ILE C 387 -15.03 57.10 19.13
C ILE C 387 -14.89 57.95 20.39
N VAL C 388 -16.01 58.20 21.07
CA VAL C 388 -16.02 59.03 22.27
C VAL C 388 -16.50 58.18 23.44
N ILE C 389 -15.71 58.16 24.52
CA ILE C 389 -16.03 57.41 25.72
C ILE C 389 -15.90 58.33 26.93
N GLY C 390 -16.93 58.32 27.79
CA GLY C 390 -16.94 59.17 28.96
C GLY C 390 -17.82 60.39 28.75
N VAL C 391 -17.81 61.26 29.76
CA VAL C 391 -18.56 62.51 29.72
C VAL C 391 -17.70 63.63 30.31
N GLY C 392 -18.04 64.86 29.95
CA GLY C 392 -17.30 66.00 30.44
C GLY C 392 -15.99 66.19 29.69
N GLU C 393 -15.10 66.97 30.32
CA GLU C 393 -13.82 67.29 29.70
C GLU C 393 -12.82 66.14 29.78
N LYS C 394 -12.93 65.27 30.79
CA LYS C 394 -11.97 64.18 30.91
C LYS C 394 -12.22 63.05 29.91
N LYS C 395 -13.22 63.17 29.05
CA LYS C 395 -13.51 62.11 28.08
C LYS C 395 -12.31 61.89 27.17
N ILE C 396 -12.25 60.70 26.59
CA ILE C 396 -11.21 60.33 25.63
C ILE C 396 -11.86 60.14 24.27
N THR C 397 -11.19 60.60 23.23
CA THR C 397 -11.71 60.51 21.87
C THR C 397 -10.61 60.03 20.94
N HIS C 398 -11.00 59.18 19.99
CA HIS C 398 -10.10 58.64 18.98
C HIS C 398 -10.79 58.69 17.63
N HIS C 399 -10.07 59.14 16.61
CA HIS C 399 -10.60 59.27 15.25
C HIS C 399 -10.47 57.94 14.52
N TRP C 400 -11.53 57.58 13.79
CA TRP C 400 -11.64 56.29 13.10
C TRP C 400 -12.08 56.51 11.66
N HIS C 401 -11.73 55.56 10.79
CA HIS C 401 -12.10 55.61 9.37
C HIS C 401 -12.41 54.20 8.88
N ARG C 402 -13.56 54.03 8.22
CA ARG C 402 -14.01 52.72 7.73
C ARG C 402 -14.21 52.75 6.21
N SER C 403 -14.22 51.56 5.59
CA SER C 403 -14.27 51.42 4.13
C SER C 403 -13.08 52.11 3.48
N ILE D 1 5.45 -32.55 -34.94
CA ILE D 1 4.49 -33.34 -34.18
C ILE D 1 4.01 -32.55 -32.97
N ARG D 2 4.55 -31.35 -32.80
CA ARG D 2 4.21 -30.57 -31.62
C ARG D 2 2.88 -29.82 -31.75
N CYS D 3 2.35 -29.65 -32.97
CA CYS D 3 1.05 -29.00 -33.11
C CYS D 3 -0.09 -29.85 -32.59
N ILE D 4 0.14 -31.12 -32.32
CA ILE D 4 -0.90 -32.03 -31.84
C ILE D 4 -1.21 -31.65 -30.39
N GLY D 5 -2.39 -31.10 -30.15
CA GLY D 5 -2.81 -30.69 -28.83
C GLY D 5 -3.10 -29.21 -28.69
N VAL D 6 -2.73 -28.39 -29.68
CA VAL D 6 -2.96 -26.95 -29.62
C VAL D 6 -4.36 -26.64 -30.12
N SER D 7 -5.11 -25.85 -29.35
CA SER D 7 -6.45 -25.48 -29.77
C SER D 7 -6.44 -24.41 -30.86
N ASN D 8 -5.47 -23.49 -30.82
CA ASN D 8 -5.30 -22.49 -31.89
C ASN D 8 -4.32 -23.05 -32.92
N ARG D 9 -4.81 -23.99 -33.72
CA ARG D 9 -4.04 -24.64 -34.77
C ARG D 9 -4.73 -24.40 -36.10
N ASP D 10 -3.97 -23.93 -37.09
CA ASP D 10 -4.52 -23.55 -38.39
C ASP D 10 -3.86 -24.39 -39.47
N PHE D 11 -4.68 -25.00 -40.31
CA PHE D 11 -4.23 -25.88 -41.39
C PHE D 11 -4.31 -25.11 -42.70
N VAL D 12 -3.19 -24.99 -43.39
CA VAL D 12 -3.13 -24.30 -44.67
C VAL D 12 -2.70 -25.30 -45.75
N GLU D 13 -3.30 -25.17 -46.93
CA GLU D 13 -2.94 -26.01 -48.08
C GLU D 13 -2.73 -25.09 -49.28
N GLY D 14 -1.47 -24.88 -49.64
CA GLY D 14 -1.14 -24.09 -50.80
C GLY D 14 -1.42 -24.85 -52.08
N MET D 15 -1.39 -24.11 -53.20
CA MET D 15 -1.59 -24.76 -54.49
C MET D 15 -0.44 -25.73 -54.78
N SER D 16 -0.73 -26.72 -55.62
CA SER D 16 0.29 -27.69 -56.00
C SER D 16 1.27 -27.05 -56.97
N GLY D 17 2.53 -26.93 -56.57
CA GLY D 17 3.57 -26.36 -57.39
C GLY D 17 3.86 -24.89 -57.12
N GLY D 18 2.87 -24.15 -56.61
CA GLY D 18 3.09 -22.74 -56.36
C GLY D 18 4.13 -22.51 -55.28
N THR D 19 4.80 -21.37 -55.36
CA THR D 19 5.92 -21.09 -54.47
C THR D 19 5.55 -20.21 -53.28
N TRP D 20 4.56 -19.33 -53.41
CA TRP D 20 4.22 -18.40 -52.33
C TRP D 20 3.10 -18.96 -51.46
N VAL D 21 3.26 -18.82 -50.15
CA VAL D 21 2.25 -19.22 -49.17
C VAL D 21 2.21 -18.16 -48.07
N ASP D 22 1.07 -17.52 -47.90
CA ASP D 22 0.89 -16.51 -46.87
C ASP D 22 0.33 -17.15 -45.61
N VAL D 23 1.02 -16.93 -44.49
CA VAL D 23 0.62 -17.52 -43.22
C VAL D 23 0.60 -16.43 -42.15
N VAL D 24 -0.22 -16.63 -41.13
CA VAL D 24 -0.34 -15.70 -40.01
C VAL D 24 0.03 -16.45 -38.74
N LEU D 25 1.15 -16.07 -38.13
CA LEU D 25 1.69 -16.77 -36.97
C LEU D 25 1.26 -16.06 -35.70
N GLU D 26 0.60 -16.78 -34.82
CA GLU D 26 0.14 -16.25 -33.54
C GLU D 26 1.08 -16.72 -32.43
N HIS D 27 1.03 -15.98 -31.32
CA HIS D 27 1.83 -16.36 -30.16
C HIS D 27 1.17 -17.54 -29.46
N GLY D 28 1.97 -18.55 -29.13
CA GLY D 28 1.45 -19.79 -28.56
C GLY D 28 0.67 -20.67 -29.51
N GLY D 29 0.44 -20.23 -30.76
CA GLY D 29 -0.27 -21.03 -31.73
C GLY D 29 0.67 -21.83 -32.62
N CYS D 30 0.08 -22.72 -33.41
CA CYS D 30 0.83 -23.66 -34.23
C CYS D 30 0.22 -23.70 -35.62
N VAL D 31 1.06 -23.57 -36.65
CA VAL D 31 0.60 -23.58 -38.04
C VAL D 31 1.28 -24.72 -38.77
N THR D 32 0.47 -25.55 -39.43
CA THR D 32 0.93 -26.68 -40.20
C THR D 32 0.80 -26.36 -41.67
N VAL D 33 1.92 -26.38 -42.39
CA VAL D 33 1.92 -26.13 -43.83
C VAL D 33 2.03 -27.48 -44.54
N MET D 34 1.22 -27.66 -45.58
CA MET D 34 1.21 -28.88 -46.38
C MET D 34 1.10 -28.52 -47.85
N ALA D 35 1.65 -29.37 -48.71
CA ALA D 35 1.57 -29.17 -50.15
C ALA D 35 1.77 -30.51 -50.84
N GLN D 36 1.19 -30.65 -52.04
CA GLN D 36 1.39 -31.86 -52.81
C GLN D 36 2.87 -32.04 -53.12
N ASP D 37 3.36 -33.24 -52.89
CA ASP D 37 4.75 -33.62 -53.16
C ASP D 37 5.74 -32.77 -52.37
N LYS D 38 5.31 -32.20 -51.24
CA LYS D 38 6.14 -31.38 -50.35
C LYS D 38 5.84 -31.79 -48.92
N PRO D 39 6.86 -31.80 -48.05
CA PRO D 39 6.66 -32.33 -46.70
C PRO D 39 5.85 -31.41 -45.81
N THR D 40 5.32 -31.98 -44.74
CA THR D 40 4.54 -31.25 -43.75
C THR D 40 5.45 -30.60 -42.72
N VAL D 41 5.43 -29.28 -42.66
CA VAL D 41 6.31 -28.52 -41.78
C VAL D 41 5.46 -27.71 -40.81
N ASP D 42 5.88 -27.71 -39.55
CA ASP D 42 5.21 -26.95 -38.50
C ASP D 42 5.98 -25.67 -38.26
N ILE D 43 5.27 -24.55 -38.30
CA ILE D 43 5.86 -23.24 -38.08
C ILE D 43 5.12 -22.57 -36.93
N GLU D 44 5.87 -22.06 -35.96
CA GLU D 44 5.29 -21.47 -34.76
C GLU D 44 6.08 -20.24 -34.33
N LEU D 45 5.34 -19.20 -33.93
CA LEU D 45 5.93 -18.05 -33.26
C LEU D 45 6.13 -18.40 -31.78
N VAL D 46 7.37 -18.31 -31.31
CA VAL D 46 7.69 -18.74 -29.96
C VAL D 46 7.63 -17.55 -29.01
N THR D 47 8.48 -16.55 -29.23
CA THR D 47 8.57 -15.45 -28.27
C THR D 47 8.94 -14.16 -28.97
N THR D 48 8.42 -13.06 -28.43
CA THR D 48 8.71 -11.72 -28.90
C THR D 48 9.71 -11.08 -27.92
N THR D 49 10.86 -10.67 -28.44
CA THR D 49 11.98 -10.19 -27.61
C THR D 49 12.33 -8.76 -28.01
N VAL D 50 12.29 -7.85 -27.06
CA VAL D 50 12.61 -6.45 -27.29
C VAL D 50 13.84 -6.09 -26.47
N SER D 51 14.84 -5.50 -27.12
CA SER D 51 16.10 -5.14 -26.49
C SER D 51 16.28 -3.63 -26.51
N ASN D 52 17.22 -3.16 -25.68
CA ASN D 52 17.65 -1.76 -25.66
C ASN D 52 16.47 -0.79 -25.51
N MET D 53 15.78 -0.92 -24.37
CA MET D 53 14.66 -0.03 -24.08
C MET D 53 15.18 1.27 -23.49
N ALA D 54 14.51 2.37 -23.81
CA ALA D 54 14.91 3.69 -23.36
C ALA D 54 13.85 4.25 -22.40
N GLU D 55 14.32 4.84 -21.30
CA GLU D 55 13.43 5.41 -20.30
C GLU D 55 12.89 6.78 -20.75
N VAL D 56 11.64 7.05 -20.38
CA VAL D 56 10.98 8.31 -20.68
C VAL D 56 10.68 9.11 -19.42
N ARG D 57 10.07 8.48 -18.43
CA ARG D 57 9.66 9.17 -17.22
C ARG D 57 9.55 8.15 -16.09
N SER D 58 10.00 8.55 -14.90
CA SER D 58 9.93 7.71 -13.71
C SER D 58 9.00 8.35 -12.71
N TYR D 59 8.07 7.55 -12.17
CA TYR D 59 7.06 8.03 -11.24
C TYR D 59 7.31 7.44 -9.84
N CYS D 60 7.02 8.24 -8.81
CA CYS D 60 7.15 7.82 -7.43
C CYS D 60 5.77 7.52 -6.85
N TYR D 61 5.59 6.33 -6.27
CA TYR D 61 4.29 5.93 -5.75
C TYR D 61 4.26 5.69 -4.25
N GLU D 62 5.40 5.59 -3.58
CA GLU D 62 5.46 5.43 -2.13
C GLU D 62 6.60 6.27 -1.59
N ALA D 63 6.27 7.28 -0.80
CA ALA D 63 7.26 8.23 -0.31
C ALA D 63 7.13 8.36 1.21
N SER D 64 8.02 9.15 1.78
CA SER D 64 8.03 9.41 3.22
C SER D 64 8.53 10.82 3.46
N ILE D 65 7.99 11.46 4.49
CA ILE D 65 8.32 12.84 4.83
C ILE D 65 9.07 12.86 6.16
N SER D 66 9.88 13.90 6.34
CA SER D 66 10.61 14.10 7.59
C SER D 66 10.99 15.56 7.69
N ASP D 67 11.40 15.97 8.89
CA ASP D 67 11.91 17.32 9.15
C ASP D 67 10.90 18.39 8.73
N MET D 68 9.72 18.33 9.35
CA MET D 68 8.65 19.28 9.05
C MET D 68 8.84 20.57 9.85
N ALA D 69 8.70 21.70 9.17
CA ALA D 69 8.93 23.00 9.80
C ALA D 69 7.83 23.97 9.36
N SER D 70 7.70 25.05 10.12
CA SER D 70 6.69 26.06 9.85
C SER D 70 7.20 27.42 10.30
N ASP D 71 6.56 28.46 9.80
CA ASP D 71 6.89 29.83 10.16
C ASP D 71 5.62 30.67 10.04
N SER D 72 5.38 31.53 11.03
CA SER D 72 4.17 32.32 11.09
C SER D 72 4.50 33.80 11.21
N ARG D 73 3.58 34.64 10.73
CA ARG D 73 3.73 36.09 10.76
C ARG D 73 2.40 36.73 11.11
N CYS D 74 2.46 37.93 11.69
CA CYS D 74 1.25 38.67 12.00
C CYS D 74 0.72 39.38 10.75
N PRO D 75 -0.56 39.78 10.76
CA PRO D 75 -1.08 40.52 9.61
C PRO D 75 -0.32 41.82 9.39
N THR D 76 -0.22 42.20 8.12
CA THR D 76 0.51 43.38 7.64
C THR D 76 2.01 43.29 7.89
N GLN D 77 2.52 42.11 8.27
CA GLN D 77 3.94 41.88 8.48
C GLN D 77 4.58 41.13 7.33
N GLY D 78 3.91 41.06 6.18
CA GLY D 78 4.46 40.36 5.03
C GLY D 78 4.22 38.86 5.10
N GLU D 79 4.63 38.19 4.03
CA GLU D 79 4.48 36.74 3.97
C GLU D 79 5.60 36.04 4.73
N ALA D 80 5.30 34.83 5.19
CA ALA D 80 6.28 34.02 5.89
C ALA D 80 7.21 33.31 4.91
N TYR D 81 8.45 33.13 5.33
CA TYR D 81 9.45 32.48 4.50
C TYR D 81 10.39 31.66 5.38
N LEU D 82 10.71 30.45 4.91
CA LEU D 82 11.64 29.54 5.55
C LEU D 82 12.75 29.18 4.56
N ASP D 83 13.83 28.60 5.11
CA ASP D 83 14.98 28.22 4.29
C ASP D 83 14.65 27.15 3.27
N LYS D 84 13.71 26.25 3.58
CA LYS D 84 13.44 25.12 2.70
C LYS D 84 12.71 25.52 1.42
N GLN D 85 12.13 26.73 1.38
CA GLN D 85 11.42 27.19 0.18
C GLN D 85 12.35 27.33 -1.01
N SER D 86 13.64 27.51 -0.78
CA SER D 86 14.61 27.63 -1.86
C SER D 86 15.16 26.29 -2.30
N ASP D 87 14.81 25.19 -1.62
CA ASP D 87 15.30 23.86 -1.94
C ASP D 87 14.20 23.09 -2.64
N THR D 88 14.51 22.58 -3.85
CA THR D 88 13.55 21.82 -4.62
C THR D 88 13.31 20.41 -4.09
N GLN D 89 14.09 19.97 -3.09
CA GLN D 89 13.83 18.67 -2.48
C GLN D 89 12.74 18.71 -1.43
N TYR D 90 12.36 19.90 -0.97
CA TYR D 90 11.31 20.06 0.02
C TYR D 90 10.04 20.51 -0.65
N VAL D 91 8.90 20.19 -0.04
CA VAL D 91 7.59 20.60 -0.52
C VAL D 91 7.00 21.57 0.50
N CYS D 92 6.65 22.77 0.03
CA CYS D 92 6.12 23.83 0.87
C CYS D 92 4.85 24.39 0.27
N LYS D 93 3.97 24.90 1.14
CA LYS D 93 2.73 25.52 0.70
C LYS D 93 2.36 26.64 1.67
N ARG D 94 1.90 27.76 1.12
CA ARG D 94 1.52 28.94 1.90
C ARG D 94 0.01 29.13 1.86
N THR D 95 -0.56 29.54 3.00
CA THR D 95 -2.00 29.72 3.16
C THR D 95 -2.25 31.00 3.94
N LEU D 96 -3.52 31.30 4.18
CA LEU D 96 -3.92 32.45 4.99
C LEU D 96 -4.86 31.96 6.07
N VAL D 97 -4.46 32.12 7.32
CA VAL D 97 -5.26 31.70 8.46
C VAL D 97 -5.64 32.93 9.28
N ASP D 98 -6.80 32.86 9.92
CA ASP D 98 -7.32 33.99 10.67
C ASP D 98 -6.44 34.28 11.89
N ARG D 99 -6.15 35.56 12.11
CA ARG D 99 -5.37 36.01 13.25
C ARG D 99 -6.07 37.21 13.88
N GLY D 100 -5.83 37.40 15.17
CA GLY D 100 -6.45 38.53 15.86
C GLY D 100 -5.82 38.76 17.21
N TRP D 101 -6.57 39.43 18.09
CA TRP D 101 -6.07 39.66 19.43
C TRP D 101 -6.03 38.36 20.23
N GLY D 102 -6.94 37.43 19.96
CA GLY D 102 -6.95 36.16 20.66
C GLY D 102 -5.82 35.23 20.31
N ASN D 103 -5.13 35.46 19.18
CA ASN D 103 -4.07 34.57 18.76
C ASN D 103 -2.67 35.06 19.10
N GLY D 104 -2.50 36.34 19.43
CA GLY D 104 -1.20 36.84 19.81
C GLY D 104 -0.64 37.93 18.92
N CYS D 105 -1.46 38.44 18.00
CA CYS D 105 -1.07 39.53 17.12
C CYS D 105 -1.92 40.76 17.43
N GLY D 106 -1.39 41.93 17.07
CA GLY D 106 -2.05 43.18 17.38
C GLY D 106 -3.10 43.64 16.40
N LEU D 107 -3.20 42.99 15.24
CA LEU D 107 -4.14 43.39 14.21
C LEU D 107 -4.94 42.19 13.76
N PHE D 108 -6.18 42.45 13.32
CA PHE D 108 -7.05 41.39 12.83
C PHE D 108 -6.96 41.27 11.31
N GLY D 109 -6.91 40.02 10.85
CA GLY D 109 -6.88 39.74 9.44
C GLY D 109 -6.33 38.35 9.20
N LYS D 110 -6.25 38.00 7.92
CA LYS D 110 -5.70 36.71 7.53
C LYS D 110 -4.16 36.81 7.55
N GLY D 111 -3.54 35.94 8.32
CA GLY D 111 -2.09 35.93 8.49
C GLY D 111 -1.43 34.85 7.65
N SER D 112 -0.27 35.19 7.09
CA SER D 112 0.45 34.26 6.21
C SER D 112 1.18 33.20 7.03
N LEU D 113 1.11 31.96 6.56
CA LEU D 113 1.71 30.81 7.21
C LEU D 113 2.31 29.88 6.17
N VAL D 114 3.52 29.37 6.43
CA VAL D 114 4.23 28.49 5.50
C VAL D 114 4.59 27.19 6.22
N THR D 115 4.52 26.08 5.49
CA THR D 115 4.83 24.76 6.04
C THR D 115 5.61 23.95 5.00
N CYS D 116 6.74 23.40 5.42
CA CYS D 116 7.63 22.63 4.55
C CYS D 116 7.83 21.23 5.09
N ALA D 117 8.19 20.32 4.18
CA ALA D 117 8.47 18.93 4.53
C ALA D 117 9.45 18.33 3.54
N LYS D 118 10.21 17.33 3.98
CA LYS D 118 11.20 16.68 3.14
C LYS D 118 10.54 15.61 2.29
N PHE D 119 10.77 15.67 0.98
CA PHE D 119 10.25 14.70 0.04
C PHE D 119 11.33 13.67 -0.25
N ALA D 120 11.04 12.41 0.03
CA ALA D 120 11.98 11.32 -0.22
C ALA D 120 11.21 10.11 -0.72
N CYS D 121 11.66 9.56 -1.84
CA CYS D 121 10.95 8.46 -2.50
C CYS D 121 11.52 7.12 -2.03
N SER D 122 10.62 6.21 -1.65
CA SER D 122 10.99 4.88 -1.18
C SER D 122 10.93 3.82 -2.28
N LYS D 123 9.78 3.70 -2.95
CA LYS D 123 9.60 2.76 -4.05
C LYS D 123 9.04 3.50 -5.26
N LYS D 124 9.62 3.23 -6.43
CA LYS D 124 9.26 3.94 -7.65
C LYS D 124 9.01 2.95 -8.78
N MET D 125 8.24 3.40 -9.77
CA MET D 125 8.04 2.69 -11.02
C MET D 125 8.73 3.42 -12.16
N THR D 126 9.03 2.69 -13.22
CA THR D 126 9.80 3.21 -14.35
C THR D 126 9.03 2.99 -15.65
N GLY D 127 8.89 4.08 -16.42
CA GLY D 127 8.26 4.01 -17.72
C GLY D 127 9.33 4.07 -18.81
N LYS D 128 9.20 3.17 -19.78
CA LYS D 128 10.16 3.06 -20.86
C LYS D 128 9.46 3.14 -22.21
N SER D 129 10.15 3.69 -23.20
CA SER D 129 9.66 3.80 -24.56
C SER D 129 10.17 2.64 -25.42
N ILE D 130 9.38 2.29 -26.43
CA ILE D 130 9.69 1.19 -27.34
C ILE D 130 10.06 1.79 -28.69
N GLN D 131 11.30 1.59 -29.09
CA GLN D 131 11.77 2.01 -30.41
C GLN D 131 11.49 0.91 -31.43
N PRO D 132 10.94 1.25 -32.60
CA PRO D 132 10.62 0.19 -33.58
C PRO D 132 11.84 -0.56 -34.09
N GLU D 133 13.01 0.07 -34.10
CA GLU D 133 14.21 -0.60 -34.59
C GLU D 133 14.66 -1.74 -33.67
N ASN D 134 14.40 -1.62 -32.37
CA ASN D 134 14.80 -2.64 -31.41
C ASN D 134 13.64 -3.59 -31.19
N LEU D 135 13.45 -4.48 -32.16
CA LEU D 135 12.37 -5.44 -32.13
C LEU D 135 12.89 -6.76 -32.71
N GLU D 136 12.66 -7.85 -32.00
CA GLU D 136 13.24 -9.15 -32.37
C GLU D 136 12.20 -10.24 -32.16
N TYR D 137 11.92 -11.01 -33.20
CA TYR D 137 10.98 -12.12 -33.14
C TYR D 137 11.72 -13.45 -33.21
N ARG D 138 11.16 -14.47 -32.55
CA ARG D 138 11.72 -15.82 -32.56
C ARG D 138 10.69 -16.78 -33.15
N ILE D 139 11.03 -17.38 -34.28
CA ILE D 139 10.15 -18.29 -34.99
C ILE D 139 10.85 -19.65 -35.11
N MET D 140 10.10 -20.73 -34.88
CA MET D 140 10.62 -22.08 -34.97
C MET D 140 9.97 -22.83 -36.13
N LEU D 141 10.79 -23.56 -36.88
CA LEU D 141 10.36 -24.41 -37.98
C LEU D 141 10.68 -25.86 -37.64
N SER D 142 9.77 -26.77 -38.01
CA SER D 142 9.90 -28.15 -37.61
C SER D 142 9.04 -29.02 -38.53
N VAL D 143 9.57 -30.19 -38.89
CA VAL D 143 8.89 -31.11 -39.80
C VAL D 143 8.40 -32.34 -39.04
N HIS D 144 7.26 -32.87 -39.48
CA HIS D 144 6.75 -34.12 -38.92
C HIS D 144 7.58 -35.30 -39.42
N GLY D 145 7.68 -36.34 -38.60
CA GLY D 145 8.35 -37.53 -39.10
C GLY D 145 9.41 -38.12 -38.22
N SER D 146 10.12 -37.29 -37.46
CA SER D 146 11.19 -37.73 -36.57
C SER D 146 10.78 -37.52 -35.11
N GLN D 147 11.75 -37.68 -34.20
CA GLN D 147 11.58 -37.54 -32.75
C GLN D 147 10.60 -38.59 -32.19
N HIS D 148 11.06 -39.84 -32.23
CA HIS D 148 10.31 -40.98 -31.72
C HIS D 148 10.17 -40.90 -30.20
N SER D 149 9.56 -41.95 -29.61
CA SER D 149 9.16 -41.94 -28.20
C SER D 149 10.29 -41.61 -27.24
N GLY D 150 11.55 -41.70 -27.68
CA GLY D 150 12.73 -41.50 -26.85
C GLY D 150 13.00 -40.07 -26.40
N MET D 151 12.25 -39.09 -26.91
CA MET D 151 12.50 -37.68 -26.62
C MET D 151 11.54 -37.09 -25.60
N ILE D 152 10.93 -37.93 -24.75
CA ILE D 152 9.96 -37.42 -23.76
C ILE D 152 10.64 -36.43 -22.81
N VAL D 153 11.78 -36.81 -22.25
CA VAL D 153 12.55 -35.91 -21.42
C VAL D 153 13.86 -35.59 -22.14
N ASN D 154 13.87 -34.50 -22.90
CA ASN D 154 15.05 -34.16 -23.71
C ASN D 154 15.01 -32.66 -24.00
N ASP D 155 16.01 -31.92 -23.50
CA ASP D 155 16.13 -30.49 -23.74
C ASP D 155 17.52 -30.04 -24.17
N THR D 156 18.46 -30.97 -24.35
CA THR D 156 19.81 -30.67 -24.83
C THR D 156 20.06 -31.38 -26.15
N GLY D 157 20.75 -30.70 -27.05
CA GLY D 157 21.03 -31.25 -28.36
C GLY D 157 20.04 -30.89 -29.45
N HIS D 158 19.45 -29.69 -29.38
CA HIS D 158 18.58 -29.23 -30.45
C HIS D 158 19.37 -28.75 -31.66
N GLU D 159 20.67 -28.48 -31.49
CA GLU D 159 21.54 -28.15 -32.62
C GLU D 159 21.88 -29.38 -33.45
N THR D 160 21.80 -30.58 -32.87
CA THR D 160 22.10 -31.80 -33.62
C THR D 160 20.92 -32.26 -34.45
N ASP D 161 19.70 -31.97 -34.01
CA ASP D 161 18.49 -32.35 -34.74
C ASP D 161 18.27 -31.31 -35.82
N GLU D 162 18.68 -31.63 -37.06
CA GLU D 162 18.61 -30.66 -38.15
C GLU D 162 17.19 -30.45 -38.65
N ASN D 163 16.24 -31.26 -38.19
CA ASN D 163 14.86 -31.12 -38.63
C ASN D 163 14.25 -29.82 -38.14
N ARG D 164 14.73 -29.29 -37.02
CA ARG D 164 14.27 -28.02 -36.48
C ARG D 164 15.31 -26.94 -36.76
N ALA D 165 14.85 -25.71 -36.93
CA ALA D 165 15.73 -24.58 -37.18
C ALA D 165 15.20 -23.36 -36.46
N LYS D 166 16.11 -22.55 -35.92
CA LYS D 166 15.75 -21.32 -35.23
C LYS D 166 15.97 -20.14 -36.17
N VAL D 167 14.97 -19.29 -36.30
CA VAL D 167 15.03 -18.11 -37.14
C VAL D 167 14.63 -16.90 -36.33
N GLU D 168 15.36 -15.80 -36.50
CA GLU D 168 15.10 -14.57 -35.76
C GLU D 168 14.92 -13.41 -36.74
N ILE D 169 13.80 -12.70 -36.62
CA ILE D 169 13.39 -11.67 -37.56
C ILE D 169 13.28 -10.35 -36.82
N THR D 170 13.86 -9.30 -37.38
CA THR D 170 13.77 -7.94 -36.87
C THR D 170 13.25 -7.02 -37.96
N PRO D 171 12.75 -5.84 -37.60
CA PRO D 171 12.37 -4.86 -38.63
C PRO D 171 13.53 -4.41 -39.51
N ASN D 172 14.77 -4.63 -39.09
CA ASN D 172 15.93 -4.30 -39.93
C ASN D 172 16.19 -5.37 -40.99
N SER D 173 15.77 -6.61 -40.75
CA SER D 173 15.95 -7.70 -41.72
C SER D 173 14.77 -8.65 -41.59
N PRO D 174 13.67 -8.37 -42.31
CA PRO D 174 12.49 -9.25 -42.23
C PRO D 174 12.60 -10.54 -43.02
N ARG D 175 13.77 -10.83 -43.61
CA ARG D 175 13.95 -12.03 -44.42
C ARG D 175 14.90 -13.01 -43.72
N ALA D 176 14.70 -14.30 -43.99
CA ALA D 176 15.48 -15.35 -43.37
C ALA D 176 15.46 -16.61 -44.23
N GLU D 177 16.55 -17.38 -44.16
CA GLU D 177 16.73 -18.63 -44.88
C GLU D 177 17.15 -19.69 -43.88
N ALA D 178 16.32 -20.72 -43.70
CA ALA D 178 16.54 -21.76 -42.72
C ALA D 178 16.86 -23.08 -43.41
N THR D 179 18.01 -23.67 -43.10
CA THR D 179 18.37 -24.97 -43.63
C THR D 179 17.71 -26.08 -42.82
N LEU D 180 16.89 -26.88 -43.48
CA LEU D 180 16.18 -27.98 -42.82
C LEU D 180 16.78 -29.34 -43.17
N GLY D 181 18.06 -29.36 -43.54
CA GLY D 181 18.75 -30.60 -43.79
C GLY D 181 18.17 -31.43 -44.92
N GLY D 182 17.51 -32.54 -44.56
CA GLY D 182 17.04 -33.48 -45.56
C GLY D 182 16.03 -32.90 -46.52
N PHE D 183 15.27 -31.90 -46.09
CA PHE D 183 14.17 -31.38 -46.88
C PHE D 183 14.50 -30.11 -47.65
N GLY D 184 15.73 -29.61 -47.56
CA GLY D 184 16.12 -28.42 -48.27
C GLY D 184 16.09 -27.20 -47.37
N SER D 185 15.46 -26.12 -47.84
CA SER D 185 15.40 -24.90 -47.07
C SER D 185 14.03 -24.26 -47.23
N LEU D 186 13.69 -23.40 -46.27
CA LEU D 186 12.42 -22.69 -46.25
C LEU D 186 12.70 -21.19 -46.13
N GLY D 187 11.94 -20.38 -46.85
CA GLY D 187 12.10 -18.94 -46.81
C GLY D 187 11.01 -18.29 -45.97
N LEU D 188 11.41 -17.26 -45.20
CA LEU D 188 10.49 -16.46 -44.40
C LEU D 188 10.70 -15.00 -44.76
N ASP D 189 9.70 -14.38 -45.39
CA ASP D 189 9.67 -12.95 -45.64
C ASP D 189 8.45 -12.42 -44.89
N CYS D 190 8.67 -11.87 -43.70
CA CYS D 190 7.58 -11.41 -42.84
C CYS D 190 7.39 -9.91 -42.96
N GLU D 191 6.29 -9.44 -42.38
CA GLU D 191 5.86 -8.05 -42.40
C GLU D 191 5.90 -7.51 -40.98
N PRO D 192 7.07 -7.08 -40.49
CA PRO D 192 7.17 -6.67 -39.08
C PRO D 192 6.41 -5.40 -38.76
N ARG D 193 6.29 -4.49 -39.73
CA ARG D 193 5.62 -3.22 -39.46
C ARG D 193 4.12 -3.39 -39.25
N THR D 194 3.51 -4.39 -39.87
CA THR D 194 2.08 -4.64 -39.71
C THR D 194 1.83 -5.76 -38.70
N GLY D 195 2.46 -5.68 -37.52
CA GLY D 195 2.20 -6.65 -36.48
C GLY D 195 1.31 -6.17 -35.34
N LEU D 196 1.61 -4.97 -34.83
CA LEU D 196 0.84 -4.33 -33.77
C LEU D 196 1.36 -2.91 -33.60
N ASP D 197 0.45 -1.96 -33.40
CA ASP D 197 0.84 -0.56 -33.25
C ASP D 197 1.47 -0.37 -31.86
N PHE D 198 2.80 -0.39 -31.80
CA PHE D 198 3.55 -0.14 -30.57
C PHE D 198 4.02 1.31 -30.43
N SER D 199 3.74 2.17 -31.41
CA SER D 199 4.14 3.57 -31.29
C SER D 199 3.30 4.32 -30.26
N ASP D 200 2.07 3.86 -30.03
CA ASP D 200 1.19 4.41 -29.01
C ASP D 200 1.12 3.54 -27.76
N LEU D 201 2.10 2.66 -27.57
CA LEU D 201 2.17 1.80 -26.39
C LEU D 201 3.56 1.90 -25.78
N TYR D 202 3.61 1.92 -24.46
CA TYR D 202 4.86 2.02 -23.71
C TYR D 202 5.01 0.82 -22.79
N TYR D 203 6.25 0.58 -22.36
CA TYR D 203 6.59 -0.54 -21.50
C TYR D 203 6.71 -0.05 -20.05
N LEU D 204 5.84 -0.57 -19.19
CA LEU D 204 5.79 -0.18 -17.78
C LEU D 204 6.52 -1.21 -16.94
N THR D 205 7.39 -0.74 -16.05
CA THR D 205 8.17 -1.60 -15.17
C THR D 205 7.85 -1.24 -13.72
N MET D 206 7.08 -2.09 -13.06
CA MET D 206 6.82 -1.98 -11.63
C MET D 206 7.85 -2.83 -10.89
N ASN D 207 7.60 -3.08 -9.60
CA ASN D 207 8.51 -3.86 -8.76
C ASN D 207 8.41 -5.34 -9.18
N ASN D 208 9.16 -5.68 -10.22
CA ASN D 208 9.25 -7.02 -10.81
C ASN D 208 7.95 -7.47 -11.49
N LYS D 209 7.06 -6.54 -11.80
CA LYS D 209 5.86 -6.83 -12.58
C LYS D 209 5.77 -5.81 -13.71
N HIS D 210 5.46 -6.28 -14.92
CA HIS D 210 5.58 -5.45 -16.11
C HIS D 210 4.33 -5.54 -16.97
N TRP D 211 3.89 -4.40 -17.48
CA TRP D 211 2.70 -4.29 -18.29
C TRP D 211 3.02 -3.57 -19.59
N LEU D 212 2.04 -3.56 -20.50
CA LEU D 212 2.09 -2.78 -21.72
C LEU D 212 0.92 -1.80 -21.69
N VAL D 213 1.22 -0.50 -21.64
CA VAL D 213 0.22 0.51 -21.38
C VAL D 213 0.12 1.47 -22.57
N HIS D 214 -1.02 2.15 -22.65
CA HIS D 214 -1.24 3.17 -23.69
C HIS D 214 -0.43 4.42 -23.38
N LYS D 215 0.06 5.08 -24.44
CA LYS D 215 1.04 6.15 -24.25
C LYS D 215 0.41 7.39 -23.63
N GLU D 216 -0.81 7.75 -24.04
CA GLU D 216 -1.43 8.97 -23.52
C GLU D 216 -1.86 8.80 -22.07
N TRP D 217 -2.38 7.61 -21.72
CA TRP D 217 -2.79 7.37 -20.34
C TRP D 217 -1.61 7.46 -19.38
N PHE D 218 -0.40 7.14 -19.86
CA PHE D 218 0.78 7.21 -19.00
C PHE D 218 1.15 8.66 -18.68
N HIS D 219 0.86 9.60 -19.59
CA HIS D 219 1.09 11.02 -19.30
C HIS D 219 0.08 11.61 -18.33
N ASP D 220 -1.02 10.92 -18.06
CA ASP D 220 -2.07 11.41 -17.17
C ASP D 220 -2.02 10.78 -15.77
N ILE D 221 -0.90 10.16 -15.41
CA ILE D 221 -0.78 9.54 -14.08
C ILE D 221 -0.60 10.63 -13.02
N PRO D 222 -1.41 10.64 -11.97
CA PRO D 222 -1.28 11.67 -10.92
C PRO D 222 -0.33 11.27 -9.80
N LEU D 223 0.97 11.26 -10.12
CA LEU D 223 2.02 10.86 -9.20
C LEU D 223 3.25 11.70 -9.47
N PRO D 224 4.16 11.81 -8.50
CA PRO D 224 5.40 12.58 -8.74
C PRO D 224 6.24 11.97 -9.84
N TRP D 225 6.63 12.81 -10.80
CA TRP D 225 7.37 12.36 -11.98
C TRP D 225 8.62 13.22 -12.13
N HIS D 226 9.56 12.70 -12.91
CA HIS D 226 10.74 13.46 -13.31
C HIS D 226 11.07 13.13 -14.76
N ALA D 227 11.46 14.16 -15.51
CA ALA D 227 11.71 14.01 -16.94
C ALA D 227 13.14 13.52 -17.19
N GLY D 228 13.31 12.87 -18.34
CA GLY D 228 14.63 12.40 -18.74
C GLY D 228 14.97 11.05 -18.12
N ALA D 229 16.26 10.85 -17.88
CA ALA D 229 16.76 9.58 -17.33
C ALA D 229 16.29 9.39 -15.90
N PRO D 234 18.12 14.55 -6.95
CA PRO D 234 16.76 14.04 -7.12
C PRO D 234 15.70 15.15 -7.07
N HIS D 235 15.44 15.76 -8.22
CA HIS D 235 14.46 16.84 -8.34
C HIS D 235 13.13 16.23 -8.81
N TRP D 236 12.13 16.21 -7.92
CA TRP D 236 10.83 15.65 -8.21
C TRP D 236 9.83 16.75 -8.55
N ASN D 237 8.99 16.50 -9.55
CA ASN D 237 7.90 17.41 -9.90
C ASN D 237 6.58 16.83 -9.39
N ASN D 238 5.65 17.74 -9.08
CA ASN D 238 4.31 17.38 -8.60
C ASN D 238 4.40 16.50 -7.35
N LYS D 239 5.12 16.98 -6.34
CA LYS D 239 5.17 16.29 -5.06
C LYS D 239 3.85 16.39 -4.31
N GLU D 240 3.00 17.34 -4.70
CA GLU D 240 1.71 17.52 -4.02
C GLU D 240 0.79 16.31 -4.19
N ALA D 241 1.00 15.49 -5.22
CA ALA D 241 0.13 14.34 -5.44
C ALA D 241 0.24 13.33 -4.30
N LEU D 242 1.38 13.30 -3.60
CA LEU D 242 1.60 12.35 -2.52
C LEU D 242 1.58 12.99 -1.13
N VAL D 243 1.47 14.31 -1.03
CA VAL D 243 1.53 15.02 0.25
C VAL D 243 0.19 15.72 0.49
N GLU D 244 -0.50 15.33 1.55
CA GLU D 244 -1.77 15.91 1.95
C GLU D 244 -1.51 16.94 3.03
N PHE D 245 -1.92 18.19 2.78
CA PHE D 245 -1.79 19.26 3.77
C PHE D 245 -3.13 19.40 4.49
N LYS D 246 -3.18 18.91 5.73
CA LYS D 246 -4.40 18.92 6.53
C LYS D 246 -4.47 20.24 7.31
N ASP D 247 -5.45 21.07 6.97
CA ASP D 247 -5.69 22.33 7.69
C ASP D 247 -6.72 22.04 8.78
N ALA D 248 -6.29 22.10 10.04
CA ALA D 248 -7.14 21.75 11.18
C ALA D 248 -7.73 23.04 11.74
N HIS D 249 -9.00 23.28 11.43
CA HIS D 249 -9.75 24.41 11.97
C HIS D 249 -9.08 25.76 11.67
N ALA D 250 -8.38 25.84 10.53
CA ALA D 250 -7.79 27.09 10.03
C ALA D 250 -6.81 27.71 11.02
N LYS D 251 -6.15 26.88 11.82
CA LYS D 251 -5.15 27.34 12.77
C LYS D 251 -3.78 26.71 12.55
N ARG D 252 -3.75 25.41 12.31
CA ARG D 252 -2.52 24.64 12.12
C ARG D 252 -2.53 23.99 10.76
N GLN D 253 -1.33 23.68 10.27
CA GLN D 253 -1.15 23.03 8.98
C GLN D 253 -0.14 21.90 9.19
N THR D 254 -0.59 20.66 9.04
CA THR D 254 0.25 19.48 9.15
C THR D 254 0.40 18.81 7.80
N VAL D 255 1.44 17.99 7.68
CA VAL D 255 1.78 17.30 6.44
C VAL D 255 1.78 15.80 6.71
N VAL D 256 1.14 15.04 5.83
CA VAL D 256 1.02 13.59 5.99
C VAL D 256 1.34 12.93 4.65
N VAL D 257 1.92 11.73 4.73
CA VAL D 257 2.20 10.91 3.55
C VAL D 257 1.00 10.00 3.30
N LEU D 258 0.68 9.80 2.02
CA LEU D 258 -0.35 8.85 1.63
C LEU D 258 0.27 7.46 1.49
N GLY D 259 -0.54 6.44 1.77
CA GLY D 259 -0.07 5.07 1.77
C GLY D 259 0.43 4.53 0.45
N SER D 260 0.86 3.27 0.43
CA SER D 260 1.39 2.68 -0.79
C SER D 260 0.31 2.59 -1.85
N GLN D 261 0.59 3.15 -3.04
CA GLN D 261 -0.36 3.15 -4.13
C GLN D 261 -0.36 1.85 -4.93
N GLU D 262 0.31 0.80 -4.42
CA GLU D 262 0.36 -0.46 -5.14
C GLU D 262 -1.03 -0.98 -5.46
N GLY D 263 -1.98 -0.81 -4.53
CA GLY D 263 -3.34 -1.22 -4.81
C GLY D 263 -3.96 -0.45 -5.97
N ALA D 264 -3.77 0.87 -5.98
CA ALA D 264 -4.33 1.70 -7.04
C ALA D 264 -3.67 1.46 -8.39
N VAL D 265 -2.37 1.16 -8.41
CA VAL D 265 -1.70 0.86 -9.67
C VAL D 265 -2.20 -0.47 -10.22
N HIS D 266 -2.35 -1.48 -9.36
CA HIS D 266 -2.77 -2.80 -9.82
C HIS D 266 -4.21 -2.79 -10.33
N THR D 267 -5.11 -2.12 -9.61
CA THR D 267 -6.51 -2.08 -10.05
C THR D 267 -6.67 -1.30 -11.36
N ALA D 268 -5.84 -0.27 -11.58
CA ALA D 268 -5.94 0.51 -12.80
C ALA D 268 -5.39 -0.25 -14.00
N LEU D 269 -4.39 -1.11 -13.78
CA LEU D 269 -3.80 -1.90 -14.85
C LEU D 269 -4.56 -3.19 -15.13
N ALA D 270 -5.68 -3.43 -14.45
CA ALA D 270 -6.49 -4.62 -14.66
C ALA D 270 -7.17 -4.52 -16.03
N GLY D 271 -6.65 -5.25 -17.00
CA GLY D 271 -7.14 -5.19 -18.36
C GLY D 271 -6.03 -5.00 -19.36
N ALA D 272 -4.93 -4.38 -18.92
CA ALA D 272 -3.75 -4.24 -19.76
C ALA D 272 -3.01 -5.58 -19.84
N LEU D 273 -2.19 -5.73 -20.88
CA LEU D 273 -1.48 -6.97 -21.12
C LEU D 273 -0.23 -7.04 -20.24
N GLU D 274 -0.12 -8.13 -19.48
CA GLU D 274 1.03 -8.33 -18.61
C GLU D 274 2.21 -8.89 -19.41
N ALA D 275 3.42 -8.52 -18.98
CA ALA D 275 4.63 -8.92 -19.68
C ALA D 275 5.66 -9.37 -18.65
N GLU D 276 6.78 -9.88 -19.15
CA GLU D 276 7.80 -10.48 -18.29
C GLU D 276 9.18 -10.02 -18.74
N MET D 277 10.11 -9.99 -17.79
CA MET D 277 11.51 -9.65 -18.06
C MET D 277 12.37 -10.90 -17.92
N ASP D 278 13.15 -11.19 -18.96
CA ASP D 278 14.11 -12.29 -18.95
C ASP D 278 15.50 -11.67 -18.96
N GLY D 279 16.02 -11.37 -17.77
CA GLY D 279 17.30 -10.71 -17.63
C GLY D 279 17.27 -9.27 -18.06
N ALA D 280 17.95 -8.94 -19.16
CA ALA D 280 17.96 -7.58 -19.71
C ALA D 280 17.01 -7.40 -20.88
N LYS D 281 16.62 -8.49 -21.53
CA LYS D 281 15.63 -8.45 -22.61
C LYS D 281 14.23 -8.68 -22.05
N GLY D 282 13.25 -8.01 -22.64
CA GLY D 282 11.86 -8.15 -22.24
C GLY D 282 11.10 -9.07 -23.19
N ARG D 283 10.36 -10.00 -22.61
CA ARG D 283 9.58 -10.98 -23.35
C ARG D 283 8.10 -10.62 -23.30
N LEU D 284 7.45 -10.64 -24.47
CA LEU D 284 6.04 -10.29 -24.59
C LEU D 284 5.20 -11.54 -24.80
N SER D 285 3.92 -11.45 -24.42
CA SER D 285 2.98 -12.56 -24.49
C SER D 285 1.80 -12.22 -25.42
N SER D 286 2.01 -11.32 -26.37
CA SER D 286 0.94 -10.91 -27.27
C SER D 286 1.53 -10.37 -28.55
N GLY D 287 0.69 -10.30 -29.59
CA GLY D 287 1.12 -9.80 -30.88
C GLY D 287 1.02 -10.82 -31.98
N HIS D 288 0.58 -10.39 -33.17
CA HIS D 288 0.46 -11.24 -34.34
C HIS D 288 1.41 -10.75 -35.43
N LEU D 289 1.57 -11.57 -36.47
CA LEU D 289 2.52 -11.25 -37.54
C LEU D 289 2.10 -11.96 -38.82
N LYS D 290 2.00 -11.20 -39.91
CA LYS D 290 1.76 -11.80 -41.22
C LYS D 290 3.08 -12.12 -41.88
N CYS D 291 3.16 -13.29 -42.50
CA CYS D 291 4.39 -13.75 -43.13
C CYS D 291 4.03 -14.45 -44.44
N ARG D 292 4.97 -14.43 -45.38
CA ARG D 292 4.82 -15.15 -46.63
C ARG D 292 5.99 -16.12 -46.75
N LEU D 293 5.69 -17.38 -47.04
CA LEU D 293 6.70 -18.45 -47.03
C LEU D 293 7.06 -18.85 -48.46
N LYS D 294 8.36 -19.05 -48.69
CA LYS D 294 8.87 -19.50 -49.98
C LYS D 294 9.01 -21.02 -49.94
N MET D 295 8.09 -21.72 -50.63
CA MET D 295 8.04 -23.17 -50.64
C MET D 295 8.91 -23.80 -51.71
N ASP D 296 9.47 -22.98 -52.61
CA ASP D 296 10.23 -23.47 -53.75
C ASP D 296 11.34 -24.44 -53.34
N LYS D 297 12.19 -24.00 -52.42
CA LYS D 297 13.43 -24.67 -52.03
C LYS D 297 13.23 -25.89 -51.13
N LEU D 298 12.00 -26.38 -51.02
CA LEU D 298 11.69 -27.51 -50.16
C LEU D 298 11.61 -28.81 -50.96
N ARG D 299 12.10 -29.90 -50.39
CA ARG D 299 12.10 -31.19 -51.06
C ARG D 299 11.75 -32.30 -50.10
N LEU D 300 11.32 -33.43 -50.66
CA LEU D 300 10.86 -34.58 -49.89
C LEU D 300 12.00 -35.56 -49.63
N LYS D 301 12.26 -35.85 -48.35
CA LYS D 301 13.30 -36.79 -47.95
C LYS D 301 12.77 -38.21 -48.06
N GLY D 302 13.20 -38.93 -49.08
CA GLY D 302 12.88 -40.34 -49.19
C GLY D 302 11.74 -40.70 -50.12
N VAL D 303 11.46 -39.89 -51.13
CA VAL D 303 10.39 -40.21 -52.07
C VAL D 303 10.72 -41.44 -52.92
N SER D 304 11.99 -41.80 -53.03
CA SER D 304 12.40 -42.93 -53.85
C SER D 304 12.50 -44.23 -53.05
N TYR D 305 12.18 -44.19 -51.76
CA TYR D 305 12.28 -45.37 -50.92
C TYR D 305 11.31 -46.46 -51.38
N SER D 306 11.62 -47.69 -51.02
CA SER D 306 10.74 -48.81 -51.29
C SER D 306 9.75 -48.98 -50.14
N LEU D 307 8.82 -49.92 -50.30
CA LEU D 307 7.82 -50.21 -49.28
C LEU D 307 8.39 -51.14 -48.22
N CYS D 308 8.04 -50.88 -46.96
CA CYS D 308 8.46 -51.74 -45.86
C CYS D 308 7.78 -53.10 -45.95
N THR D 309 8.56 -54.17 -45.79
CA THR D 309 8.09 -55.52 -46.09
C THR D 309 7.49 -56.22 -44.88
N ALA D 310 8.07 -56.06 -43.70
CA ALA D 310 7.59 -56.80 -42.55
C ALA D 310 6.31 -56.18 -42.00
N ALA D 311 5.81 -56.75 -40.92
CA ALA D 311 4.54 -56.35 -40.33
C ALA D 311 4.75 -55.24 -39.31
N PHE D 312 3.65 -54.60 -38.93
CA PHE D 312 3.65 -53.55 -37.93
C PHE D 312 2.78 -53.97 -36.75
N THR D 313 3.06 -53.38 -35.60
CA THR D 313 2.32 -53.66 -34.37
C THR D 313 2.00 -52.36 -33.67
N PHE D 314 0.72 -52.17 -33.33
CA PHE D 314 0.31 -50.91 -32.69
C PHE D 314 0.92 -50.77 -31.31
N THR D 315 1.57 -49.63 -31.07
CA THR D 315 2.07 -49.31 -29.74
C THR D 315 1.02 -48.59 -28.90
N LYS D 316 0.41 -47.55 -29.45
CA LYS D 316 -0.67 -46.83 -28.80
C LYS D 316 -1.89 -46.84 -29.71
N ILE D 317 -3.07 -46.95 -29.11
CA ILE D 317 -4.30 -47.04 -29.89
C ILE D 317 -4.57 -45.71 -30.58
N PRO D 318 -4.99 -45.70 -31.85
CA PRO D 318 -5.27 -44.44 -32.54
C PRO D 318 -6.32 -43.62 -31.81
N ALA D 319 -5.96 -42.37 -31.51
CA ALA D 319 -6.84 -41.44 -30.81
C ALA D 319 -7.14 -40.25 -31.71
N GLU D 320 -8.28 -39.60 -31.45
CA GLU D 320 -8.72 -38.45 -32.22
C GLU D 320 -8.19 -37.17 -31.57
N THR D 321 -7.57 -36.32 -32.37
CA THR D 321 -7.07 -35.05 -31.85
C THR D 321 -8.21 -34.05 -31.75
N LEU D 322 -7.88 -32.83 -31.35
CA LEU D 322 -8.91 -31.81 -31.20
C LEU D 322 -9.52 -31.44 -32.55
N HIS D 323 -8.68 -31.34 -33.59
CA HIS D 323 -9.14 -30.88 -34.90
C HIS D 323 -9.55 -32.01 -35.84
N GLY D 324 -9.75 -33.22 -35.34
CA GLY D 324 -10.27 -34.30 -36.15
C GLY D 324 -9.24 -35.23 -36.76
N THR D 325 -7.96 -34.90 -36.62
CA THR D 325 -6.94 -35.80 -37.12
C THR D 325 -6.73 -36.96 -36.14
N VAL D 326 -6.18 -38.06 -36.65
CA VAL D 326 -5.92 -39.25 -35.86
C VAL D 326 -4.42 -39.45 -35.74
N THR D 327 -3.95 -39.70 -34.52
CA THR D 327 -2.55 -39.98 -34.24
C THR D 327 -2.38 -41.45 -33.92
N VAL D 328 -1.39 -42.09 -34.55
CA VAL D 328 -1.11 -43.50 -34.35
C VAL D 328 0.38 -43.66 -34.12
N GLU D 329 0.75 -44.43 -33.11
CA GLU D 329 2.15 -44.78 -32.91
C GLU D 329 2.30 -46.28 -33.12
N VAL D 330 3.18 -46.66 -34.05
CA VAL D 330 3.35 -48.05 -34.46
C VAL D 330 4.82 -48.44 -34.34
N GLN D 331 5.05 -49.75 -34.22
CA GLN D 331 6.39 -50.33 -34.18
C GLN D 331 6.59 -51.29 -35.35
N TYR D 332 7.75 -51.20 -35.98
CA TYR D 332 8.09 -51.98 -37.16
C TYR D 332 9.28 -52.88 -36.87
N ALA D 333 9.08 -54.19 -37.00
CA ALA D 333 10.11 -55.17 -36.70
C ALA D 333 11.03 -55.45 -37.89
N GLY D 334 10.78 -54.85 -39.05
CA GLY D 334 11.59 -55.13 -40.21
C GLY D 334 12.98 -54.52 -40.12
N THR D 335 13.87 -55.05 -40.95
CA THR D 335 15.26 -54.61 -40.99
C THR D 335 15.66 -53.96 -42.30
N ASP D 336 14.80 -53.99 -43.31
CA ASP D 336 15.15 -53.46 -44.63
C ASP D 336 15.00 -51.95 -44.73
N GLY D 337 14.90 -51.23 -43.62
CA GLY D 337 14.84 -49.79 -43.64
C GLY D 337 16.17 -49.19 -44.07
N PRO D 338 16.15 -47.95 -44.59
CA PRO D 338 14.98 -47.08 -44.71
C PRO D 338 13.99 -47.51 -45.79
N CYS D 339 12.71 -47.41 -45.44
CA CYS D 339 11.64 -47.82 -46.34
C CYS D 339 10.41 -46.95 -46.09
N LYS D 340 9.56 -46.89 -47.12
CA LYS D 340 8.29 -46.18 -47.02
C LYS D 340 7.31 -47.01 -46.22
N VAL D 341 6.66 -46.40 -45.24
CA VAL D 341 5.64 -47.06 -44.44
C VAL D 341 4.32 -46.95 -45.21
N PRO D 342 3.71 -48.05 -45.63
CA PRO D 342 2.45 -47.97 -46.39
C PRO D 342 1.28 -47.69 -45.46
N ALA D 343 0.76 -46.47 -45.52
CA ALA D 343 -0.39 -46.05 -44.75
C ALA D 343 -1.39 -45.35 -45.66
N GLN D 344 -2.67 -45.64 -45.45
CA GLN D 344 -3.72 -45.01 -46.23
C GLN D 344 -5.05 -45.24 -45.53
N MET D 345 -6.04 -44.49 -45.96
CA MET D 345 -7.42 -44.71 -45.56
C MET D 345 -8.12 -45.45 -46.67
N ALA D 346 -8.98 -46.37 -46.30
CA ALA D 346 -9.75 -47.14 -47.26
C ALA D 346 -11.20 -47.21 -46.78
N VAL D 347 -12.13 -47.17 -47.73
CA VAL D 347 -13.53 -47.31 -47.41
C VAL D 347 -13.96 -48.72 -47.81
N ASP D 348 -13.29 -49.28 -48.82
CA ASP D 348 -13.54 -50.64 -49.27
C ASP D 348 -12.24 -51.44 -49.22
N MET D 349 -12.29 -52.60 -48.57
CA MET D 349 -11.11 -53.43 -48.35
C MET D 349 -10.69 -54.26 -49.57
N GLN D 350 -11.51 -54.31 -50.63
CA GLN D 350 -11.07 -55.02 -51.82
C GLN D 350 -10.34 -54.10 -52.80
N THR D 351 -10.86 -52.89 -53.03
CA THR D 351 -10.20 -51.95 -53.93
C THR D 351 -9.04 -51.21 -53.27
N LEU D 352 -9.11 -50.97 -51.95
CA LEU D 352 -8.14 -50.15 -51.23
C LEU D 352 -8.01 -48.76 -51.85
N THR D 353 -9.13 -48.25 -52.38
CA THR D 353 -9.19 -46.93 -52.96
C THR D 353 -8.77 -45.94 -51.90
N PRO D 354 -7.63 -45.29 -52.07
CA PRO D 354 -7.12 -44.38 -51.03
C PRO D 354 -8.01 -43.15 -50.90
N VAL D 355 -8.59 -42.96 -49.71
CA VAL D 355 -9.42 -41.80 -49.46
C VAL D 355 -8.81 -41.00 -48.31
N GLY D 356 -9.43 -39.87 -47.97
CA GLY D 356 -8.92 -39.03 -46.90
C GLY D 356 -7.68 -38.26 -47.33
N ARG D 357 -6.84 -37.94 -46.34
CA ARG D 357 -5.58 -37.26 -46.59
C ARG D 357 -4.62 -37.60 -45.46
N LEU D 358 -3.35 -37.67 -45.81
CA LEU D 358 -2.28 -38.01 -44.87
C LEU D 358 -1.58 -36.74 -44.43
N ILE D 359 -1.53 -36.51 -43.11
CA ILE D 359 -0.93 -35.28 -42.58
C ILE D 359 0.59 -35.37 -42.59
N THR D 360 1.13 -36.40 -41.95
CA THR D 360 2.58 -36.59 -41.98
C THR D 360 2.98 -37.03 -43.37
N ALA D 361 3.38 -36.07 -44.22
CA ALA D 361 3.58 -36.35 -45.63
C ALA D 361 4.71 -37.37 -45.84
N ASN D 362 4.40 -38.43 -46.59
CA ASN D 362 5.35 -39.50 -46.93
C ASN D 362 6.11 -40.03 -45.72
N PRO D 363 5.41 -40.63 -44.75
CA PRO D 363 6.11 -41.09 -43.55
C PRO D 363 7.02 -42.27 -43.87
N VAL D 364 8.26 -42.19 -43.40
CA VAL D 364 9.25 -43.21 -43.66
C VAL D 364 9.95 -43.55 -42.35
N ILE D 365 10.61 -44.69 -42.36
CA ILE D 365 11.45 -45.12 -41.26
C ILE D 365 12.89 -45.01 -41.73
N THR D 366 13.71 -44.29 -40.96
CA THR D 366 15.12 -44.12 -41.29
C THR D 366 16.03 -45.09 -40.56
N GLU D 367 15.71 -45.40 -39.30
CA GLU D 367 16.51 -46.39 -38.58
C GLU D 367 16.43 -47.72 -39.30
N SER D 368 17.56 -48.44 -39.34
CA SER D 368 17.65 -49.71 -40.04
C SER D 368 17.49 -50.90 -39.09
N THR D 369 17.38 -50.65 -37.79
CA THR D 369 17.26 -51.70 -36.79
C THR D 369 15.81 -52.11 -36.58
N GLU D 370 15.62 -53.31 -36.04
CA GLU D 370 14.29 -53.81 -35.78
C GLU D 370 13.66 -53.08 -34.60
N ASN D 371 12.35 -53.23 -34.48
CA ASN D 371 11.59 -52.72 -33.33
C ASN D 371 11.72 -51.21 -33.19
N SER D 372 11.86 -50.48 -34.30
CA SER D 372 11.92 -49.03 -34.24
C SER D 372 10.51 -48.46 -34.16
N LYS D 373 10.31 -47.50 -33.26
CA LYS D 373 9.00 -46.87 -33.11
C LYS D 373 8.86 -45.71 -34.07
N MET D 374 7.62 -45.42 -34.45
CA MET D 374 7.35 -44.33 -35.37
C MET D 374 5.89 -43.94 -35.20
N MET D 375 5.60 -42.66 -35.45
CA MET D 375 4.30 -42.07 -35.19
C MET D 375 3.93 -41.17 -36.37
N LEU D 376 2.67 -41.22 -36.79
CA LEU D 376 2.21 -40.41 -37.93
C LEU D 376 0.82 -39.85 -37.64
N GLU D 377 0.45 -38.84 -38.44
CA GLU D 377 -0.81 -38.14 -38.31
C GLU D 377 -1.66 -38.34 -39.56
N LEU D 378 -2.95 -38.59 -39.37
CA LEU D 378 -3.88 -38.89 -40.44
C LEU D 378 -5.16 -38.08 -40.28
N ASP D 379 -5.74 -37.68 -41.41
CA ASP D 379 -7.01 -36.96 -41.42
C ASP D 379 -8.03 -37.82 -42.16
N PRO D 380 -8.79 -38.65 -41.45
CA PRO D 380 -9.74 -39.54 -42.12
C PRO D 380 -10.96 -38.78 -42.60
N PRO D 381 -11.73 -39.35 -43.51
CA PRO D 381 -12.95 -38.67 -43.97
C PRO D 381 -14.08 -38.82 -42.96
N PHE D 382 -15.13 -38.02 -43.19
CA PHE D 382 -16.30 -38.05 -42.32
C PHE D 382 -16.92 -39.44 -42.29
N GLY D 383 -17.28 -39.88 -41.10
CA GLY D 383 -17.99 -41.14 -40.95
C GLY D 383 -17.05 -42.32 -40.80
N ASP D 384 -17.59 -43.49 -41.12
CA ASP D 384 -16.86 -44.74 -40.94
C ASP D 384 -15.71 -44.83 -41.95
N SER D 385 -14.58 -45.36 -41.50
CA SER D 385 -13.40 -45.51 -42.35
C SER D 385 -12.49 -46.57 -41.75
N TYR D 386 -11.50 -46.99 -42.54
CA TYR D 386 -10.55 -48.01 -42.11
C TYR D 386 -9.14 -47.46 -42.22
N ILE D 387 -8.39 -47.55 -41.11
CA ILE D 387 -6.98 -47.22 -41.11
C ILE D 387 -6.20 -48.50 -41.40
N VAL D 388 -5.50 -48.50 -42.54
CA VAL D 388 -4.75 -49.67 -42.98
C VAL D 388 -3.28 -49.32 -43.01
N ILE D 389 -2.47 -50.11 -42.33
CA ILE D 389 -1.02 -49.94 -42.27
C ILE D 389 -0.36 -51.28 -42.56
N GLY D 390 0.65 -51.27 -43.43
CA GLY D 390 1.36 -52.49 -43.77
C GLY D 390 0.96 -53.00 -45.14
N VAL D 391 1.53 -54.17 -45.47
CA VAL D 391 1.27 -54.82 -46.74
C VAL D 391 1.09 -56.32 -46.54
N GLY D 392 0.38 -56.94 -47.48
CA GLY D 392 0.13 -58.36 -47.41
C GLY D 392 -0.91 -58.71 -46.36
N GLU D 393 -0.94 -60.00 -45.99
CA GLU D 393 -1.90 -60.45 -44.99
C GLU D 393 -1.52 -60.02 -43.59
N LYS D 394 -0.24 -59.77 -43.33
CA LYS D 394 0.23 -59.33 -42.02
C LYS D 394 -0.11 -57.89 -41.71
N LYS D 395 -0.78 -57.18 -42.63
CA LYS D 395 -1.14 -55.79 -42.40
C LYS D 395 -2.08 -55.70 -41.20
N ILE D 396 -2.12 -54.52 -40.60
CA ILE D 396 -2.99 -54.24 -39.46
C ILE D 396 -4.06 -53.24 -39.89
N THR D 397 -5.28 -53.45 -39.40
CA THR D 397 -6.43 -52.62 -39.75
C THR D 397 -7.22 -52.26 -38.50
N HIS D 398 -7.69 -51.01 -38.45
CA HIS D 398 -8.49 -50.51 -37.34
C HIS D 398 -9.65 -49.70 -37.89
N HIS D 399 -10.84 -49.95 -37.35
CA HIS D 399 -12.05 -49.28 -37.79
C HIS D 399 -12.21 -47.95 -37.08
N TRP D 400 -12.62 -46.93 -37.83
CA TRP D 400 -12.72 -45.56 -37.33
C TRP D 400 -14.08 -44.97 -37.71
N HIS D 401 -14.52 -43.98 -36.94
CA HIS D 401 -15.79 -43.28 -37.17
C HIS D 401 -15.62 -41.80 -36.86
N ARG D 402 -16.09 -40.94 -37.75
CA ARG D 402 -15.95 -39.50 -37.60
C ARG D 402 -17.32 -38.85 -37.48
N SER D 403 -17.34 -37.64 -36.91
CA SER D 403 -18.57 -36.88 -36.61
C SER D 403 -19.50 -37.69 -35.72
N GLN E 1 -48.40 52.17 38.09
CA GLN E 1 -48.47 50.90 37.39
C GLN E 1 -48.46 49.74 38.38
N VAL E 2 -47.36 49.58 39.13
CA VAL E 2 -47.16 48.47 40.04
C VAL E 2 -47.78 48.79 41.40
N GLN E 3 -48.48 47.80 41.97
CA GLN E 3 -49.00 47.89 43.32
C GLN E 3 -48.88 46.52 43.99
N LEU E 4 -48.41 46.53 45.23
CA LEU E 4 -48.30 45.32 46.05
C LEU E 4 -49.22 45.46 47.24
N GLN E 5 -49.88 44.36 47.60
CA GLN E 5 -50.85 44.36 48.70
C GLN E 5 -50.59 43.17 49.59
N GLU E 6 -50.33 43.45 50.87
CA GLU E 6 -50.21 42.39 51.87
C GLU E 6 -51.59 41.94 52.33
N SER E 7 -51.68 40.68 52.75
CA SER E 7 -52.94 40.15 53.26
C SER E 7 -52.63 38.93 54.10
N GLY E 8 -53.14 38.91 55.33
CA GLY E 8 -52.90 37.82 56.24
C GLY E 8 -53.38 38.11 57.64
N PRO E 9 -53.29 37.12 58.53
CA PRO E 9 -53.80 37.29 59.89
C PRO E 9 -53.10 38.43 60.61
N GLY E 10 -53.90 39.31 61.22
CA GLY E 10 -53.32 40.38 62.02
C GLY E 10 -52.84 39.95 63.40
N LEU E 11 -53.38 38.84 63.90
CA LEU E 11 -53.02 38.29 65.20
C LEU E 11 -52.90 36.77 65.09
N VAL E 12 -51.83 36.20 65.66
CA VAL E 12 -51.62 34.76 65.63
C VAL E 12 -51.24 34.28 67.03
N LYS E 13 -51.50 32.99 67.26
CA LYS E 13 -51.17 32.35 68.52
C LYS E 13 -49.71 31.92 68.51
N SER E 14 -49.14 31.79 69.70
CA SER E 14 -47.76 31.31 69.79
C SER E 14 -47.69 29.84 69.42
N SER E 15 -46.48 29.42 69.04
CA SER E 15 -46.16 28.03 68.74
C SER E 15 -46.93 27.47 67.55
N GLU E 16 -47.74 28.29 66.89
CA GLU E 16 -48.48 27.88 65.71
C GLU E 16 -47.70 28.33 64.47
N THR E 17 -48.30 28.16 63.30
CA THR E 17 -47.65 28.49 62.04
C THR E 17 -48.20 29.81 61.50
N LEU E 18 -47.30 30.71 61.12
CA LEU E 18 -47.64 32.02 60.59
C LEU E 18 -47.58 31.98 59.07
N SER E 19 -48.64 32.46 58.41
CA SER E 19 -48.70 32.50 56.96
C SER E 19 -49.12 33.87 56.47
N LEU E 20 -48.41 34.38 55.47
CA LEU E 20 -48.72 35.66 54.85
C LEU E 20 -48.59 35.52 53.34
N SER E 21 -49.46 36.25 52.62
CA SER E 21 -49.48 36.23 51.17
C SER E 21 -49.31 37.65 50.64
N CYS E 22 -48.74 37.74 49.43
CA CYS E 22 -48.49 39.03 48.78
C CYS E 22 -48.93 38.94 47.33
N THR E 23 -49.83 39.82 46.93
CA THR E 23 -50.38 39.80 45.58
C THR E 23 -49.76 40.92 44.75
N VAL E 24 -49.40 40.58 43.51
CA VAL E 24 -48.75 41.51 42.59
C VAL E 24 -49.79 42.01 41.59
N SER E 25 -49.85 43.33 41.41
CA SER E 25 -50.85 43.95 40.54
C SER E 25 -50.15 44.86 39.56
N GLY E 26 -50.40 44.63 38.26
CA GLY E 26 -49.94 45.57 37.24
C GLY E 26 -48.52 45.37 36.74
N ALA E 27 -47.92 44.20 36.95
CA ALA E 27 -46.56 43.97 36.50
C ALA E 27 -46.33 42.47 36.33
N SER E 28 -45.31 42.15 35.53
CA SER E 28 -44.98 40.75 35.33
C SER E 28 -44.25 40.21 36.55
N ILE E 29 -44.65 39.00 36.96
CA ILE E 29 -44.12 38.34 38.14
C ILE E 29 -42.68 37.91 37.97
N SER E 30 -42.18 37.93 36.74
CA SER E 30 -40.86 37.42 36.41
C SER E 30 -39.81 38.52 36.35
N ASN E 31 -40.10 39.72 36.82
CA ASN E 31 -39.16 40.83 36.73
C ASN E 31 -38.50 41.20 38.05
N PHE E 32 -38.79 40.48 39.13
CA PHE E 32 -38.23 40.84 40.44
C PHE E 32 -37.98 39.59 41.25
N TYR E 33 -37.00 39.68 42.15
CA TYR E 33 -36.75 38.66 43.17
C TYR E 33 -37.66 38.98 44.35
N TRP E 34 -38.78 38.27 44.45
CA TRP E 34 -39.79 38.61 45.42
C TRP E 34 -39.33 38.17 46.80
N SER E 35 -39.33 39.10 47.74
CA SER E 35 -38.70 38.92 49.03
C SER E 35 -39.64 39.36 50.15
N TRP E 36 -39.29 38.94 51.37
CA TRP E 36 -40.02 39.31 52.57
C TRP E 36 -39.04 39.92 53.57
N VAL E 37 -39.45 41.03 54.19
CA VAL E 37 -38.66 41.71 55.21
C VAL E 37 -39.54 41.98 56.41
N ARG E 38 -38.90 42.09 57.57
CA ARG E 38 -39.59 42.32 58.82
C ARG E 38 -38.80 43.27 59.69
N GLN E 39 -39.50 43.93 60.61
CA GLN E 39 -38.92 44.90 61.53
C GLN E 39 -39.47 44.66 62.94
N PRO E 40 -38.71 43.99 63.81
CA PRO E 40 -39.14 43.88 65.20
C PRO E 40 -38.91 45.20 65.92
N PRO E 41 -39.86 45.67 66.70
CA PRO E 41 -39.71 46.98 67.35
C PRO E 41 -38.54 46.98 68.33
N GLY E 42 -37.66 47.97 68.19
CA GLY E 42 -36.49 48.08 69.01
C GLY E 42 -35.24 47.52 68.39
N LYS E 43 -35.36 46.58 67.47
CA LYS E 43 -34.23 46.02 66.76
C LYS E 43 -34.17 46.63 65.35
N GLY E 44 -33.20 46.18 64.56
CA GLY E 44 -33.00 46.71 63.23
C GLY E 44 -33.71 45.91 62.16
N LEU E 45 -33.52 46.34 60.90
CA LEU E 45 -34.12 45.65 59.77
C LEU E 45 -33.46 44.30 59.54
N GLU E 46 -34.28 43.32 59.15
CA GLU E 46 -33.80 41.99 58.85
C GLU E 46 -34.51 41.46 57.61
N TRP E 47 -33.74 41.01 56.64
CA TRP E 47 -34.28 40.41 55.43
C TRP E 47 -34.53 38.93 55.70
N MET E 48 -35.75 38.47 55.40
CA MET E 48 -36.12 37.10 55.73
C MET E 48 -35.71 36.12 54.64
N GLY E 49 -36.18 36.33 53.42
CA GLY E 49 -35.85 35.43 52.33
C GLY E 49 -36.24 36.04 51.01
N SER E 50 -35.72 35.44 49.94
CA SER E 50 -36.01 35.91 48.60
C SER E 50 -36.26 34.72 47.68
N ILE E 51 -37.25 34.85 46.81
CA ILE E 51 -37.65 33.79 45.90
C ILE E 51 -37.95 34.39 44.52
N TYR E 52 -37.67 33.62 43.49
CA TYR E 52 -37.92 33.96 42.09
C TYR E 52 -39.07 33.12 41.56
N TYR E 53 -39.67 33.57 40.46
CA TYR E 53 -40.88 32.92 39.97
C TYR E 53 -40.60 31.49 39.48
N THR E 54 -39.37 31.20 39.08
CA THR E 54 -39.03 29.84 38.66
C THR E 54 -38.96 28.89 39.84
N GLY E 55 -38.88 29.40 41.06
CA GLY E 55 -38.71 28.55 42.23
C GLY E 55 -37.36 28.65 42.91
N THR E 56 -36.41 29.38 42.32
CA THR E 56 -35.13 29.60 42.98
C THR E 56 -35.39 30.29 44.33
N ILE E 57 -34.84 29.72 45.40
CA ILE E 57 -35.07 30.22 46.73
C ILE E 57 -33.73 30.48 47.39
N THR E 58 -33.71 31.47 48.28
CA THR E 58 -32.55 31.69 49.13
C THR E 58 -33.02 32.39 50.39
N TYR E 59 -32.74 31.80 51.54
CA TYR E 59 -33.28 32.25 52.80
C TYR E 59 -32.18 32.84 53.68
N ASN E 60 -32.60 33.66 54.65
CA ASN E 60 -31.67 34.13 55.66
C ASN E 60 -31.08 32.92 56.38
N PRO E 61 -29.75 32.82 56.48
CA PRO E 61 -29.15 31.62 57.09
C PRO E 61 -29.63 31.31 58.49
N SER E 62 -29.92 32.33 59.30
CA SER E 62 -30.39 32.10 60.66
C SER E 62 -31.85 31.67 60.74
N LEU E 63 -32.55 31.61 59.61
CA LEU E 63 -33.96 31.29 59.58
C LEU E 63 -34.29 30.10 58.70
N LYS E 64 -33.30 29.52 58.02
CA LYS E 64 -33.56 28.39 57.12
C LYS E 64 -34.12 27.20 57.87
N SER E 65 -33.81 27.10 59.17
CA SER E 65 -34.30 25.99 59.96
C SER E 65 -35.78 26.12 60.28
N ARG E 66 -36.39 27.28 60.03
CA ARG E 66 -37.75 27.55 60.45
C ARG E 66 -38.65 28.12 59.37
N LEU E 67 -38.11 28.51 58.22
CA LEU E 67 -38.84 29.31 57.24
C LEU E 67 -39.04 28.54 55.95
N THR E 68 -40.22 28.71 55.35
CA THR E 68 -40.53 28.17 54.04
C THR E 68 -41.22 29.26 53.23
N MET E 69 -40.97 29.26 51.93
CA MET E 69 -41.57 30.25 51.03
C MET E 69 -42.16 29.55 49.83
N SER E 70 -43.19 30.17 49.26
CA SER E 70 -43.95 29.57 48.15
C SER E 70 -44.26 30.64 47.12
N VAL E 71 -44.48 30.20 45.88
CA VAL E 71 -44.75 31.08 44.76
C VAL E 71 -45.83 30.46 43.88
N ASP E 72 -46.84 31.24 43.52
CA ASP E 72 -47.89 30.81 42.62
C ASP E 72 -47.77 31.63 41.34
N THR E 73 -47.51 30.96 40.23
CA THR E 73 -47.24 31.65 38.98
C THR E 73 -48.50 32.14 38.31
N SER E 74 -49.61 31.40 38.46
CA SER E 74 -50.84 31.74 37.75
C SER E 74 -51.60 32.88 38.38
N LYS E 75 -51.58 33.00 39.71
CA LYS E 75 -52.35 34.03 40.39
C LYS E 75 -51.56 35.29 40.67
N ASN E 76 -50.33 35.39 40.17
CA ASN E 76 -49.44 36.52 40.46
C ASN E 76 -49.27 36.74 41.96
N GLN E 77 -49.22 35.63 42.70
CA GLN E 77 -49.10 35.65 44.15
C GLN E 77 -47.88 34.87 44.59
N PHE E 78 -47.43 35.20 45.80
CA PHE E 78 -46.41 34.41 46.48
C PHE E 78 -46.64 34.56 47.98
N SER E 79 -46.41 33.48 48.70
CA SER E 79 -46.82 33.42 50.09
C SER E 79 -45.62 33.06 50.95
N LEU E 80 -45.76 33.32 52.24
CA LEU E 80 -44.73 33.07 53.22
C LEU E 80 -45.32 32.25 54.36
N LYS E 81 -44.55 31.30 54.89
CA LYS E 81 -45.00 30.44 55.98
C LYS E 81 -43.86 30.30 56.99
N LEU E 82 -44.16 30.60 58.25
CA LEU E 82 -43.18 30.54 59.34
C LEU E 82 -43.67 29.58 60.41
N ASN E 83 -42.88 28.55 60.68
CA ASN E 83 -43.24 27.53 61.64
C ASN E 83 -42.68 27.85 63.02
N SER E 84 -43.43 27.47 64.04
CA SER E 84 -43.03 27.55 65.45
C SER E 84 -42.61 28.98 65.82
N VAL E 85 -43.58 29.89 65.74
CA VAL E 85 -43.31 31.29 66.02
C VAL E 85 -43.21 31.48 67.53
N THR E 86 -42.39 32.44 67.95
CA THR E 86 -42.23 32.80 69.35
C THR E 86 -42.81 34.18 69.57
N ALA E 87 -42.79 34.62 70.84
CA ALA E 87 -43.20 35.97 71.18
C ALA E 87 -42.24 37.01 70.62
N ALA E 88 -41.00 36.62 70.32
CA ALA E 88 -40.02 37.58 69.80
C ALA E 88 -40.33 37.98 68.36
N ASP E 89 -40.97 37.10 67.59
CA ASP E 89 -41.16 37.34 66.17
C ASP E 89 -42.31 38.32 65.87
N THR E 90 -42.92 38.92 66.89
CA THR E 90 -43.88 39.98 66.63
C THR E 90 -43.17 41.15 65.97
N ALA E 91 -43.58 41.46 64.75
CA ALA E 91 -42.88 42.46 63.95
C ALA E 91 -43.81 42.96 62.86
N VAL E 92 -43.34 43.96 62.11
CA VAL E 92 -44.04 44.50 60.97
C VAL E 92 -43.45 43.83 59.73
N TYR E 93 -44.24 43.00 59.07
CA TYR E 93 -43.78 42.26 57.91
C TYR E 93 -44.20 42.99 56.64
N SER E 94 -43.31 42.99 55.64
CA SER E 94 -43.55 43.72 54.40
C SER E 94 -42.95 42.95 53.23
N CYS E 95 -43.72 42.85 52.15
CA CYS E 95 -43.25 42.21 50.91
C CYS E 95 -42.89 43.25 49.87
N ALA E 96 -41.95 42.89 49.00
CA ALA E 96 -41.45 43.80 47.98
C ALA E 96 -40.68 43.03 46.92
N GLY E 97 -40.50 43.67 45.77
CA GLY E 97 -39.69 43.11 44.72
C GLY E 97 -38.28 43.68 44.70
N LEU E 98 -37.34 42.91 45.21
CA LEU E 98 -35.94 43.32 45.19
C LEU E 98 -35.35 43.08 43.81
N ASP E 99 -34.23 43.74 43.55
CA ASP E 99 -33.50 43.61 42.29
C ASP E 99 -32.14 42.98 42.53
N ARG E 100 -32.07 41.65 42.39
CA ARG E 100 -30.77 40.97 42.45
C ARG E 100 -29.83 41.55 41.40
N PHE E 101 -30.40 41.99 40.28
CA PHE E 101 -29.74 42.74 39.22
C PHE E 101 -30.73 43.83 38.85
N ASN E 102 -30.26 44.90 38.26
CA ASN E 102 -31.18 46.03 38.13
C ASN E 102 -32.40 45.76 37.24
N TRP E 103 -32.19 45.59 35.94
CA TRP E 103 -33.25 45.15 35.03
C TRP E 103 -34.43 46.13 34.91
N ASN E 104 -34.55 47.10 35.82
CA ASN E 104 -35.73 47.95 35.86
C ASN E 104 -35.32 49.40 36.06
N ASP E 105 -35.85 50.29 35.22
CA ASP E 105 -35.45 51.69 35.30
C ASP E 105 -36.06 52.37 36.51
N GLU E 106 -37.23 51.93 36.98
CA GLU E 106 -37.88 52.57 38.10
C GLU E 106 -37.40 52.06 39.45
N GLY E 107 -36.31 51.29 39.47
CA GLY E 107 -35.82 50.78 40.73
C GLY E 107 -36.74 49.71 41.30
N ASP E 108 -36.58 49.49 42.59
CA ASP E 108 -37.36 48.47 43.28
C ASP E 108 -38.75 48.98 43.65
N CYS E 109 -39.64 48.04 43.94
CA CYS E 109 -41.00 48.33 44.34
C CYS E 109 -41.27 47.69 45.69
N TRP E 110 -41.99 48.40 46.55
CA TRP E 110 -42.24 47.94 47.91
C TRP E 110 -43.71 48.04 48.26
N GLY E 111 -44.17 47.10 49.08
CA GLY E 111 -45.55 47.05 49.49
C GLY E 111 -45.86 48.02 50.62
N GLN E 112 -46.86 47.67 51.43
CA GLN E 112 -47.36 48.55 52.46
C GLN E 112 -47.03 48.10 53.88
N GLY E 113 -46.86 46.79 54.11
CA GLY E 113 -46.48 46.28 55.41
C GLY E 113 -47.64 46.07 56.37
N THR E 114 -47.55 45.04 57.21
CA THR E 114 -48.62 44.73 58.16
C THR E 114 -48.05 44.34 59.51
N LEU E 115 -48.83 44.61 60.55
CA LEU E 115 -48.46 44.30 61.93
C LEU E 115 -49.00 42.94 62.32
N VAL E 116 -48.09 42.05 62.73
CA VAL E 116 -48.43 40.71 63.17
C VAL E 116 -47.98 40.55 64.61
N THR E 117 -48.91 40.20 65.49
CA THR E 117 -48.63 40.07 66.91
C THR E 117 -48.80 38.63 67.33
N VAL E 118 -47.77 38.06 67.95
CA VAL E 118 -47.83 36.72 68.51
C VAL E 118 -48.21 36.86 69.98
N PHE E 119 -49.42 36.39 70.34
CA PHE E 119 -49.88 36.45 71.71
C PHE E 119 -49.96 35.06 72.31
N SER E 120 -49.60 34.97 73.59
CA SER E 120 -49.53 33.72 74.31
C SER E 120 -49.83 33.94 75.79
N ALA E 121 -50.56 33.01 76.38
CA ALA E 121 -50.86 32.99 77.81
C ALA E 121 -49.78 32.29 78.63
N SER E 122 -48.66 31.91 78.03
CA SER E 122 -47.61 31.22 78.76
C SER E 122 -47.01 32.11 79.84
N THR E 123 -46.35 31.48 80.81
CA THR E 123 -45.68 32.16 81.89
C THR E 123 -44.38 31.43 82.24
N LYS E 124 -43.48 32.17 82.89
CA LYS E 124 -42.23 31.61 83.40
C LYS E 124 -41.74 32.49 84.54
N GLY E 125 -41.35 31.84 85.64
CA GLY E 125 -40.83 32.56 86.78
C GLY E 125 -39.44 33.10 86.49
N PRO E 126 -39.13 34.27 87.03
CA PRO E 126 -37.82 34.87 86.78
C PRO E 126 -36.75 34.30 87.68
N SER E 127 -35.53 34.25 87.15
CA SER E 127 -34.35 33.91 87.93
C SER E 127 -33.66 35.19 88.37
N VAL E 128 -33.29 35.25 89.64
CA VAL E 128 -32.67 36.45 90.20
C VAL E 128 -31.29 36.10 90.73
N PHE E 129 -30.29 36.82 90.24
CA PHE E 129 -28.89 36.78 90.60
C PHE E 129 -28.44 38.16 91.08
N PRO E 130 -27.52 38.22 92.02
CA PRO E 130 -27.07 39.51 92.56
C PRO E 130 -25.94 40.11 91.73
N LEU E 131 -26.21 41.29 91.17
CA LEU E 131 -25.22 42.08 90.44
C LEU E 131 -24.32 42.74 91.48
N ALA E 132 -23.18 42.10 91.73
CA ALA E 132 -22.31 42.42 92.84
C ALA E 132 -21.97 43.90 92.90
N PRO E 133 -21.83 44.45 94.10
CA PRO E 133 -21.42 45.84 94.25
C PRO E 133 -20.00 46.03 93.74
N SER E 134 -19.68 47.30 93.52
CA SER E 134 -18.38 47.68 93.00
C SER E 134 -17.27 46.97 93.78
N SER E 135 -16.36 46.34 93.04
CA SER E 135 -15.30 45.55 93.62
C SER E 135 -14.49 46.42 94.59
N LYS E 136 -13.72 45.75 95.45
CA LYS E 136 -13.05 46.40 96.57
C LYS E 136 -12.33 47.67 96.12
N SER E 137 -12.19 48.60 97.05
CA SER E 137 -11.46 49.86 96.85
C SER E 137 -12.20 50.81 95.91
N THR E 138 -13.49 50.97 96.14
CA THR E 138 -14.26 51.98 95.45
C THR E 138 -14.17 53.36 96.09
N SER E 139 -13.62 53.46 97.31
CA SER E 139 -13.64 54.67 98.11
C SER E 139 -13.04 55.85 97.35
N GLY E 140 -13.42 57.07 97.74
CA GLY E 140 -14.48 57.32 98.71
C GLY E 140 -15.56 58.17 98.06
N GLY E 141 -16.81 57.76 98.22
CA GLY E 141 -17.89 58.41 97.49
C GLY E 141 -18.97 57.43 97.07
N THR E 142 -19.30 57.38 95.77
CA THR E 142 -20.45 56.62 95.29
C THR E 142 -20.07 55.23 94.81
N ALA E 143 -21.04 54.31 94.86
CA ALA E 143 -20.90 52.97 94.33
C ALA E 143 -22.25 52.46 93.83
N ALA E 144 -22.21 51.56 92.85
CA ALA E 144 -23.40 51.05 92.18
C ALA E 144 -23.50 49.55 92.33
N LEU E 145 -24.69 49.07 92.70
CA LEU E 145 -24.98 47.64 92.84
C LEU E 145 -26.43 47.41 92.46
N GLY E 146 -26.73 46.20 91.99
CA GLY E 146 -28.07 45.90 91.56
C GLY E 146 -28.33 44.42 91.56
N CYS E 147 -29.42 44.04 90.89
N CYS E 147 -29.42 44.03 90.90
CA CYS E 147 -29.80 42.65 90.75
CA CYS E 147 -29.80 42.64 90.76
C CYS E 147 -30.16 42.37 89.30
C CYS E 147 -30.20 42.36 89.32
N LEU E 148 -30.03 41.10 88.91
CA LEU E 148 -30.33 40.67 87.56
C LEU E 148 -31.60 39.82 87.55
N VAL E 149 -32.53 40.19 86.69
CA VAL E 149 -33.76 39.43 86.49
C VAL E 149 -33.70 38.90 85.06
N LYS E 150 -33.43 37.60 84.92
CA LYS E 150 -33.18 36.98 83.63
C LYS E 150 -34.21 35.90 83.33
N ASP E 151 -34.61 35.83 82.06
CA ASP E 151 -35.44 34.75 81.53
C ASP E 151 -36.77 34.66 82.28
N TYR E 152 -37.55 35.72 82.16
CA TYR E 152 -38.91 35.73 82.64
C TYR E 152 -39.84 36.04 81.47
N PHE E 153 -41.12 35.74 81.67
CA PHE E 153 -42.13 35.97 80.66
C PHE E 153 -43.51 35.80 81.29
N PRO E 154 -44.47 36.68 80.98
CA PRO E 154 -44.29 37.88 80.19
C PRO E 154 -44.19 39.13 81.06
N GLU E 155 -44.05 40.29 80.42
CA GLU E 155 -44.16 41.54 81.15
C GLU E 155 -45.55 41.65 81.78
N PRO E 156 -45.68 42.42 82.87
CA PRO E 156 -44.64 43.22 83.52
C PRO E 156 -44.02 42.55 84.75
N VAL E 157 -42.92 43.13 85.23
CA VAL E 157 -42.28 42.71 86.46
C VAL E 157 -41.95 43.95 87.28
N THR E 158 -41.95 43.80 88.62
CA THR E 158 -41.72 44.92 89.53
C THR E 158 -40.50 44.68 90.40
N VAL E 159 -39.68 45.72 90.57
CA VAL E 159 -38.48 45.69 91.39
C VAL E 159 -38.49 46.87 92.35
N SER E 160 -38.29 46.59 93.63
CA SER E 160 -38.12 47.61 94.66
C SER E 160 -36.90 47.25 95.50
N TRP E 161 -36.45 48.22 96.30
CA TRP E 161 -35.23 48.03 97.08
C TRP E 161 -35.52 48.27 98.55
N ASN E 162 -35.00 47.38 99.41
CA ASN E 162 -35.28 47.40 100.84
C ASN E 162 -36.78 47.57 101.10
N SER E 163 -37.57 46.81 100.35
CA SER E 163 -39.02 46.84 100.41
C SER E 163 -39.58 48.25 100.14
N GLY E 164 -38.84 49.04 99.37
CA GLY E 164 -39.29 50.35 98.98
C GLY E 164 -38.77 51.49 99.81
N ALA E 165 -37.99 51.22 100.86
CA ALA E 165 -37.47 52.31 101.68
C ALA E 165 -36.35 53.08 101.00
N LEU E 166 -35.91 52.68 99.81
CA LEU E 166 -34.80 53.30 99.11
C LEU E 166 -35.27 53.78 97.75
N THR E 167 -35.31 55.10 97.56
CA THR E 167 -35.75 55.68 96.30
C THR E 167 -34.72 56.60 95.64
N SER E 168 -33.67 57.00 96.35
CA SER E 168 -32.67 57.90 95.80
C SER E 168 -31.63 57.14 94.98
N GLY E 169 -31.62 57.37 93.68
CA GLY E 169 -30.65 56.74 92.80
C GLY E 169 -31.06 55.40 92.24
N VAL E 170 -32.36 55.09 92.21
CA VAL E 170 -32.81 53.84 91.60
C VAL E 170 -32.75 53.97 90.08
N HIS E 171 -32.15 52.98 89.43
CA HIS E 171 -32.08 52.92 87.97
C HIS E 171 -32.61 51.55 87.55
N THR E 172 -33.85 51.53 87.08
CA THR E 172 -34.52 50.30 86.62
C THR E 172 -34.54 50.35 85.09
N PHE E 173 -33.58 49.65 84.47
CA PHE E 173 -33.37 49.73 83.04
C PHE E 173 -34.44 48.97 82.27
N PRO E 174 -34.74 49.37 81.03
CA PRO E 174 -35.76 48.67 80.26
C PRO E 174 -35.41 47.21 80.06
N ALA E 175 -36.44 46.42 79.83
CA ALA E 175 -36.29 45.00 79.60
C ALA E 175 -35.84 44.74 78.17
N VAL E 176 -35.00 43.72 78.00
CA VAL E 176 -34.59 43.24 76.69
C VAL E 176 -35.41 42.02 76.35
N LEU E 177 -35.85 41.93 75.09
CA LEU E 177 -36.64 40.80 74.61
C LEU E 177 -35.70 39.94 73.77
N GLN E 178 -35.07 38.96 74.43
CA GLN E 178 -34.07 38.16 73.74
C GLN E 178 -34.70 37.42 72.56
N SER E 179 -33.85 37.01 71.63
CA SER E 179 -34.33 36.31 70.45
C SER E 179 -34.99 34.98 70.80
N SER E 180 -34.78 34.48 72.01
CA SER E 180 -35.43 33.26 72.45
C SER E 180 -36.93 33.44 72.67
N GLY E 181 -37.40 34.67 72.84
CA GLY E 181 -38.77 34.92 73.18
C GLY E 181 -39.05 35.14 74.65
N LEU E 182 -38.02 35.46 75.44
CA LEU E 182 -38.17 35.72 76.86
C LEU E 182 -37.72 37.14 77.18
N TYR E 183 -38.31 37.70 78.24
CA TYR E 183 -37.91 39.02 78.70
C TYR E 183 -36.84 38.89 79.78
N SER E 184 -36.08 39.98 79.95
CA SER E 184 -35.00 40.04 80.92
C SER E 184 -34.66 41.51 81.14
N LEU E 185 -34.39 41.87 82.40
CA LEU E 185 -34.01 43.24 82.71
C LEU E 185 -33.16 43.26 83.98
N SER E 186 -32.57 44.43 84.23
CA SER E 186 -31.71 44.63 85.39
C SER E 186 -32.05 45.97 86.04
N SER E 187 -31.81 46.03 87.34
CA SER E 187 -32.08 47.23 88.13
C SER E 187 -30.89 47.44 89.06
N VAL E 188 -30.28 48.62 88.96
CA VAL E 188 -29.11 48.98 89.75
C VAL E 188 -29.37 50.29 90.47
N VAL E 189 -28.84 50.40 91.69
CA VAL E 189 -29.02 51.59 92.52
C VAL E 189 -27.65 52.08 92.98
N THR E 190 -27.53 53.39 93.10
CA THR E 190 -26.27 54.02 93.49
C THR E 190 -26.28 54.30 95.00
N VAL E 191 -25.29 53.75 95.71
CA VAL E 191 -25.21 53.93 97.16
C VAL E 191 -23.84 54.45 97.54
N PRO E 192 -23.71 55.15 98.68
CA PRO E 192 -22.41 55.67 99.11
C PRO E 192 -21.41 54.55 99.38
N SER E 193 -20.15 54.80 99.00
CA SER E 193 -19.11 53.79 99.17
C SER E 193 -18.83 53.53 100.64
N SER E 194 -18.82 54.58 101.46
CA SER E 194 -18.61 54.39 102.88
C SER E 194 -19.76 53.64 103.54
N SER E 195 -20.92 53.61 102.89
CA SER E 195 -22.10 52.92 103.42
C SER E 195 -22.13 51.45 103.06
N LEU E 196 -21.08 50.94 102.41
CA LEU E 196 -21.10 49.54 102.00
C LEU E 196 -20.82 48.61 103.16
N GLY E 197 -19.91 49.00 104.06
CA GLY E 197 -19.55 48.13 105.16
C GLY E 197 -20.59 47.99 106.24
N THR E 198 -21.61 48.85 106.26
CA THR E 198 -22.57 48.88 107.35
C THR E 198 -23.97 48.49 106.90
N GLN E 199 -24.45 49.05 105.81
CA GLN E 199 -25.82 48.84 105.38
C GLN E 199 -25.89 47.70 104.37
N THR E 200 -26.82 46.78 104.58
CA THR E 200 -27.09 45.72 103.61
C THR E 200 -28.22 46.16 102.70
N TYR E 201 -28.14 45.74 101.45
CA TYR E 201 -29.09 46.15 100.43
C TYR E 201 -29.73 44.91 99.83
N ILE E 202 -31.06 44.84 99.89
CA ILE E 202 -31.82 43.71 99.41
C ILE E 202 -32.72 44.16 98.28
N CYS E 203 -32.70 43.42 97.18
N CYS E 203 -32.73 43.40 97.19
CA CYS E 203 -33.58 43.69 96.05
CA CYS E 203 -33.57 43.66 96.04
C CYS E 203 -34.80 42.77 96.12
C CYS E 203 -34.78 42.74 96.05
N ASN E 204 -35.95 43.31 95.75
CA ASN E 204 -37.22 42.59 95.81
C ASN E 204 -37.84 42.57 94.42
N VAL E 205 -38.06 41.37 93.88
CA VAL E 205 -38.68 41.19 92.58
C VAL E 205 -40.03 40.53 92.78
N ASN E 206 -41.03 40.98 92.02
CA ASN E 206 -42.35 40.40 92.07
C ASN E 206 -42.90 40.30 90.65
N HIS E 207 -43.19 39.08 90.23
CA HIS E 207 -43.71 38.80 88.90
C HIS E 207 -45.16 38.34 89.06
N LYS E 208 -46.10 39.25 88.74
CA LYS E 208 -47.50 38.99 89.05
C LYS E 208 -48.09 37.84 88.25
N PRO E 209 -47.93 37.77 86.91
CA PRO E 209 -48.57 36.68 86.16
C PRO E 209 -48.11 35.29 86.56
N SER E 210 -46.86 35.13 86.99
CA SER E 210 -46.34 33.83 87.37
C SER E 210 -46.49 33.52 88.86
N ASN E 211 -47.11 34.41 89.63
CA ASN E 211 -47.26 34.24 91.09
C ASN E 211 -45.91 33.91 91.73
N THR E 212 -44.86 34.58 91.25
CA THR E 212 -43.49 34.36 91.71
C THR E 212 -43.00 35.62 92.41
N LYS E 213 -42.37 35.45 93.57
CA LYS E 213 -41.83 36.55 94.33
C LYS E 213 -40.44 36.15 94.84
N VAL E 214 -39.49 37.09 94.78
CA VAL E 214 -38.11 36.81 95.13
C VAL E 214 -37.49 37.99 95.86
N ASP E 215 -36.85 37.72 96.99
CA ASP E 215 -36.09 38.71 97.76
C ASP E 215 -34.65 38.23 97.85
N LYS E 216 -33.74 38.94 97.17
CA LYS E 216 -32.33 38.57 97.09
C LYS E 216 -31.47 39.69 97.67
N LYS E 217 -30.63 39.36 98.64
CA LYS E 217 -29.71 40.33 99.26
C LYS E 217 -28.40 40.37 98.49
N VAL E 218 -27.85 41.57 98.35
CA VAL E 218 -26.62 41.81 97.59
C VAL E 218 -25.46 41.96 98.55
N GLU E 219 -24.42 41.17 98.35
CA GLU E 219 -23.30 41.10 99.28
C GLU E 219 -22.02 41.57 98.62
N PRO E 220 -21.03 42.01 99.42
CA PRO E 220 -19.74 42.45 98.85
C PRO E 220 -18.94 41.31 98.23
N LYS E 221 -17.72 41.62 97.81
CA LYS E 221 -16.86 40.71 97.02
C LYS E 221 -17.51 40.41 95.68
N GLN F 1 -28.32 37.00 57.23
CA GLN F 1 -27.72 38.11 56.48
C GLN F 1 -26.40 38.50 57.12
N SER F 2 -25.62 39.31 56.41
CA SER F 2 -24.39 39.87 56.96
C SER F 2 -24.73 41.17 57.70
N VAL F 3 -23.72 41.95 58.06
CA VAL F 3 -23.92 43.22 58.74
C VAL F 3 -23.15 44.30 57.98
N LEU F 4 -23.81 45.43 57.76
CA LEU F 4 -23.19 46.62 57.20
C LEU F 4 -22.99 47.64 58.31
N THR F 5 -21.77 48.13 58.44
CA THR F 5 -21.44 49.04 59.53
C THR F 5 -22.03 50.43 59.25
N GLN F 6 -22.68 51.00 60.24
CA GLN F 6 -23.14 52.38 60.21
C GLN F 6 -22.81 53.02 61.54
N PRO F 7 -22.69 54.34 61.57
CA PRO F 7 -22.59 55.03 62.84
C PRO F 7 -23.92 55.03 63.55
N PRO F 8 -23.93 55.14 64.86
CA PRO F 8 -25.20 55.04 65.59
C PRO F 8 -26.15 56.20 65.28
N SER F 9 -25.65 57.42 65.38
CA SER F 9 -26.52 58.57 65.20
C SER F 9 -25.76 59.69 64.52
N ALA F 10 -26.51 60.52 63.81
CA ALA F 10 -26.00 61.72 63.17
C ALA F 10 -26.86 62.88 63.62
N SER F 11 -26.22 64.00 63.93
CA SER F 11 -26.86 65.15 64.54
C SER F 11 -26.65 66.40 63.70
N GLY F 12 -27.46 67.42 63.98
CA GLY F 12 -27.34 68.68 63.27
C GLY F 12 -28.43 69.63 63.70
N THR F 13 -28.24 70.90 63.32
CA THR F 13 -29.19 71.99 63.51
C THR F 13 -30.09 72.13 62.30
N PRO F 14 -31.28 72.71 62.46
CA PRO F 14 -32.17 72.89 61.30
C PRO F 14 -31.51 73.67 60.18
N GLY F 15 -31.44 73.06 59.00
CA GLY F 15 -30.85 73.69 57.84
C GLY F 15 -29.45 73.23 57.48
N GLN F 16 -28.85 72.35 58.27
CA GLN F 16 -27.50 71.90 57.98
C GLN F 16 -27.52 70.78 56.94
N ARG F 17 -26.33 70.38 56.54
CA ARG F 17 -26.15 69.20 55.70
C ARG F 17 -25.60 68.09 56.58
N VAL F 18 -26.30 66.95 56.59
CA VAL F 18 -25.95 65.82 57.44
C VAL F 18 -25.53 64.64 56.55
N THR F 19 -24.47 63.96 56.96
CA THR F 19 -23.92 62.85 56.21
C THR F 19 -23.93 61.58 57.06
N ILE F 20 -24.21 60.45 56.42
CA ILE F 20 -24.28 59.14 57.07
C ILE F 20 -23.40 58.18 56.30
N SER F 21 -22.44 57.57 57.01
CA SER F 21 -21.54 56.62 56.35
C SER F 21 -22.14 55.22 56.36
N CYS F 22 -21.58 54.37 55.50
CA CYS F 22 -22.01 52.97 55.39
C CYS F 22 -20.79 52.18 54.92
N SER F 23 -20.18 51.44 55.85
CA SER F 23 -18.95 50.70 55.59
C SER F 23 -19.26 49.22 55.40
N GLY F 24 -18.84 48.66 54.27
CA GLY F 24 -19.06 47.26 53.96
C GLY F 24 -17.76 46.54 53.66
N SER F 25 -17.83 45.49 52.85
CA SER F 25 -16.66 44.69 52.51
C SER F 25 -16.61 44.47 51.01
N ARG F 26 -15.63 43.67 50.57
CA ARG F 26 -15.47 43.37 49.16
C ARG F 26 -16.58 42.47 48.64
N SER F 27 -17.22 41.70 49.51
CA SER F 27 -18.23 40.75 49.07
C SER F 27 -19.55 41.43 48.70
N ASN F 28 -19.92 42.51 49.36
CA ASN F 28 -21.20 43.15 49.07
C ASN F 28 -21.06 44.27 48.05
N LEU F 29 -20.30 45.32 48.39
CA LEU F 29 -20.19 46.46 47.50
C LEU F 29 -19.15 46.22 46.43
N GLY F 30 -18.23 45.28 46.65
CA GLY F 30 -17.24 44.99 45.64
C GLY F 30 -17.84 44.47 44.36
N ARG F 31 -19.10 44.02 44.40
CA ARG F 31 -19.74 43.49 43.20
C ARG F 31 -21.20 43.88 43.05
N ASN F 32 -21.74 44.75 43.91
CA ASN F 32 -23.15 45.10 43.80
C ASN F 32 -23.37 46.56 44.13
N THR F 33 -24.53 47.06 43.68
CA THR F 33 -24.97 48.41 43.99
C THR F 33 -25.36 48.48 45.46
N VAL F 34 -25.70 49.68 45.92
CA VAL F 34 -26.10 49.91 47.31
C VAL F 34 -27.33 50.81 47.33
N ASN F 35 -28.29 50.47 48.19
CA ASN F 35 -29.54 51.23 48.30
C ASN F 35 -29.69 51.84 49.69
N TRP F 36 -30.55 52.86 49.78
CA TRP F 36 -30.85 53.58 51.01
C TRP F 36 -32.34 53.60 51.26
N TYR F 37 -32.74 53.33 52.50
CA TYR F 37 -34.13 53.32 52.90
C TYR F 37 -34.35 54.22 54.12
N GLN F 38 -35.51 54.87 54.15
CA GLN F 38 -35.95 55.69 55.28
C GLN F 38 -37.03 54.94 56.06
N GLN F 39 -36.70 54.53 57.28
CA GLN F 39 -37.57 53.68 58.07
C GLN F 39 -38.33 54.51 59.10
N LEU F 40 -39.63 54.40 59.08
CA LEU F 40 -40.45 54.99 60.12
C LEU F 40 -41.01 53.91 61.03
N PRO F 41 -41.26 54.22 62.30
CA PRO F 41 -41.74 53.19 63.23
C PRO F 41 -43.16 52.75 62.87
N GLY F 42 -43.34 51.44 62.75
CA GLY F 42 -44.64 50.83 62.56
C GLY F 42 -45.13 50.70 61.13
N VAL F 43 -44.30 51.04 60.13
CA VAL F 43 -44.70 50.96 58.73
C VAL F 43 -43.58 50.29 57.94
N ALA F 44 -43.89 49.98 56.67
CA ALA F 44 -42.88 49.41 55.80
C ALA F 44 -41.83 50.46 55.46
N PRO F 45 -40.59 50.04 55.21
CA PRO F 45 -39.54 50.99 54.84
C PRO F 45 -39.85 51.71 53.54
N LYS F 46 -39.32 52.93 53.41
CA LYS F 46 -39.55 53.81 52.28
C LYS F 46 -38.27 53.93 51.47
N LEU F 47 -38.38 53.81 50.15
CA LEU F 47 -37.19 53.83 49.28
C LEU F 47 -36.70 55.25 49.08
N LEU F 48 -35.39 55.46 49.22
CA LEU F 48 -34.76 56.75 49.01
C LEU F 48 -33.79 56.77 47.85
N ILE F 49 -32.85 55.82 47.83
CA ILE F 49 -31.78 55.80 46.84
C ILE F 49 -31.61 54.36 46.35
N TYR F 50 -31.61 54.18 45.03
CA TYR F 50 -31.30 52.89 44.41
C TYR F 50 -30.29 53.10 43.31
N SER F 51 -29.50 52.06 43.03
CA SER F 51 -28.36 52.14 42.13
C SER F 51 -27.36 53.20 42.61
N ASN F 52 -27.44 53.53 43.90
CA ASN F 52 -26.53 54.29 44.74
C ASN F 52 -26.50 55.82 44.50
N ASN F 53 -27.15 56.33 43.45
CA ASN F 53 -27.31 57.78 43.34
C ASN F 53 -28.64 58.21 42.73
N ARG F 54 -29.57 57.30 42.48
CA ARG F 54 -30.82 57.63 41.81
C ARG F 54 -31.95 57.72 42.83
N ARG F 55 -32.81 58.72 42.65
CA ARG F 55 -33.99 58.89 43.49
C ARG F 55 -35.22 58.46 42.72
N PRO F 56 -36.08 57.63 43.31
CA PRO F 56 -37.37 57.35 42.66
C PRO F 56 -38.24 58.58 42.62
N SER F 57 -39.10 58.63 41.60
CA SER F 57 -39.95 59.79 41.38
C SER F 57 -40.77 60.10 42.62
N GLY F 58 -40.61 61.31 43.16
CA GLY F 58 -41.28 61.72 44.38
C GLY F 58 -40.38 62.00 45.56
N VAL F 59 -39.11 61.59 45.50
CA VAL F 59 -38.17 61.89 46.57
C VAL F 59 -37.61 63.29 46.36
N PRO F 60 -37.62 64.15 47.38
CA PRO F 60 -37.08 65.50 47.21
C PRO F 60 -35.62 65.47 46.79
N ASP F 61 -35.22 66.51 46.05
CA ASP F 61 -33.86 66.61 45.51
C ASP F 61 -32.79 66.74 46.58
N ARG F 62 -33.17 66.97 47.84
CA ARG F 62 -32.24 67.13 48.94
C ARG F 62 -31.58 65.83 49.39
N PHE F 63 -31.96 64.68 48.81
CA PHE F 63 -31.36 63.39 49.16
C PHE F 63 -30.38 62.98 48.06
N SER F 64 -29.15 62.66 48.46
CA SER F 64 -28.14 62.24 47.49
C SER F 64 -27.23 61.18 48.10
N GLY F 65 -26.74 60.29 47.24
CA GLY F 65 -25.85 59.23 47.69
C GLY F 65 -24.62 59.04 46.82
N SER F 66 -23.48 58.75 47.46
CA SER F 66 -22.24 58.50 46.77
C SER F 66 -21.63 57.20 47.29
N LYS F 67 -20.63 56.69 46.57
CA LYS F 67 -20.00 55.44 46.95
C LYS F 67 -18.54 55.42 46.55
N SER F 68 -17.78 54.62 47.29
CA SER F 68 -16.38 54.30 47.01
C SER F 68 -16.24 52.79 46.93
N ASP F 69 -15.00 52.30 46.97
CA ASP F 69 -14.74 50.88 46.76
C ASP F 69 -15.50 50.00 47.75
N THR F 70 -15.21 50.14 49.04
CA THR F 70 -15.87 49.34 50.05
C THR F 70 -16.76 50.18 50.96
N SER F 71 -17.05 51.42 50.59
CA SER F 71 -17.79 52.35 51.44
C SER F 71 -18.81 53.11 50.61
N ALA F 72 -19.84 53.60 51.30
CA ALA F 72 -20.87 54.42 50.68
C ALA F 72 -21.35 55.45 51.70
N SER F 73 -21.99 56.50 51.19
CA SER F 73 -22.42 57.59 52.04
C SER F 73 -23.72 58.19 51.50
N LEU F 74 -24.54 58.67 52.43
CA LEU F 74 -25.81 59.33 52.12
C LEU F 74 -25.76 60.76 52.65
N ALA F 75 -26.20 61.72 51.84
CA ALA F 75 -26.21 63.12 52.23
C ALA F 75 -27.63 63.67 52.16
N ILE F 76 -27.98 64.49 53.15
CA ILE F 76 -29.25 65.20 53.17
C ILE F 76 -28.98 66.67 53.46
N SER F 77 -29.25 67.53 52.48
CA SER F 77 -29.10 68.96 52.65
C SER F 77 -30.38 69.58 53.18
N GLY F 78 -30.22 70.67 53.92
CA GLY F 78 -31.35 71.36 54.54
C GLY F 78 -32.09 70.48 55.52
N LEU F 79 -31.42 70.08 56.59
CA LEU F 79 -32.05 69.22 57.59
C LEU F 79 -33.24 69.92 58.20
N GLN F 80 -34.39 69.26 58.16
CA GLN F 80 -35.59 69.80 58.79
C GLN F 80 -36.14 68.76 59.74
N SER F 81 -37.09 69.19 60.59
CA SER F 81 -37.65 68.31 61.60
C SER F 81 -38.41 67.13 61.00
N GLU F 82 -38.81 67.22 59.74
CA GLU F 82 -39.56 66.15 59.09
C GLU F 82 -38.68 64.96 58.70
N ASP F 83 -37.38 64.99 58.98
CA ASP F 83 -36.47 63.92 58.63
C ASP F 83 -36.05 63.09 59.84
N GLU F 84 -36.65 63.33 61.00
CA GLU F 84 -36.30 62.59 62.20
C GLU F 84 -36.77 61.15 62.06
N ALA F 85 -35.85 60.25 61.73
CA ALA F 85 -36.16 58.84 61.54
C ALA F 85 -34.84 58.07 61.48
N ASP F 86 -34.94 56.79 61.16
CA ASP F 86 -33.78 55.93 60.94
C ASP F 86 -33.56 55.74 59.43
N TYR F 87 -32.30 55.59 59.06
CA TYR F 87 -31.90 55.48 57.66
C TYR F 87 -30.98 54.27 57.50
N PHE F 88 -31.36 53.36 56.61
CA PHE F 88 -30.66 52.11 56.42
C PHE F 88 -30.08 52.00 55.03
N CYS F 89 -28.81 51.60 54.95
CA CYS F 89 -28.19 51.21 53.70
C CYS F 89 -28.23 49.70 53.56
N ALA F 90 -28.56 49.23 52.36
CA ALA F 90 -28.70 47.81 52.10
C ALA F 90 -28.19 47.50 50.70
N ALA F 91 -27.66 46.29 50.54
CA ALA F 91 -27.05 45.88 49.29
C ALA F 91 -27.05 44.36 49.18
N TRP F 92 -26.97 43.87 47.95
CA TRP F 92 -26.85 42.45 47.69
C TRP F 92 -25.42 41.98 47.90
N ASP F 93 -25.28 40.74 48.38
CA ASP F 93 -23.99 40.14 48.62
C ASP F 93 -23.91 38.84 47.84
N ASP F 94 -22.71 38.52 47.34
CA ASP F 94 -22.49 37.35 46.51
C ASP F 94 -21.99 36.17 47.33
N SER F 95 -22.51 36.03 48.54
CA SER F 95 -22.19 34.91 49.40
C SER F 95 -22.94 33.68 48.92
N LEU F 96 -23.04 32.68 49.79
CA LEU F 96 -23.42 31.32 49.48
C LEU F 96 -24.44 31.20 48.35
N ASN F 97 -25.56 31.89 48.47
CA ASN F 97 -26.52 31.94 47.36
C ASN F 97 -27.10 33.32 47.14
N GLY F 98 -26.52 34.36 47.75
CA GLY F 98 -27.06 35.70 47.64
C GLY F 98 -27.87 36.11 48.85
N LEU F 99 -27.40 37.12 49.57
CA LEU F 99 -28.09 37.63 50.75
C LEU F 99 -28.30 39.13 50.60
N TYR F 100 -29.49 39.60 50.97
CA TYR F 100 -29.76 41.03 51.08
C TYR F 100 -29.34 41.48 52.47
N VAL F 101 -28.29 42.31 52.54
CA VAL F 101 -27.66 42.70 53.80
C VAL F 101 -28.12 44.09 54.21
N PHE F 102 -28.64 44.20 55.43
CA PHE F 102 -29.03 45.49 55.97
C PHE F 102 -27.97 46.00 56.94
N GLY F 103 -27.83 47.32 56.96
CA GLY F 103 -26.88 47.93 57.87
C GLY F 103 -27.44 48.11 59.27
N THR F 104 -26.56 48.53 60.18
CA THR F 104 -26.94 48.75 61.57
C THR F 104 -27.87 49.95 61.74
N GLY F 105 -28.09 50.74 60.70
CA GLY F 105 -28.99 51.87 60.76
C GLY F 105 -28.44 53.04 61.53
N THR F 106 -28.85 54.25 61.16
CA THR F 106 -28.37 55.43 61.85
C THR F 106 -29.54 56.37 62.11
N LYS F 107 -29.67 56.85 63.34
CA LYS F 107 -30.75 57.74 63.72
C LYS F 107 -30.36 59.19 63.46
N VAL F 108 -31.24 59.91 62.78
CA VAL F 108 -31.04 61.32 62.50
C VAL F 108 -31.95 62.11 63.44
N THR F 109 -31.34 62.98 64.24
CA THR F 109 -32.06 63.74 65.27
C THR F 109 -31.77 65.22 65.10
N VAL F 110 -32.83 66.03 65.01
CA VAL F 110 -32.69 67.48 65.04
C VAL F 110 -32.45 67.88 66.49
N LEU F 111 -31.26 68.39 66.78
CA LEU F 111 -30.84 68.61 68.15
C LEU F 111 -31.72 69.63 68.86
N GLY F 112 -32.24 69.23 70.03
CA GLY F 112 -32.99 70.16 70.86
C GLY F 112 -32.19 70.55 72.09
N GLN F 113 -31.06 69.89 72.31
CA GLN F 113 -30.17 70.19 73.41
C GLN F 113 -28.78 69.69 73.03
N PRO F 114 -27.73 70.22 73.66
CA PRO F 114 -26.36 69.81 73.29
C PRO F 114 -26.12 68.33 73.55
N LYS F 115 -25.10 67.78 72.90
CA LYS F 115 -24.79 66.36 73.02
C LYS F 115 -24.39 65.99 74.44
N ALA F 116 -24.28 64.68 74.69
CA ALA F 116 -23.93 64.17 76.00
C ALA F 116 -23.05 62.94 75.87
N ALA F 117 -22.02 62.89 76.70
CA ALA F 117 -21.11 61.75 76.70
C ALA F 117 -21.72 60.63 77.53
N PRO F 118 -21.92 59.44 76.97
CA PRO F 118 -22.54 58.35 77.73
C PRO F 118 -21.58 57.75 78.75
N SER F 119 -22.10 57.46 79.93
CA SER F 119 -21.34 56.84 81.02
C SER F 119 -21.64 55.34 81.06
N VAL F 120 -20.59 54.55 81.21
CA VAL F 120 -20.71 53.11 81.09
C VAL F 120 -20.23 52.42 82.35
N THR F 121 -20.99 51.43 82.78
CA THR F 121 -20.63 50.59 83.93
C THR F 121 -20.89 49.15 83.57
N LEU F 122 -19.91 48.29 83.83
CA LEU F 122 -19.93 46.90 83.41
C LEU F 122 -19.84 45.96 84.61
N PHE F 123 -20.66 44.90 84.59
CA PHE F 123 -20.72 43.90 85.66
C PHE F 123 -20.36 42.53 85.10
N PRO F 124 -19.52 41.78 85.80
CA PRO F 124 -19.24 40.39 85.39
C PRO F 124 -20.28 39.45 85.95
N PRO F 125 -20.37 38.23 85.46
CA PRO F 125 -21.37 37.30 85.99
C PRO F 125 -21.06 36.94 87.44
N SER F 126 -22.11 36.88 88.27
CA SER F 126 -21.89 36.66 89.69
C SER F 126 -21.49 35.22 89.99
N SER F 127 -20.98 35.00 91.19
CA SER F 127 -20.52 33.67 91.57
C SER F 127 -21.68 32.68 91.59
N GLU F 128 -22.81 33.08 92.18
CA GLU F 128 -23.94 32.16 92.26
C GLU F 128 -24.57 31.90 90.90
N GLU F 129 -24.29 32.76 89.92
CA GLU F 129 -24.74 32.44 88.57
C GLU F 129 -23.84 31.38 87.94
N LEU F 130 -22.54 31.42 88.22
CA LEU F 130 -21.64 30.38 87.73
C LEU F 130 -21.94 29.02 88.34
N GLN F 131 -22.48 28.98 89.56
CA GLN F 131 -22.85 27.70 90.18
C GLN F 131 -24.05 27.05 89.51
N ALA F 132 -24.87 27.82 88.80
CA ALA F 132 -25.96 27.27 88.00
C ALA F 132 -25.55 27.04 86.55
N ASN F 133 -24.24 26.96 86.27
CA ASN F 133 -23.72 26.70 84.94
C ASN F 133 -24.19 27.75 83.93
N LYS F 134 -24.13 29.02 84.33
CA LYS F 134 -24.47 30.14 83.46
C LYS F 134 -23.57 31.33 83.78
N ALA F 135 -23.47 32.23 82.82
CA ALA F 135 -22.69 33.45 83.00
C ALA F 135 -23.26 34.53 82.10
N THR F 136 -23.41 35.74 82.64
CA THR F 136 -24.00 36.85 81.89
C THR F 136 -23.28 38.14 82.27
N LEU F 137 -22.86 38.90 81.25
CA LEU F 137 -22.23 40.19 81.45
C LEU F 137 -23.24 41.29 81.18
N VAL F 138 -23.28 42.28 82.07
CA VAL F 138 -24.29 43.34 82.06
C VAL F 138 -23.59 44.66 81.83
N CYS F 139 -23.82 45.27 80.66
CA CYS F 139 -23.27 46.58 80.34
C CYS F 139 -24.38 47.62 80.37
N LEU F 140 -24.19 48.65 81.18
CA LEU F 140 -25.20 49.67 81.41
C LEU F 140 -24.73 51.00 80.85
N ILE F 141 -25.59 51.63 80.06
CA ILE F 141 -25.30 52.89 79.41
C ILE F 141 -26.35 53.90 79.84
N SER F 142 -25.91 55.10 80.16
CA SER F 142 -26.83 56.07 80.74
C SER F 142 -26.37 57.49 80.41
N ASP F 143 -27.33 58.41 80.39
CA ASP F 143 -27.09 59.85 80.31
C ASP F 143 -26.34 60.24 79.04
N PHE F 144 -26.94 59.94 77.89
CA PHE F 144 -26.39 60.35 76.61
C PHE F 144 -27.48 60.97 75.74
N TYR F 145 -27.05 61.61 74.64
CA TYR F 145 -27.95 62.27 73.72
C TYR F 145 -27.20 62.51 72.42
N PRO F 146 -27.80 62.25 71.25
CA PRO F 146 -29.14 61.70 71.02
C PRO F 146 -29.28 60.21 71.32
N GLY F 147 -30.49 59.70 71.14
CA GLY F 147 -30.81 58.35 71.59
C GLY F 147 -30.39 57.25 70.66
N ALA F 148 -29.09 57.01 70.57
CA ALA F 148 -28.58 55.91 69.75
C ALA F 148 -27.15 55.61 70.14
N VAL F 149 -26.85 54.33 70.36
CA VAL F 149 -25.49 53.87 70.65
C VAL F 149 -25.24 52.57 69.89
N THR F 150 -23.97 52.35 69.53
CA THR F 150 -23.53 51.14 68.86
C THR F 150 -22.68 50.36 69.85
N VAL F 151 -23.15 49.18 70.23
CA VAL F 151 -22.54 48.38 71.29
C VAL F 151 -21.91 47.15 70.68
N ALA F 152 -20.62 46.96 70.92
CA ALA F 152 -19.92 45.77 70.48
C ALA F 152 -19.07 45.24 71.62
N TRP F 153 -18.98 43.92 71.71
CA TRP F 153 -18.21 43.26 72.75
C TRP F 153 -16.96 42.65 72.15
N LYS F 154 -15.89 42.59 72.96
CA LYS F 154 -14.62 42.07 72.50
C LYS F 154 -14.14 40.92 73.39
N ALA F 155 -13.53 39.91 72.78
CA ALA F 155 -12.89 38.82 73.51
C ALA F 155 -11.39 38.95 73.35
N ASP F 156 -10.81 39.83 74.16
CA ASP F 156 -9.38 40.03 74.37
C ASP F 156 -8.65 40.66 73.19
N SER F 157 -9.18 40.52 71.97
CA SER F 157 -8.69 41.36 70.88
C SER F 157 -9.74 41.50 69.80
N SER F 158 -10.89 40.84 69.97
CA SER F 158 -11.69 40.51 68.79
C SER F 158 -13.18 40.56 69.06
N PRO F 159 -13.96 41.06 68.11
CA PRO F 159 -15.40 41.16 68.31
C PRO F 159 -16.04 39.78 68.35
N VAL F 160 -17.10 39.69 69.13
CA VAL F 160 -17.83 38.45 69.28
C VAL F 160 -19.08 38.53 68.41
N LYS F 161 -19.58 37.36 68.01
CA LYS F 161 -20.66 37.34 67.02
C LYS F 161 -22.04 37.29 67.66
N ALA F 162 -22.32 36.27 68.45
CA ALA F 162 -23.62 36.12 69.05
C ALA F 162 -23.48 36.07 70.57
N GLY F 163 -24.60 35.90 71.25
CA GLY F 163 -24.62 35.99 72.68
C GLY F 163 -24.88 37.37 73.22
N VAL F 164 -25.15 38.35 72.36
CA VAL F 164 -25.38 39.73 72.76
C VAL F 164 -26.80 40.13 72.40
N GLU F 165 -27.52 40.67 73.38
CA GLU F 165 -28.86 41.21 73.19
C GLU F 165 -28.90 42.60 73.81
N THR F 166 -29.38 43.57 73.06
CA THR F 166 -29.32 44.97 73.49
C THR F 166 -30.68 45.63 73.40
N THR F 167 -31.00 46.45 74.41
CA THR F 167 -32.26 47.19 74.42
C THR F 167 -32.17 48.42 73.52
N THR F 168 -33.35 48.86 73.07
CA THR F 168 -33.44 50.13 72.37
C THR F 168 -33.43 51.29 73.38
N PRO F 169 -32.88 52.43 73.00
CA PRO F 169 -32.83 53.57 73.94
C PRO F 169 -34.21 53.98 74.40
N SER F 170 -34.29 54.44 75.64
CA SER F 170 -35.51 54.96 76.22
C SER F 170 -35.25 56.32 76.86
N LYS F 171 -36.25 57.20 76.80
CA LYS F 171 -36.09 58.56 77.29
C LYS F 171 -36.10 58.59 78.83
N GLN F 172 -35.15 59.31 79.41
CA GLN F 172 -35.07 59.43 80.86
C GLN F 172 -36.00 60.53 81.35
N SER F 173 -35.87 60.87 82.64
CA SER F 173 -36.65 61.96 83.22
C SER F 173 -36.18 63.30 82.69
N ASN F 174 -34.89 63.44 82.43
CA ASN F 174 -34.28 64.70 82.01
C ASN F 174 -34.06 64.77 80.50
N ASN F 175 -34.93 64.13 79.72
CA ASN F 175 -34.88 64.15 78.27
C ASN F 175 -33.56 63.63 77.71
N LYS F 176 -32.73 63.00 78.55
CA LYS F 176 -31.57 62.27 78.06
C LYS F 176 -32.02 60.85 77.70
N TYR F 177 -31.06 59.94 77.48
CA TYR F 177 -31.40 58.58 77.08
C TYR F 177 -30.50 57.57 77.78
N ALA F 178 -31.01 56.35 77.90
CA ALA F 178 -30.28 55.25 78.51
C ALA F 178 -30.71 53.92 77.90
N ALA F 179 -29.78 52.98 77.86
CA ALA F 179 -30.03 51.64 77.33
C ALA F 179 -29.04 50.67 77.94
N SER F 180 -29.31 49.38 77.74
CA SER F 180 -28.58 48.31 78.38
C SER F 180 -28.28 47.20 77.37
N SER F 181 -27.18 46.49 77.59
CA SER F 181 -26.74 45.42 76.71
C SER F 181 -26.12 44.30 77.57
N TYR F 182 -26.40 43.06 77.18
CA TYR F 182 -26.03 41.89 77.97
C TYR F 182 -25.26 40.91 77.09
N LEU F 183 -24.32 40.20 77.71
CA LEU F 183 -23.52 39.19 77.02
C LEU F 183 -23.80 37.84 77.67
N SER F 184 -24.27 36.89 76.87
CA SER F 184 -24.60 35.55 77.36
C SER F 184 -23.43 34.62 77.05
N LEU F 185 -22.85 34.04 78.11
CA LEU F 185 -21.69 33.19 78.00
C LEU F 185 -21.87 31.93 78.82
N THR F 186 -21.04 30.97 78.53
CA THR F 186 -20.95 29.77 79.35
C THR F 186 -19.76 29.87 80.28
N PRO F 187 -19.78 29.14 81.40
CA PRO F 187 -18.64 29.23 82.33
C PRO F 187 -17.29 28.90 81.70
N GLU F 188 -17.23 27.92 80.80
CA GLU F 188 -15.98 27.63 80.12
C GLU F 188 -15.53 28.80 79.26
N GLN F 189 -16.47 29.54 78.68
CA GLN F 189 -16.13 30.75 77.92
C GLN F 189 -15.54 31.83 78.81
N TRP F 190 -16.03 31.95 80.04
CA TRP F 190 -15.60 33.04 80.93
C TRP F 190 -14.20 32.80 81.46
N LYS F 191 -13.96 31.65 82.08
CA LYS F 191 -12.70 31.40 82.77
C LYS F 191 -11.55 31.06 81.83
N SER F 192 -11.81 30.78 80.55
CA SER F 192 -10.75 30.40 79.64
C SER F 192 -10.18 31.58 78.87
N HIS F 193 -10.77 32.76 78.98
CA HIS F 193 -10.25 33.96 78.35
C HIS F 193 -9.68 34.90 79.40
N ARG F 194 -8.87 35.86 78.93
CA ARG F 194 -8.18 36.77 79.84
C ARG F 194 -9.09 37.93 80.27
N SER F 195 -9.88 38.47 79.35
CA SER F 195 -10.71 39.63 79.65
C SER F 195 -11.74 39.82 78.55
N TYR F 196 -12.85 40.43 78.91
CA TYR F 196 -13.87 40.82 77.97
C TYR F 196 -14.07 42.34 78.06
N SER F 197 -14.67 42.91 77.02
CA SER F 197 -14.85 44.36 76.97
C SER F 197 -16.19 44.73 76.36
N CYS F 198 -16.80 45.77 76.93
CA CYS F 198 -17.97 46.43 76.38
C CYS F 198 -17.53 47.73 75.74
N GLN F 199 -17.81 47.90 74.45
CA GLN F 199 -17.37 49.08 73.69
C GLN F 199 -18.60 49.82 73.16
N VAL F 200 -18.84 51.01 73.70
CA VAL F 200 -19.95 51.86 73.29
C VAL F 200 -19.43 52.95 72.36
N THR F 201 -20.18 53.19 71.28
CA THR F 201 -19.80 54.19 70.30
C THR F 201 -20.90 55.22 70.21
N HIS F 202 -20.56 56.47 70.48
CA HIS F 202 -21.44 57.62 70.35
C HIS F 202 -20.95 58.51 69.22
N GLU F 203 -21.73 59.55 68.93
CA GLU F 203 -21.45 60.43 67.80
C GLU F 203 -19.99 60.86 67.77
N GLY F 204 -19.50 61.43 68.86
CA GLY F 204 -18.12 61.87 68.86
C GLY F 204 -17.36 61.35 70.06
N SER F 205 -17.66 60.14 70.48
CA SER F 205 -17.02 59.60 71.66
C SER F 205 -17.14 58.08 71.66
N THR F 206 -16.19 57.43 72.33
CA THR F 206 -16.14 55.98 72.42
C THR F 206 -15.65 55.60 73.81
N VAL F 207 -16.32 54.64 74.44
CA VAL F 207 -15.96 54.20 75.78
C VAL F 207 -15.85 52.68 75.82
N GLU F 208 -14.77 52.19 76.42
CA GLU F 208 -14.53 50.76 76.55
C GLU F 208 -14.27 50.44 78.01
N LYS F 209 -15.08 49.57 78.58
CA LYS F 209 -14.86 49.06 79.91
C LYS F 209 -14.46 47.58 79.81
N THR F 210 -13.58 47.16 80.70
CA THR F 210 -12.93 45.85 80.61
C THR F 210 -13.03 45.13 81.93
N VAL F 211 -13.43 43.85 81.89
CA VAL F 211 -13.56 43.03 83.09
C VAL F 211 -12.77 41.75 82.88
N ALA F 212 -12.37 41.14 84.00
CA ALA F 212 -11.51 39.96 83.99
C ALA F 212 -12.00 38.95 85.01
N PRO F 213 -11.78 37.65 84.76
CA PRO F 213 -12.12 36.63 85.76
C PRO F 213 -11.07 36.57 86.86
N THR F 214 -9.85 36.97 86.53
CA THR F 214 -8.75 37.01 87.48
C THR F 214 -8.82 38.26 88.37
#